data_1PFC
# 
_entry.id   1PFC 
# 
_audit_conform.dict_name       mmcif_pdbx.dic 
_audit_conform.dict_version    5.398 
_audit_conform.dict_location   http://mmcif.pdb.org/dictionaries/ascii/mmcif_pdbx.dic 
# 
loop_
_database_2.database_id 
_database_2.database_code 
_database_2.pdbx_database_accession 
_database_2.pdbx_DOI 
PDB   1PFC         pdb_00001pfc 10.2210/pdb1pfc/pdb 
WWPDB D_1000175638 ?            ?                   
# 
loop_
_pdbx_audit_revision_history.ordinal 
_pdbx_audit_revision_history.data_content_type 
_pdbx_audit_revision_history.major_revision 
_pdbx_audit_revision_history.minor_revision 
_pdbx_audit_revision_history.revision_date 
1 'Structure model' 1 0 1982-02-03 
2 'Structure model' 1 1 2008-03-24 
3 'Structure model' 1 2 2011-07-13 
4 'Structure model' 1 3 2024-06-05 
5 'Structure model' 1 4 2024-10-30 
# 
_pdbx_audit_revision_details.ordinal             1 
_pdbx_audit_revision_details.revision_ordinal    1 
_pdbx_audit_revision_details.data_content_type   'Structure model' 
_pdbx_audit_revision_details.provider            repository 
_pdbx_audit_revision_details.type                'Initial release' 
_pdbx_audit_revision_details.description         ? 
_pdbx_audit_revision_details.details             ? 
# 
loop_
_pdbx_audit_revision_group.ordinal 
_pdbx_audit_revision_group.revision_ordinal 
_pdbx_audit_revision_group.data_content_type 
_pdbx_audit_revision_group.group 
1 2 'Structure model' 'Version format compliance' 
2 3 'Structure model' 'Version format compliance' 
3 4 'Structure model' 'Data collection'           
4 4 'Structure model' 'Database references'       
5 4 'Structure model' Other                       
6 5 'Structure model' 'Structure summary'         
# 
loop_
_pdbx_audit_revision_category.ordinal 
_pdbx_audit_revision_category.revision_ordinal 
_pdbx_audit_revision_category.data_content_type 
_pdbx_audit_revision_category.category 
1 4 'Structure model' chem_comp_atom            
2 4 'Structure model' chem_comp_bond            
3 4 'Structure model' database_2                
4 4 'Structure model' pdbx_database_status      
5 5 'Structure model' pdbx_entry_details        
6 5 'Structure model' pdbx_modification_feature 
# 
loop_
_pdbx_audit_revision_item.ordinal 
_pdbx_audit_revision_item.revision_ordinal 
_pdbx_audit_revision_item.data_content_type 
_pdbx_audit_revision_item.item 
1 4 'Structure model' '_database_2.pdbx_DOI'                
2 4 'Structure model' '_database_2.pdbx_database_accession' 
3 4 'Structure model' '_pdbx_database_status.process_site'  
# 
_pdbx_database_status.status_code                     REL 
_pdbx_database_status.entry_id                        1PFC 
_pdbx_database_status.recvd_initial_deposition_date   1981-10-28 
_pdbx_database_status.deposit_site                    ? 
_pdbx_database_status.process_site                    BNL 
_pdbx_database_status.status_code_sf                  REL 
_pdbx_database_status.status_code_mr                  ? 
_pdbx_database_status.SG_entry                        ? 
_pdbx_database_status.pdb_format_compatible           Y 
_pdbx_database_status.status_code_cs                  ? 
_pdbx_database_status.status_code_nmr_data            ? 
_pdbx_database_status.methods_development_category    ? 
# 
loop_
_audit_author.name 
_audit_author.pdbx_ordinal 
'Bryant, S.H.'       1 
'Amzel, L.M.'        2 
'Poljak, R.J.'       3 
'Phizackerley, R.P.' 4 
# 
loop_
_citation.id 
_citation.title 
_citation.journal_abbrev 
_citation.journal_volume 
_citation.page_first 
_citation.page_last 
_citation.year 
_citation.journal_id_ASTM 
_citation.country 
_citation.journal_id_ISSN 
_citation.journal_id_CSD 
_citation.book_publisher 
_citation.pdbx_database_id_PubMed 
_citation.pdbx_database_id_DOI 
primary 'Molecular-Replacement Structure of Guinea Pig Igg1 Pfc(Prime) Refined at 3.1 Angstroms Resolution' 
'Acta Crystallogr.,Sect.B'         41 362 ? 1985 ASBSDK DK 0108-7681 0622 ? -1 ? 
1       'Crystallographic Refinement of Guinea Pig Iggi Pfc(Prime) Fragment at 3.125 Angstroms'             
'Thesis, Johns Hopkins University' ?  ?   ? 1981 ?      UK 0071-4402 0925 ? ?  ? 
2       'Three Dimensional Structure of the P/Fc(Prime) Fragment of Guinea Pig Igg1'                        Mol.Immunol. 16 841 ? 
1979 MOIMD5 UK 0161-5890 0921 ? ?  ? 
# 
loop_
_citation_author.citation_id 
_citation_author.name 
_citation_author.ordinal 
_citation_author.identifier_ORCID 
primary 'Bryant, S.H.'         1  ? 
primary 'Amzel, L.M.'          2  ? 
primary 'Phizackerley, R.P.'   3  ? 
primary 'Poljak, R.J.'         4  ? 
1       'Bryant, S.H.'         5  ? 
2       'Phizackerley, R.P.'   6  ? 
2       'Wishner, B.C.'        7  ? 
2       'Bryant, S.H.'         8  ? 
2       'Amzel, L.M.'          9  ? 
2       'Lopez Decastro, J.A.' 10 ? 
2       'Poljak, R.J.'         11 ? 
# 
_entity.id                         1 
_entity.type                       polymer 
_entity.src_method                 man 
_entity.pdbx_description           
;IGG1 PFC' FC
;
_entity.formula_weight             12690.335 
_entity.pdbx_number_of_molecules   1 
_entity.pdbx_ec                    ? 
_entity.pdbx_mutation              ? 
_entity.pdbx_fragment              ? 
_entity.details                    ? 
# 
_entity_poly.entity_id                      1 
_entity_poly.type                           'polypeptide(L)' 
_entity_poly.nstd_linkage                   no 
_entity_poly.nstd_monomer                   no 
_entity_poly.pdbx_seq_one_letter_code       
;ITRTISKAKGPPRIPEVYLLPPPRNELSKKKVSLTCMITGFYPADINVEWDSSEPSDYKNTPPVFDTDGSFFLYSRLKVD
TDAWNNGESFTCSVMHEALPNHVIQKSISRSPG
;
_entity_poly.pdbx_seq_one_letter_code_can   
;ITRTISKAKGPPRIPEVYLLPPPRNELSKKKVSLTCMITGFYPADINVEWDSSEPSDYKNTPPVFDTDGSFFLYSRLKVD
TDAWNNGESFTCSVMHEALPNHVIQKSISRSPG
;
_entity_poly.pdbx_strand_id                 A 
_entity_poly.pdbx_target_identifier         ? 
# 
loop_
_entity_poly_seq.entity_id 
_entity_poly_seq.num 
_entity_poly_seq.mon_id 
_entity_poly_seq.hetero 
1 1   ILE n 
1 2   THR n 
1 3   ARG n 
1 4   THR n 
1 5   ILE n 
1 6   SER n 
1 7   LYS n 
1 8   ALA n 
1 9   LYS n 
1 10  GLY n 
1 11  PRO n 
1 12  PRO n 
1 13  ARG n 
1 14  ILE n 
1 15  PRO n 
1 16  GLU n 
1 17  VAL n 
1 18  TYR n 
1 19  LEU n 
1 20  LEU n 
1 21  PRO n 
1 22  PRO n 
1 23  PRO n 
1 24  ARG n 
1 25  ASN n 
1 26  GLU n 
1 27  LEU n 
1 28  SER n 
1 29  LYS n 
1 30  LYS n 
1 31  LYS n 
1 32  VAL n 
1 33  SER n 
1 34  LEU n 
1 35  THR n 
1 36  CYS n 
1 37  MET n 
1 38  ILE n 
1 39  THR n 
1 40  GLY n 
1 41  PHE n 
1 42  TYR n 
1 43  PRO n 
1 44  ALA n 
1 45  ASP n 
1 46  ILE n 
1 47  ASN n 
1 48  VAL n 
1 49  GLU n 
1 50  TRP n 
1 51  ASP n 
1 52  SER n 
1 53  SER n 
1 54  GLU n 
1 55  PRO n 
1 56  SER n 
1 57  ASP n 
1 58  TYR n 
1 59  LYS n 
1 60  ASN n 
1 61  THR n 
1 62  PRO n 
1 63  PRO n 
1 64  VAL n 
1 65  PHE n 
1 66  ASP n 
1 67  THR n 
1 68  ASP n 
1 69  GLY n 
1 70  SER n 
1 71  PHE n 
1 72  PHE n 
1 73  LEU n 
1 74  TYR n 
1 75  SER n 
1 76  ARG n 
1 77  LEU n 
1 78  LYS n 
1 79  VAL n 
1 80  ASP n 
1 81  THR n 
1 82  ASP n 
1 83  ALA n 
1 84  TRP n 
1 85  ASN n 
1 86  ASN n 
1 87  GLY n 
1 88  GLU n 
1 89  SER n 
1 90  PHE n 
1 91  THR n 
1 92  CYS n 
1 93  SER n 
1 94  VAL n 
1 95  MET n 
1 96  HIS n 
1 97  GLU n 
1 98  ALA n 
1 99  LEU n 
1 100 PRO n 
1 101 ASN n 
1 102 HIS n 
1 103 VAL n 
1 104 ILE n 
1 105 GLN n 
1 106 LYS n 
1 107 SER n 
1 108 ILE n 
1 109 SER n 
1 110 ARG n 
1 111 SER n 
1 112 PRO n 
1 113 GLY n 
# 
_entity_src_gen.entity_id                          1 
_entity_src_gen.pdbx_src_id                        1 
_entity_src_gen.pdbx_alt_source_flag               sample 
_entity_src_gen.pdbx_seq_type                      ? 
_entity_src_gen.pdbx_beg_seq_num                   ? 
_entity_src_gen.pdbx_end_seq_num                   ? 
_entity_src_gen.gene_src_common_name               'domestic guinea pig' 
_entity_src_gen.gene_src_genus                     ? 
_entity_src_gen.pdbx_gene_src_gene                 ? 
_entity_src_gen.gene_src_species                   ? 
_entity_src_gen.gene_src_strain                    ? 
_entity_src_gen.gene_src_tissue                    ? 
_entity_src_gen.gene_src_tissue_fraction           ? 
_entity_src_gen.gene_src_details                   ? 
_entity_src_gen.pdbx_gene_src_fragment             ? 
_entity_src_gen.pdbx_gene_src_scientific_name      'Cavia porcellus' 
_entity_src_gen.pdbx_gene_src_ncbi_taxonomy_id     10141 
_entity_src_gen.pdbx_gene_src_variant              ? 
_entity_src_gen.pdbx_gene_src_cell_line            ? 
_entity_src_gen.pdbx_gene_src_atcc                 ? 
_entity_src_gen.pdbx_gene_src_organ                ? 
_entity_src_gen.pdbx_gene_src_organelle            ? 
_entity_src_gen.pdbx_gene_src_cell                 ? 
_entity_src_gen.pdbx_gene_src_cellular_location    ? 
_entity_src_gen.host_org_common_name               ? 
_entity_src_gen.pdbx_host_org_scientific_name      ? 
_entity_src_gen.pdbx_host_org_ncbi_taxonomy_id     ? 
_entity_src_gen.host_org_genus                     ? 
_entity_src_gen.pdbx_host_org_gene                 ? 
_entity_src_gen.pdbx_host_org_organ                ? 
_entity_src_gen.host_org_species                   ? 
_entity_src_gen.pdbx_host_org_tissue               ? 
_entity_src_gen.pdbx_host_org_tissue_fraction      ? 
_entity_src_gen.pdbx_host_org_strain               ? 
_entity_src_gen.pdbx_host_org_variant              ? 
_entity_src_gen.pdbx_host_org_cell_line            ? 
_entity_src_gen.pdbx_host_org_atcc                 ? 
_entity_src_gen.pdbx_host_org_culture_collection   ? 
_entity_src_gen.pdbx_host_org_cell                 ? 
_entity_src_gen.pdbx_host_org_organelle            ? 
_entity_src_gen.pdbx_host_org_cellular_location    ? 
_entity_src_gen.pdbx_host_org_vector_type          ? 
_entity_src_gen.pdbx_host_org_vector               ? 
_entity_src_gen.host_org_details                   ? 
_entity_src_gen.expression_system_id               ? 
_entity_src_gen.plasmid_name                       ? 
_entity_src_gen.plasmid_details                    ? 
_entity_src_gen.pdbx_description                   ? 
# 
loop_
_chem_comp.id 
_chem_comp.type 
_chem_comp.mon_nstd_flag 
_chem_comp.name 
_chem_comp.pdbx_synonyms 
_chem_comp.formula 
_chem_comp.formula_weight 
ALA 'L-peptide linking' y ALANINE         ? 'C3 H7 N O2'     89.093  
ARG 'L-peptide linking' y ARGININE        ? 'C6 H15 N4 O2 1' 175.209 
ASN 'L-peptide linking' y ASPARAGINE      ? 'C4 H8 N2 O3'    132.118 
ASP 'L-peptide linking' y 'ASPARTIC ACID' ? 'C4 H7 N O4'     133.103 
CYS 'L-peptide linking' y CYSTEINE        ? 'C3 H7 N O2 S'   121.158 
GLN 'L-peptide linking' y GLUTAMINE       ? 'C5 H10 N2 O3'   146.144 
GLU 'L-peptide linking' y 'GLUTAMIC ACID' ? 'C5 H9 N O4'     147.129 
GLY 'peptide linking'   y GLYCINE         ? 'C2 H5 N O2'     75.067  
HIS 'L-peptide linking' y HISTIDINE       ? 'C6 H10 N3 O2 1' 156.162 
ILE 'L-peptide linking' y ISOLEUCINE      ? 'C6 H13 N O2'    131.173 
LEU 'L-peptide linking' y LEUCINE         ? 'C6 H13 N O2'    131.173 
LYS 'L-peptide linking' y LYSINE          ? 'C6 H15 N2 O2 1' 147.195 
MET 'L-peptide linking' y METHIONINE      ? 'C5 H11 N O2 S'  149.211 
PHE 'L-peptide linking' y PHENYLALANINE   ? 'C9 H11 N O2'    165.189 
PRO 'L-peptide linking' y PROLINE         ? 'C5 H9 N O2'     115.130 
SER 'L-peptide linking' y SERINE          ? 'C3 H7 N O3'     105.093 
THR 'L-peptide linking' y THREONINE       ? 'C4 H9 N O3'     119.119 
TRP 'L-peptide linking' y TRYPTOPHAN      ? 'C11 H12 N2 O2'  204.225 
TYR 'L-peptide linking' y TYROSINE        ? 'C9 H11 N O3'    181.189 
VAL 'L-peptide linking' y VALINE          ? 'C5 H11 N O2'    117.146 
# 
loop_
_pdbx_poly_seq_scheme.asym_id 
_pdbx_poly_seq_scheme.entity_id 
_pdbx_poly_seq_scheme.seq_id 
_pdbx_poly_seq_scheme.mon_id 
_pdbx_poly_seq_scheme.ndb_seq_num 
_pdbx_poly_seq_scheme.pdb_seq_num 
_pdbx_poly_seq_scheme.auth_seq_num 
_pdbx_poly_seq_scheme.pdb_mon_id 
_pdbx_poly_seq_scheme.auth_mon_id 
_pdbx_poly_seq_scheme.pdb_strand_id 
_pdbx_poly_seq_scheme.pdb_ins_code 
_pdbx_poly_seq_scheme.hetero 
A 1 1   ILE 1   332 ?   ?   ?   A . n 
A 1 2   THR 2   333 ?   ?   ?   A . n 
A 1 3   ARG 3   334 334 ARG ARG A . n 
A 1 4   THR 4   335 335 THR THR A . n 
A 1 5   ILE 5   336 336 ILE ILE A . n 
A 1 6   SER 6   337 337 SER SER A . n 
A 1 7   LYS 7   338 338 LYS LYS A . n 
A 1 8   ALA 8   339 339 ALA ALA A . n 
A 1 9   LYS 9   340 340 LYS LYS A . n 
A 1 10  GLY 10  341 341 GLY GLY A . n 
A 1 11  PRO 11  342 342 PRO PRO A . n 
A 1 12  PRO 12  343 343 PRO PRO A . n 
A 1 13  ARG 13  344 344 ARG ARG A . n 
A 1 14  ILE 14  345 345 ILE ILE A . n 
A 1 15  PRO 15  346 346 PRO PRO A . n 
A 1 16  GLU 16  347 347 GLU GLU A . n 
A 1 17  VAL 17  348 348 VAL VAL A . n 
A 1 18  TYR 18  349 349 TYR TYR A . n 
A 1 19  LEU 19  350 350 LEU LEU A . n 
A 1 20  LEU 20  351 351 LEU LEU A . n 
A 1 21  PRO 21  352 352 PRO PRO A . n 
A 1 22  PRO 22  353 353 PRO PRO A . n 
A 1 23  PRO 23  354 354 PRO PRO A . n 
A 1 24  ARG 24  355 355 ARG ARG A . n 
A 1 25  ASN 25  356 356 ASN ASN A . n 
A 1 26  GLU 26  357 357 GLU GLU A . n 
A 1 27  LEU 27  358 358 LEU LEU A . n 
A 1 28  SER 28  359 359 SER SER A . n 
A 1 29  LYS 29  360 360 LYS LYS A . n 
A 1 30  LYS 30  361 361 LYS LYS A . n 
A 1 31  LYS 31  362 362 LYS LYS A . n 
A 1 32  VAL 32  363 363 VAL VAL A . n 
A 1 33  SER 33  364 364 SER SER A . n 
A 1 34  LEU 34  365 365 LEU LEU A . n 
A 1 35  THR 35  366 366 THR THR A . n 
A 1 36  CYS 36  367 367 CYS CYS A . n 
A 1 37  MET 37  368 368 MET MET A . n 
A 1 38  ILE 38  369 369 ILE ILE A . n 
A 1 39  THR 39  370 370 THR THR A . n 
A 1 40  GLY 40  371 371 GLY GLY A . n 
A 1 41  PHE 41  372 372 PHE PHE A . n 
A 1 42  TYR 42  373 373 TYR TYR A . n 
A 1 43  PRO 43  374 374 PRO PRO A . n 
A 1 44  ALA 44  375 375 ALA ALA A . n 
A 1 45  ASP 45  376 376 ASP ASP A . n 
A 1 46  ILE 46  377 377 ILE ILE A . n 
A 1 47  ASN 47  378 378 ASN ASN A . n 
A 1 48  VAL 48  379 379 VAL VAL A . n 
A 1 49  GLU 49  380 380 GLU GLU A . n 
A 1 50  TRP 50  381 381 TRP TRP A . n 
A 1 51  ASP 51  382 382 ASP ASP A . n 
A 1 52  SER 52  383 383 SER SER A . n 
A 1 53  SER 53  384 384 SER SER A . n 
A 1 54  GLU 54  385 385 GLU GLU A . n 
A 1 55  PRO 55  387 387 PRO PRO A . n 
A 1 56  SER 56  389 389 SER SER A . n 
A 1 57  ASP 57  390 390 ASP ASP A . n 
A 1 58  TYR 58  391 391 TYR TYR A . n 
A 1 59  LYS 59  392 392 LYS LYS A . n 
A 1 60  ASN 60  393 393 ASN ASN A . n 
A 1 61  THR 61  394 394 THR THR A . n 
A 1 62  PRO 62  395 395 PRO PRO A . n 
A 1 63  PRO 63  396 396 PRO PRO A . n 
A 1 64  VAL 64  397 397 VAL VAL A . n 
A 1 65  PHE 65  398 398 PHE PHE A . n 
A 1 66  ASP 66  399 399 ASP ASP A . n 
A 1 67  THR 67  400 400 THR THR A . n 
A 1 68  ASP 68  401 401 ASP ASP A . n 
A 1 69  GLY 69  402 402 GLY GLY A . n 
A 1 70  SER 70  403 403 SER SER A . n 
A 1 71  PHE 71  404 404 PHE PHE A . n 
A 1 72  PHE 72  405 405 PHE PHE A . n 
A 1 73  LEU 73  406 406 LEU LEU A . n 
A 1 74  TYR 74  407 407 TYR TYR A . n 
A 1 75  SER 75  408 408 SER SER A . n 
A 1 76  ARG 76  409 409 ARG ARG A . n 
A 1 77  LEU 77  410 410 LEU LEU A . n 
A 1 78  LYS 78  411 411 LYS LYS A . n 
A 1 79  VAL 79  412 412 VAL VAL A . n 
A 1 80  ASP 80  413 413 ASP ASP A . n 
A 1 81  THR 81  414 414 THR THR A . n 
A 1 82  ASP 82  415 415 ASP ASP A . n 
A 1 83  ALA 83  416 416 ALA ALA A . n 
A 1 84  TRP 84  417 417 TRP TRP A . n 
A 1 85  ASN 85  418 418 ASN ASN A . n 
A 1 86  ASN 86  419 419 ASN ASN A . n 
A 1 87  GLY 87  420 420 GLY GLY A . n 
A 1 88  GLU 88  421 421 GLU GLU A . n 
A 1 89  SER 89  422 422 SER SER A . n 
A 1 90  PHE 90  423 423 PHE PHE A . n 
A 1 91  THR 91  424 424 THR THR A . n 
A 1 92  CYS 92  425 425 CYS CYS A . n 
A 1 93  SER 93  426 426 SER SER A . n 
A 1 94  VAL 94  427 427 VAL VAL A . n 
A 1 95  MET 95  428 428 MET MET A . n 
A 1 96  HIS 96  429 429 HIS HIS A . n 
A 1 97  GLU 97  430 430 GLU GLU A . n 
A 1 98  ALA 98  431 431 ALA ALA A . n 
A 1 99  LEU 99  432 432 LEU LEU A . n 
A 1 100 PRO 100 433 433 PRO PRO A . n 
A 1 101 ASN 101 434 434 ASN ASN A . n 
A 1 102 HIS 102 435 435 HIS HIS A . n 
A 1 103 VAL 103 436 436 VAL VAL A . n 
A 1 104 ILE 104 437 437 ILE ILE A . n 
A 1 105 GLN 105 438 438 GLN GLN A . n 
A 1 106 LYS 106 439 439 LYS LYS A . n 
A 1 107 SER 107 440 440 SER SER A . n 
A 1 108 ILE 108 441 441 ILE ILE A . n 
A 1 109 SER 109 442 442 SER SER A . n 
A 1 110 ARG 110 443 443 ARG ARG A . n 
A 1 111 SER 111 444 444 SER SER A . n 
A 1 112 PRO 112 445 445 PRO PRO A . n 
A 1 113 GLY 113 446 446 GLY GLY A . n 
# 
_cell.entry_id           1PFC 
_cell.length_a           60.570 
_cell.length_b           60.570 
_cell.length_c           136.540 
_cell.angle_alpha        90.00 
_cell.angle_beta         90.00 
_cell.angle_gamma        90.00 
_cell.Z_PDB              16 
_cell.pdbx_unique_axis   ? 
# 
_symmetry.entry_id                         1PFC 
_symmetry.space_group_name_H-M             'I 4 2 2' 
_symmetry.pdbx_full_space_group_name_H-M   ? 
_symmetry.cell_setting                     ? 
_symmetry.Int_Tables_number                97 
# 
_exptl.entry_id          1PFC 
_exptl.method            'X-RAY DIFFRACTION' 
_exptl.crystals_number   ? 
# 
_exptl_crystal.id                    1 
_exptl_crystal.density_meas          ? 
_exptl_crystal.density_Matthews      2.46 
_exptl_crystal.density_percent_sol   50.10 
_exptl_crystal.description           ? 
# 
_diffrn.id                     1 
_diffrn.ambient_temp           ? 
_diffrn.ambient_temp_details   ? 
_diffrn.crystal_id             1 
# 
_diffrn_radiation.diffrn_id                        1 
_diffrn_radiation.wavelength_id                    1 
_diffrn_radiation.pdbx_monochromatic_or_laue_m_l   ? 
_diffrn_radiation.monochromator                    ? 
_diffrn_radiation.pdbx_diffrn_protocol             ? 
_diffrn_radiation.pdbx_scattering_type             x-ray 
# 
_diffrn_radiation_wavelength.id           1 
_diffrn_radiation_wavelength.wavelength   . 
_diffrn_radiation_wavelength.wt           1.0 
# 
_refine.entry_id                                 1PFC 
_refine.ls_number_reflns_obs                     ? 
_refine.ls_number_reflns_all                     ? 
_refine.pdbx_ls_sigma_I                          ? 
_refine.pdbx_ls_sigma_F                          ? 
_refine.pdbx_data_cutoff_high_absF               ? 
_refine.pdbx_data_cutoff_low_absF                ? 
_refine.pdbx_data_cutoff_high_rms_absF           ? 
_refine.ls_d_res_low                             5.0 
_refine.ls_d_res_high                            3.125 
_refine.ls_percent_reflns_obs                    ? 
_refine.ls_R_factor_obs                          ? 
_refine.ls_R_factor_all                          ? 
_refine.ls_R_factor_R_work                       0.303 
_refine.ls_R_factor_R_free                       ? 
_refine.ls_R_factor_R_free_error                 ? 
_refine.ls_R_factor_R_free_error_details         ? 
_refine.ls_percent_reflns_R_free                 ? 
_refine.ls_number_reflns_R_free                  ? 
_refine.ls_number_parameters                     ? 
_refine.ls_number_restraints                     ? 
_refine.occupancy_min                            ? 
_refine.occupancy_max                            ? 
_refine.B_iso_mean                               ? 
_refine.aniso_B[1][1]                            ? 
_refine.aniso_B[2][2]                            ? 
_refine.aniso_B[3][3]                            ? 
_refine.aniso_B[1][2]                            ? 
_refine.aniso_B[1][3]                            ? 
_refine.aniso_B[2][3]                            ? 
_refine.solvent_model_details                    ? 
_refine.solvent_model_param_ksol                 ? 
_refine.solvent_model_param_bsol                 ? 
_refine.pdbx_ls_cross_valid_method               ? 
_refine.details                                  ? 
_refine.pdbx_starting_model                      ? 
_refine.pdbx_method_to_determine_struct          ? 
_refine.pdbx_isotropic_thermal_model             ? 
_refine.pdbx_stereochemistry_target_values       ? 
_refine.pdbx_stereochem_target_val_spec_case     ? 
_refine.pdbx_R_Free_selection_details            ? 
_refine.pdbx_overall_ESU_R                       ? 
_refine.pdbx_overall_ESU_R_Free                  ? 
_refine.overall_SU_ML                            ? 
_refine.overall_SU_B                             ? 
_refine.pdbx_refine_id                           'X-RAY DIFFRACTION' 
_refine.pdbx_diffrn_id                           1 
_refine.pdbx_TLS_residual_ADP_flag               ? 
_refine.correlation_coeff_Fo_to_Fc               ? 
_refine.correlation_coeff_Fo_to_Fc_free          ? 
_refine.pdbx_solvent_vdw_probe_radii             ? 
_refine.pdbx_solvent_ion_probe_radii             ? 
_refine.pdbx_solvent_shrinkage_radii             ? 
_refine.pdbx_overall_phase_error                 ? 
_refine.overall_SU_R_Cruickshank_DPI             ? 
_refine.pdbx_overall_SU_R_free_Cruickshank_DPI   ? 
_refine.pdbx_overall_SU_R_Blow_DPI               ? 
_refine.pdbx_overall_SU_R_free_Blow_DPI          ? 
# 
_refine_hist.pdbx_refine_id                   'X-RAY DIFFRACTION' 
_refine_hist.cycle_id                         LAST 
_refine_hist.pdbx_number_atoms_protein        878 
_refine_hist.pdbx_number_atoms_nucleic_acid   0 
_refine_hist.pdbx_number_atoms_ligand         0 
_refine_hist.number_atoms_solvent             0 
_refine_hist.number_atoms_total               878 
_refine_hist.d_res_high                       3.125 
_refine_hist.d_res_low                        5.0 
# 
_struct.entry_id                  1PFC 
_struct.title                     
'MOLECULAR-REPLACEMENT STRUCTURE OF GUINEA PIG IGG1 P*FC(PRIME) REFINED AT 3.1 ANGSTROMS RESOLUTION' 
_struct.pdbx_model_details        ? 
_struct.pdbx_CASP_flag            ? 
_struct.pdbx_model_type_details   ? 
# 
_struct_keywords.entry_id        1PFC 
_struct_keywords.pdbx_keywords   IMMUNOGLOBULIN 
_struct_keywords.text            IMMUNOGLOBULIN 
# 
_struct_asym.id                            A 
_struct_asym.pdbx_blank_PDB_chainid_flag   N 
_struct_asym.pdbx_modified                 N 
_struct_asym.entity_id                     1 
_struct_asym.details                       ? 
# 
_struct_ref.id                         1 
_struct_ref.entity_id                  1 
_struct_ref.db_name                    PDB 
_struct_ref.db_code                    1PFC 
_struct_ref.pdbx_db_accession          1PFC 
_struct_ref.pdbx_db_isoform            ? 
_struct_ref.pdbx_seq_one_letter_code   ? 
_struct_ref.pdbx_align_begin           ? 
# 
_struct_ref_seq.align_id                      1 
_struct_ref_seq.ref_id                        1 
_struct_ref_seq.pdbx_PDB_id_code              1PFC 
_struct_ref_seq.pdbx_strand_id                A 
_struct_ref_seq.seq_align_beg                 1 
_struct_ref_seq.pdbx_seq_align_beg_ins_code   ? 
_struct_ref_seq.seq_align_end                 113 
_struct_ref_seq.pdbx_seq_align_end_ins_code   ? 
_struct_ref_seq.pdbx_db_accession             1PFC 
_struct_ref_seq.db_align_beg                  332 
_struct_ref_seq.pdbx_db_align_beg_ins_code    ? 
_struct_ref_seq.db_align_end                  446 
_struct_ref_seq.pdbx_db_align_end_ins_code    ? 
_struct_ref_seq.pdbx_auth_seq_align_beg       332 
_struct_ref_seq.pdbx_auth_seq_align_end       446 
# 
_pdbx_struct_assembly.id                   1 
_pdbx_struct_assembly.details              author_defined_assembly 
_pdbx_struct_assembly.method_details       ? 
_pdbx_struct_assembly.oligomeric_details   dimeric 
_pdbx_struct_assembly.oligomeric_count     2 
# 
_pdbx_struct_assembly_gen.assembly_id       1 
_pdbx_struct_assembly_gen.oper_expression   1,2 
_pdbx_struct_assembly_gen.asym_id_list      A 
# 
loop_
_pdbx_struct_oper_list.id 
_pdbx_struct_oper_list.type 
_pdbx_struct_oper_list.name 
_pdbx_struct_oper_list.symmetry_operation 
_pdbx_struct_oper_list.matrix[1][1] 
_pdbx_struct_oper_list.matrix[1][2] 
_pdbx_struct_oper_list.matrix[1][3] 
_pdbx_struct_oper_list.vector[1] 
_pdbx_struct_oper_list.matrix[2][1] 
_pdbx_struct_oper_list.matrix[2][2] 
_pdbx_struct_oper_list.matrix[2][3] 
_pdbx_struct_oper_list.vector[2] 
_pdbx_struct_oper_list.matrix[3][1] 
_pdbx_struct_oper_list.matrix[3][2] 
_pdbx_struct_oper_list.matrix[3][3] 
_pdbx_struct_oper_list.vector[3] 
1 'identity operation'         1_555 x,y,z     1.0000000000  0.0000000000 0.0000000000  0.0000000000  0.0000000000 1.0000000000  0.0000000000  0.0000000000  0.0000000000  0.0000000000  1.0000000000 0.0000000000 
2 'crystal symmetry operation' 2_655 -x+1,-y,z -0.8266436647 0.3098844831 -0.4697146568 -8.9898895285 0.3098844831 -0.4460635508 -0.8396421355 12.7515314885 -0.4697146568 -0.8396421355 0.2727072155 5.0946833464 
# 
_struct_biol.id   1 
# 
_struct_conf.conf_type_id            HELX_P 
_struct_conf.id                      HELX_P1 
_struct_conf.pdbx_PDB_helix_id       1 
_struct_conf.beg_label_comp_id       TRP 
_struct_conf.beg_label_asym_id       A 
_struct_conf.beg_label_seq_id        84 
_struct_conf.pdbx_beg_PDB_ins_code   ? 
_struct_conf.end_label_comp_id       SER 
_struct_conf.end_label_asym_id       A 
_struct_conf.end_label_seq_id        89 
_struct_conf.pdbx_end_PDB_ins_code   ? 
_struct_conf.beg_auth_comp_id        TRP 
_struct_conf.beg_auth_asym_id        A 
_struct_conf.beg_auth_seq_id         417 
_struct_conf.end_auth_comp_id        SER 
_struct_conf.end_auth_asym_id        A 
_struct_conf.end_auth_seq_id         422 
_struct_conf.pdbx_PDB_helix_class    1 
_struct_conf.details                 ? 
_struct_conf.pdbx_PDB_helix_length   6 
# 
_struct_conf_type.id          HELX_P 
_struct_conf_type.criteria    ? 
_struct_conf_type.reference   ? 
# 
_struct_conn.id                            disulf1 
_struct_conn.conn_type_id                  disulf 
_struct_conn.pdbx_leaving_atom_flag        ? 
_struct_conn.pdbx_PDB_id                   ? 
_struct_conn.ptnr1_label_asym_id           A 
_struct_conn.ptnr1_label_comp_id           CYS 
_struct_conn.ptnr1_label_seq_id            36 
_struct_conn.ptnr1_label_atom_id           SG 
_struct_conn.pdbx_ptnr1_label_alt_id       ? 
_struct_conn.pdbx_ptnr1_PDB_ins_code       ? 
_struct_conn.pdbx_ptnr1_standard_comp_id   ? 
_struct_conn.ptnr1_symmetry                1_555 
_struct_conn.ptnr2_label_asym_id           A 
_struct_conn.ptnr2_label_comp_id           CYS 
_struct_conn.ptnr2_label_seq_id            92 
_struct_conn.ptnr2_label_atom_id           SG 
_struct_conn.pdbx_ptnr2_label_alt_id       ? 
_struct_conn.pdbx_ptnr2_PDB_ins_code       ? 
_struct_conn.ptnr1_auth_asym_id            A 
_struct_conn.ptnr1_auth_comp_id            CYS 
_struct_conn.ptnr1_auth_seq_id             367 
_struct_conn.ptnr2_auth_asym_id            A 
_struct_conn.ptnr2_auth_comp_id            CYS 
_struct_conn.ptnr2_auth_seq_id             425 
_struct_conn.ptnr2_symmetry                1_555 
_struct_conn.pdbx_ptnr3_label_atom_id      ? 
_struct_conn.pdbx_ptnr3_label_seq_id       ? 
_struct_conn.pdbx_ptnr3_label_comp_id      ? 
_struct_conn.pdbx_ptnr3_label_asym_id      ? 
_struct_conn.pdbx_ptnr3_label_alt_id       ? 
_struct_conn.pdbx_ptnr3_PDB_ins_code       ? 
_struct_conn.details                       ? 
_struct_conn.pdbx_dist_value               2.102 
_struct_conn.pdbx_value_order              ? 
_struct_conn.pdbx_role                     ? 
# 
_struct_conn_type.id          disulf 
_struct_conn_type.criteria    ? 
_struct_conn_type.reference   ? 
# 
_pdbx_modification_feature.ordinal                            1 
_pdbx_modification_feature.label_comp_id                      CYS 
_pdbx_modification_feature.label_asym_id                      A 
_pdbx_modification_feature.label_seq_id                       36 
_pdbx_modification_feature.label_alt_id                       ? 
_pdbx_modification_feature.modified_residue_label_comp_id     CYS 
_pdbx_modification_feature.modified_residue_label_asym_id     A 
_pdbx_modification_feature.modified_residue_label_seq_id      92 
_pdbx_modification_feature.modified_residue_label_alt_id      ? 
_pdbx_modification_feature.auth_comp_id                       CYS 
_pdbx_modification_feature.auth_asym_id                       A 
_pdbx_modification_feature.auth_seq_id                        367 
_pdbx_modification_feature.PDB_ins_code                       ? 
_pdbx_modification_feature.symmetry                           1_555 
_pdbx_modification_feature.modified_residue_auth_comp_id      CYS 
_pdbx_modification_feature.modified_residue_auth_asym_id      A 
_pdbx_modification_feature.modified_residue_auth_seq_id       425 
_pdbx_modification_feature.modified_residue_PDB_ins_code      ? 
_pdbx_modification_feature.modified_residue_symmetry          1_555 
_pdbx_modification_feature.comp_id_linking_atom               SG 
_pdbx_modification_feature.modified_residue_id_linking_atom   SG 
_pdbx_modification_feature.modified_residue_id                . 
_pdbx_modification_feature.ref_pcm_id                         . 
_pdbx_modification_feature.ref_comp_id                        . 
_pdbx_modification_feature.type                               None 
_pdbx_modification_feature.category                           'Disulfide bridge' 
# 
_struct_mon_prot_cis.pdbx_id                1 
_struct_mon_prot_cis.label_comp_id          TYR 
_struct_mon_prot_cis.label_seq_id           42 
_struct_mon_prot_cis.label_asym_id          A 
_struct_mon_prot_cis.label_alt_id           . 
_struct_mon_prot_cis.pdbx_PDB_ins_code      ? 
_struct_mon_prot_cis.auth_comp_id           TYR 
_struct_mon_prot_cis.auth_seq_id            373 
_struct_mon_prot_cis.auth_asym_id           A 
_struct_mon_prot_cis.pdbx_label_comp_id_2   PRO 
_struct_mon_prot_cis.pdbx_label_seq_id_2    43 
_struct_mon_prot_cis.pdbx_label_asym_id_2   A 
_struct_mon_prot_cis.pdbx_PDB_ins_code_2    ? 
_struct_mon_prot_cis.pdbx_auth_comp_id_2    PRO 
_struct_mon_prot_cis.pdbx_auth_seq_id_2     374 
_struct_mon_prot_cis.pdbx_auth_asym_id_2    A 
_struct_mon_prot_cis.pdbx_PDB_model_num     1 
_struct_mon_prot_cis.pdbx_omega_angle       -0.77 
# 
loop_
_struct_sheet.id 
_struct_sheet.type 
_struct_sheet.number_strands 
_struct_sheet.details 
A ? 3 ? 
B ? 3 ? 
# 
loop_
_struct_sheet_order.sheet_id 
_struct_sheet_order.range_id_1 
_struct_sheet_order.range_id_2 
_struct_sheet_order.offset 
_struct_sheet_order.sense 
A 1 2 ? anti-parallel 
A 2 3 ? anti-parallel 
B 1 2 ? anti-parallel 
B 2 3 ? anti-parallel 
# 
loop_
_struct_sheet_range.sheet_id 
_struct_sheet_range.id 
_struct_sheet_range.beg_label_comp_id 
_struct_sheet_range.beg_label_asym_id 
_struct_sheet_range.beg_label_seq_id 
_struct_sheet_range.pdbx_beg_PDB_ins_code 
_struct_sheet_range.end_label_comp_id 
_struct_sheet_range.end_label_asym_id 
_struct_sheet_range.end_label_seq_id 
_struct_sheet_range.pdbx_end_PDB_ins_code 
_struct_sheet_range.beg_auth_comp_id 
_struct_sheet_range.beg_auth_asym_id 
_struct_sheet_range.beg_auth_seq_id 
_struct_sheet_range.end_auth_comp_id 
_struct_sheet_range.end_auth_asym_id 
_struct_sheet_range.end_auth_seq_id 
A 1 LEU A 34  ? THR A 39  ? LEU A 365 THR A 370 
A 2 PHE A 72  ? LEU A 77  ? PHE A 405 LEU A 410 
A 3 TYR A 58  ? VAL A 64  ? TYR A 391 VAL A 397 
B 1 ASN A 47  ? GLU A 49  ? ASN A 378 GLU A 380 
B 2 THR A 91  ? HIS A 96  ? THR A 424 HIS A 429 
B 3 ASN A 101 ? LYS A 106 ? ASN A 434 LYS A 439 
# 
loop_
_pdbx_struct_sheet_hbond.sheet_id 
_pdbx_struct_sheet_hbond.range_id_1 
_pdbx_struct_sheet_hbond.range_id_2 
_pdbx_struct_sheet_hbond.range_1_label_atom_id 
_pdbx_struct_sheet_hbond.range_1_label_comp_id 
_pdbx_struct_sheet_hbond.range_1_label_asym_id 
_pdbx_struct_sheet_hbond.range_1_label_seq_id 
_pdbx_struct_sheet_hbond.range_1_PDB_ins_code 
_pdbx_struct_sheet_hbond.range_1_auth_atom_id 
_pdbx_struct_sheet_hbond.range_1_auth_comp_id 
_pdbx_struct_sheet_hbond.range_1_auth_asym_id 
_pdbx_struct_sheet_hbond.range_1_auth_seq_id 
_pdbx_struct_sheet_hbond.range_2_label_atom_id 
_pdbx_struct_sheet_hbond.range_2_label_comp_id 
_pdbx_struct_sheet_hbond.range_2_label_asym_id 
_pdbx_struct_sheet_hbond.range_2_label_seq_id 
_pdbx_struct_sheet_hbond.range_2_PDB_ins_code 
_pdbx_struct_sheet_hbond.range_2_auth_atom_id 
_pdbx_struct_sheet_hbond.range_2_auth_comp_id 
_pdbx_struct_sheet_hbond.range_2_auth_asym_id 
_pdbx_struct_sheet_hbond.range_2_auth_seq_id 
A 1 2 O ILE A 38 ? O ILE A 369 N LEU A 73  ? N LEU A 406 
A 2 3 N ARG A 76 ? N ARG A 409 O LYS A 59  ? O LYS A 392 
B 1 2 O GLU A 49 ? O GLU A 380 N SER A 93  ? N SER A 426 
B 2 3 N HIS A 96 ? N HIS A 429 O ASN A 101 ? O ASN A 434 
# 
_pdbx_entry_details.entry_id                   1PFC 
_pdbx_entry_details.compound_details           ? 
_pdbx_entry_details.source_details             ? 
_pdbx_entry_details.nonpolymer_details         ? 
_pdbx_entry_details.sequence_details           ? 
_pdbx_entry_details.has_ligand_of_interest     ? 
_pdbx_entry_details.has_protein_modification   Y 
# 
loop_
_pdbx_validate_close_contact.id 
_pdbx_validate_close_contact.PDB_model_num 
_pdbx_validate_close_contact.auth_atom_id_1 
_pdbx_validate_close_contact.auth_asym_id_1 
_pdbx_validate_close_contact.auth_comp_id_1 
_pdbx_validate_close_contact.auth_seq_id_1 
_pdbx_validate_close_contact.PDB_ins_code_1 
_pdbx_validate_close_contact.label_alt_id_1 
_pdbx_validate_close_contact.auth_atom_id_2 
_pdbx_validate_close_contact.auth_asym_id_2 
_pdbx_validate_close_contact.auth_comp_id_2 
_pdbx_validate_close_contact.auth_seq_id_2 
_pdbx_validate_close_contact.PDB_ins_code_2 
_pdbx_validate_close_contact.label_alt_id_2 
_pdbx_validate_close_contact.dist 
1 1 O   A ARG 443 ? ? OG A SER 444 ? ? 1.63 
2 1 OG  A SER 364 ? ? O  A LEU 410 ? ? 2.05 
3 1 O   A GLU 421 ? ? N  A PHE 423 ? ? 2.09 
4 1 NE1 A TRP 381 ? ? CB A LEU 410 ? ? 2.13 
5 1 OE2 A GLU 380 ? ? OG A SER 383 ? ? 2.14 
6 1 N   A PHE 372 ? ? N  A PHE 404 ? ? 2.19 
# 
loop_
_pdbx_validate_symm_contact.id 
_pdbx_validate_symm_contact.PDB_model_num 
_pdbx_validate_symm_contact.auth_atom_id_1 
_pdbx_validate_symm_contact.auth_asym_id_1 
_pdbx_validate_symm_contact.auth_comp_id_1 
_pdbx_validate_symm_contact.auth_seq_id_1 
_pdbx_validate_symm_contact.PDB_ins_code_1 
_pdbx_validate_symm_contact.label_alt_id_1 
_pdbx_validate_symm_contact.site_symmetry_1 
_pdbx_validate_symm_contact.auth_atom_id_2 
_pdbx_validate_symm_contact.auth_asym_id_2 
_pdbx_validate_symm_contact.auth_comp_id_2 
_pdbx_validate_symm_contact.auth_seq_id_2 
_pdbx_validate_symm_contact.PDB_ins_code_2 
_pdbx_validate_symm_contact.label_alt_id_2 
_pdbx_validate_symm_contact.site_symmetry_2 
_pdbx_validate_symm_contact.dist 
1 1 CD1 A LEU 350 ? ? 1_555 OD1 A ASN 356 ? ? 2_655 1.23 
2 1 CD1 A LEU 350 ? ? 1_555 CG  A ASN 356 ? ? 2_655 1.62 
3 1 CB  A ARG 344 ? ? 1_555 NE2 A HIS 435 ? ? 3_645 1.82 
4 1 OH  A TYR 407 ? ? 1_555 CZ  A ARG 409 ? ? 2_655 1.90 
5 1 OH  A TYR 407 ? ? 1_555 NH2 A ARG 409 ? ? 2_655 2.13 
# 
loop_
_pdbx_validate_rmsd_bond.id 
_pdbx_validate_rmsd_bond.PDB_model_num 
_pdbx_validate_rmsd_bond.auth_atom_id_1 
_pdbx_validate_rmsd_bond.auth_asym_id_1 
_pdbx_validate_rmsd_bond.auth_comp_id_1 
_pdbx_validate_rmsd_bond.auth_seq_id_1 
_pdbx_validate_rmsd_bond.PDB_ins_code_1 
_pdbx_validate_rmsd_bond.label_alt_id_1 
_pdbx_validate_rmsd_bond.auth_atom_id_2 
_pdbx_validate_rmsd_bond.auth_asym_id_2 
_pdbx_validate_rmsd_bond.auth_comp_id_2 
_pdbx_validate_rmsd_bond.auth_seq_id_2 
_pdbx_validate_rmsd_bond.PDB_ins_code_2 
_pdbx_validate_rmsd_bond.label_alt_id_2 
_pdbx_validate_rmsd_bond.bond_value 
_pdbx_validate_rmsd_bond.bond_target_value 
_pdbx_validate_rmsd_bond.bond_deviation 
_pdbx_validate_rmsd_bond.bond_standard_deviation 
_pdbx_validate_rmsd_bond.linker_flag 
1  1 N  A GLY 341 ? ? CA  A GLY 341 ? ? 1.360 1.456 -0.096 0.015 N 
2  1 CA A TYR 349 ? ? CB  A TYR 349 ? ? 1.670 1.535 0.135  0.022 N 
3  1 C  A THR 370 ? ? O   A THR 370 ? ? 1.472 1.229 0.243  0.019 N 
4  1 C  A THR 370 ? ? N   A GLY 371 ? ? 1.188 1.336 -0.148 0.023 Y 
5  1 C  A LYS 392 ? ? O   A LYS 392 ? ? 1.435 1.229 0.206  0.019 N 
6  1 C  A LYS 392 ? ? N   A ASN 393 ? ? 1.162 1.336 -0.174 0.023 Y 
7  1 C  A PHE 398 ? ? O   A PHE 398 ? ? 1.553 1.229 0.324  0.019 N 
8  1 C  A PHE 398 ? ? N   A ASP 399 ? ? 1.103 1.336 -0.233 0.023 Y 
9  1 C  A GLY 402 ? ? O   A GLY 402 ? ? 1.608 1.232 0.376  0.016 N 
10 1 C  A GLY 402 ? ? N   A SER 403 ? ? 1.097 1.336 -0.239 0.023 Y 
11 1 C  A SER 403 ? ? O   A SER 403 ? ? 1.588 1.229 0.359  0.019 N 
12 1 CZ A ARG 409 ? ? NH2 A ARG 409 ? ? 1.415 1.326 0.089  0.013 N 
13 1 C  A ASN 418 ? ? O   A ASN 418 ? ? 1.383 1.229 0.154  0.019 N 
14 1 CA A MET 428 ? ? CB  A MET 428 ? ? 1.396 1.535 -0.139 0.022 N 
# 
loop_
_pdbx_validate_rmsd_angle.id 
_pdbx_validate_rmsd_angle.PDB_model_num 
_pdbx_validate_rmsd_angle.auth_atom_id_1 
_pdbx_validate_rmsd_angle.auth_asym_id_1 
_pdbx_validate_rmsd_angle.auth_comp_id_1 
_pdbx_validate_rmsd_angle.auth_seq_id_1 
_pdbx_validate_rmsd_angle.PDB_ins_code_1 
_pdbx_validate_rmsd_angle.label_alt_id_1 
_pdbx_validate_rmsd_angle.auth_atom_id_2 
_pdbx_validate_rmsd_angle.auth_asym_id_2 
_pdbx_validate_rmsd_angle.auth_comp_id_2 
_pdbx_validate_rmsd_angle.auth_seq_id_2 
_pdbx_validate_rmsd_angle.PDB_ins_code_2 
_pdbx_validate_rmsd_angle.label_alt_id_2 
_pdbx_validate_rmsd_angle.auth_atom_id_3 
_pdbx_validate_rmsd_angle.auth_asym_id_3 
_pdbx_validate_rmsd_angle.auth_comp_id_3 
_pdbx_validate_rmsd_angle.auth_seq_id_3 
_pdbx_validate_rmsd_angle.PDB_ins_code_3 
_pdbx_validate_rmsd_angle.label_alt_id_3 
_pdbx_validate_rmsd_angle.angle_value 
_pdbx_validate_rmsd_angle.angle_target_value 
_pdbx_validate_rmsd_angle.angle_deviation 
_pdbx_validate_rmsd_angle.angle_standard_deviation 
_pdbx_validate_rmsd_angle.linker_flag 
1   1 CD  A ARG 334 ? ? NE  A ARG 334 ? ? CZ  A ARG 334 ? ? 151.58 123.60 27.98  1.40 N 
2   1 NE  A ARG 334 ? ? CZ  A ARG 334 ? ? NH1 A ARG 334 ? ? 130.76 120.30 10.46  0.50 N 
3   1 NE  A ARG 334 ? ? CZ  A ARG 334 ? ? NH2 A ARG 334 ? ? 112.31 120.30 -7.99  0.50 N 
4   1 N   A THR 335 ? ? CA  A THR 335 ? ? CB  A THR 335 ? ? 98.08  110.30 -12.22 1.90 N 
5   1 N   A LYS 338 ? ? CA  A LYS 338 ? ? C   A LYS 338 ? ? 129.34 111.00 18.34  2.70 N 
6   1 N   A ALA 339 ? ? CA  A ALA 339 ? ? CB  A ALA 339 ? ? 95.55  110.10 -14.55 1.40 N 
7   1 N   A ALA 339 ? ? CA  A ALA 339 ? ? C   A ALA 339 ? ? 137.03 111.00 26.03  2.70 N 
8   1 N   A GLY 341 ? ? CA  A GLY 341 ? ? C   A GLY 341 ? ? 130.56 113.10 17.46  2.50 N 
9   1 N   A PRO 343 ? ? CA  A PRO 343 ? ? C   A PRO 343 ? ? 128.77 112.10 16.67  2.60 N 
10  1 CA  A ARG 344 ? ? CB  A ARG 344 ? ? CG  A ARG 344 ? ? 131.36 113.40 17.96  2.20 N 
11  1 CB  A ARG 344 ? ? CG  A ARG 344 ? ? CD  A ARG 344 ? ? 130.62 111.60 19.02  2.60 N 
12  1 C   A ARG 344 ? ? N   A ILE 345 ? ? CA  A ILE 345 ? ? 139.98 121.70 18.28  2.50 Y 
13  1 N   A PRO 346 ? ? CA  A PRO 346 ? ? C   A PRO 346 ? ? 130.04 112.10 17.94  2.60 N 
14  1 CG  A GLU 347 ? ? CD  A GLU 347 ? ? OE1 A GLU 347 ? ? 132.72 118.30 14.42  2.00 N 
15  1 C   A GLU 347 ? ? N   A VAL 348 ? ? CA  A VAL 348 ? ? 151.30 121.70 29.60  2.50 Y 
16  1 CB  A VAL 348 ? ? CA  A VAL 348 ? ? C   A VAL 348 ? ? 98.02  111.40 -13.38 1.90 N 
17  1 CA  A TYR 349 ? ? CB  A TYR 349 ? ? CG  A TYR 349 ? ? 100.18 113.40 -13.22 1.90 N 
18  1 CB  A TYR 349 ? ? CG  A TYR 349 ? ? CD2 A TYR 349 ? ? 116.50 121.00 -4.50  0.60 N 
19  1 N   A TYR 349 ? ? CA  A TYR 349 ? ? C   A TYR 349 ? ? 131.06 111.00 20.06  2.70 N 
20  1 CA  A LEU 350 ? ? CB  A LEU 350 ? ? CG  A LEU 350 ? ? 135.01 115.30 19.71  2.30 N 
21  1 CA  A LEU 351 ? ? CB  A LEU 351 ? ? CG  A LEU 351 ? ? 130.58 115.30 15.28  2.30 N 
22  1 C   A PRO 353 ? ? N   A PRO 354 ? ? CA  A PRO 354 ? ? 128.30 119.30 9.00   1.50 Y 
23  1 NE  A ARG 355 ? ? CZ  A ARG 355 ? ? NH1 A ARG 355 ? ? 114.86 120.30 -5.44  0.50 N 
24  1 NE  A ARG 355 ? ? CZ  A ARG 355 ? ? NH2 A ARG 355 ? ? 126.00 120.30 5.70   0.50 N 
25  1 CA  A ASN 356 ? ? CB  A ASN 356 ? ? CG  A ASN 356 ? ? 127.05 113.40 13.65  2.20 N 
26  1 CA  A LEU 358 ? ? C   A LEU 358 ? ? O   A LEU 358 ? ? 132.97 120.10 12.87  2.10 N 
27  1 CG  A LYS 361 ? ? CD  A LYS 361 ? ? CE  A LYS 361 ? ? 133.76 111.90 21.86  3.00 N 
28  1 N   A LYS 361 ? ? CA  A LYS 361 ? ? C   A LYS 361 ? ? 128.32 111.00 17.32  2.70 N 
29  1 N   A LYS 362 ? ? CA  A LYS 362 ? ? CB  A LYS 362 ? ? 97.68  110.60 -12.92 1.80 N 
30  1 N   A SER 364 ? ? CA  A SER 364 ? ? CB  A SER 364 ? ? 122.66 110.50 12.16  1.50 N 
31  1 CB  A LEU 365 ? ? CA  A LEU 365 ? ? C   A LEU 365 ? ? 122.96 110.20 12.76  1.90 N 
32  1 C   A LEU 365 ? ? N   A THR 366 ? ? CA  A THR 366 ? ? 159.95 121.70 38.25  2.50 Y 
33  1 N   A THR 366 ? ? CA  A THR 366 ? ? C   A THR 366 ? ? 128.03 111.00 17.03  2.70 N 
34  1 C   A ILE 369 ? ? N   A THR 370 ? ? CA  A THR 370 ? ? 104.34 121.70 -17.36 2.50 Y 
35  1 CA  A THR 370 ? ? CB  A THR 370 ? ? CG2 A THR 370 ? ? 121.62 112.40 9.22   1.40 N 
36  1 CA  A THR 370 ? ? C   A THR 370 ? ? O   A THR 370 ? ? 92.05  120.10 -28.05 2.10 N 
37  1 CA  A THR 370 ? ? C   A THR 370 ? ? N   A GLY 371 ? ? 170.64 116.20 54.44  2.00 Y 
38  1 O   A THR 370 ? ? C   A THR 370 ? ? N   A GLY 371 ? ? 85.67  123.20 -37.53 1.70 Y 
39  1 N   A GLY 371 ? ? CA  A GLY 371 ? ? C   A GLY 371 ? ? 84.66  113.10 -28.44 2.50 N 
40  1 CA  A PHE 372 ? ? CB  A PHE 372 ? ? CG  A PHE 372 ? ? 129.20 113.90 15.30  2.40 N 
41  1 N   A TYR 373 ? ? CA  A TYR 373 ? ? CB  A TYR 373 ? ? 122.03 110.60 11.43  1.80 N 
42  1 CA  A TYR 373 ? ? CB  A TYR 373 ? ? CG  A TYR 373 ? ? 125.18 113.40 11.78  1.90 N 
43  1 CA  A ASP 376 ? ? CB  A ASP 376 ? ? CG  A ASP 376 ? ? 127.18 113.40 13.78  2.20 N 
44  1 N   A ASN 378 ? ? CA  A ASN 378 ? ? CB  A ASN 378 ? ? 122.35 110.60 11.75  1.80 N 
45  1 CB  A VAL 379 ? ? CA  A VAL 379 ? ? C   A VAL 379 ? ? 98.44  111.40 -12.96 1.90 N 
46  1 CB  A TRP 381 ? ? CA  A TRP 381 ? ? C   A TRP 381 ? ? 126.07 110.40 15.67  2.00 N 
47  1 CA  A TRP 381 ? ? CB  A TRP 381 ? ? CG  A TRP 381 ? ? 133.95 113.70 20.25  1.90 N 
48  1 CB  A ASP 382 ? ? CG  A ASP 382 ? ? OD1 A ASP 382 ? ? 128.48 118.30 10.18  0.90 N 
49  1 CB  A ASP 382 ? ? CG  A ASP 382 ? ? OD2 A ASP 382 ? ? 112.16 118.30 -6.14  0.90 N 
50  1 C   A ASP 382 ? ? N   A SER 383 ? ? CA  A SER 383 ? ? 146.25 121.70 24.55  2.50 Y 
51  1 N   A SER 383 ? ? CA  A SER 383 ? ? CB  A SER 383 ? ? 123.28 110.50 12.78  1.50 N 
52  1 CB  A SER 384 ? ? CA  A SER 384 ? ? C   A SER 384 ? ? 123.07 110.10 12.97  1.90 N 
53  1 CA  A GLU 385 ? ? CB  A GLU 385 ? ? CG  A GLU 385 ? ? 138.15 113.40 24.75  2.20 N 
54  1 CB  A GLU 385 ? ? CG  A GLU 385 ? ? CD  A GLU 385 ? ? 140.44 114.20 26.24  2.70 N 
55  1 OE1 A GLU 385 ? ? CD  A GLU 385 ? ? OE2 A GLU 385 ? ? 112.45 123.30 -10.85 1.20 N 
56  1 CG  A GLU 385 ? ? CD  A GLU 385 ? ? OE2 A GLU 385 ? ? 131.39 118.30 13.09  2.00 N 
57  1 N   A GLU 385 ? ? CA  A GLU 385 ? ? C   A GLU 385 ? ? 132.36 111.00 21.36  2.70 N 
58  1 N   A ASP 390 ? ? CA  A ASP 390 ? ? C   A ASP 390 ? ? 129.50 111.00 18.50  2.70 N 
59  1 CB  A TYR 391 ? ? CG  A TYR 391 ? ? CD2 A TYR 391 ? ? 117.06 121.00 -3.94  0.60 N 
60  1 CB  A TYR 391 ? ? CG  A TYR 391 ? ? CD1 A TYR 391 ? ? 126.68 121.00 5.68   0.60 N 
61  1 CA  A TYR 391 ? ? C   A TYR 391 ? ? N   A LYS 392 ? ? 102.40 117.20 -14.80 2.20 Y 
62  1 O   A TYR 391 ? ? C   A TYR 391 ? ? N   A LYS 392 ? ? 133.24 122.70 10.54  1.60 Y 
63  1 CA  A LYS 392 ? ? CB  A LYS 392 ? ? CG  A LYS 392 ? ? 133.81 113.40 20.41  2.20 N 
64  1 CA  A LYS 392 ? ? C   A LYS 392 ? ? N   A ASN 393 ? ? 148.36 117.20 31.16  2.20 Y 
65  1 O   A LYS 392 ? ? C   A LYS 392 ? ? N   A ASN 393 ? ? 93.54  122.70 -29.16 1.60 Y 
66  1 C   A LYS 392 ? ? N   A ASN 393 ? ? CA  A ASN 393 ? ? 170.04 121.70 48.34  2.50 Y 
67  1 N   A THR 394 ? ? CA  A THR 394 ? ? CB  A THR 394 ? ? 143.36 110.30 33.06  1.90 N 
68  1 N   A THR 394 ? ? CA  A THR 394 ? ? C   A THR 394 ? ? 91.14  111.00 -19.86 2.70 N 
69  1 O   A THR 394 ? ? C   A THR 394 ? ? N   A PRO 395 ? ? 142.45 121.10 21.35  1.90 Y 
70  1 CA  A PHE 398 ? ? C   A PHE 398 ? ? O   A PHE 398 ? ? 99.16  120.10 -20.94 2.10 N 
71  1 CA  A PHE 398 ? ? C   A PHE 398 ? ? N   A ASP 399 ? ? 158.81 117.20 41.61  2.20 Y 
72  1 O   A PHE 398 ? ? C   A PHE 398 ? ? N   A ASP 399 ? ? 91.46  122.70 -31.24 1.60 Y 
73  1 C   A PHE 398 ? ? N   A ASP 399 ? ? CA  A ASP 399 ? ? 156.81 121.70 35.11  2.50 Y 
74  1 N   A ASP 399 ? ? CA  A ASP 399 ? ? CB  A ASP 399 ? ? 126.12 110.60 15.52  1.80 N 
75  1 O   A ASP 399 ? ? C   A ASP 399 ? ? N   A THR 400 ? ? 135.41 122.70 12.71  1.60 Y 
76  1 CA  A THR 400 ? ? C   A THR 400 ? ? N   A ASP 401 ? ? 99.61  117.20 -17.59 2.20 Y 
77  1 O   A THR 400 ? ? C   A THR 400 ? ? N   A ASP 401 ? ? 135.50 122.70 12.80  1.60 Y 
78  1 CB  A ASP 401 ? ? CG  A ASP 401 ? ? OD2 A ASP 401 ? ? 107.51 118.30 -10.79 0.90 N 
79  1 CA  A GLY 402 ? ? C   A GLY 402 ? ? O   A GLY 402 ? ? 93.88  120.60 -26.72 1.80 N 
80  1 CA  A GLY 402 ? ? C   A GLY 402 ? ? N   A SER 403 ? ? 176.34 117.20 59.15  2.20 Y 
81  1 O   A GLY 402 ? ? C   A GLY 402 ? ? N   A SER 403 ? ? 83.10  122.70 -39.60 1.60 Y 
82  1 C   A GLY 402 ? ? N   A SER 403 ? ? CA  A SER 403 ? ? 177.47 121.70 55.77  2.50 Y 
83  1 CB  A SER 403 ? ? CA  A SER 403 ? ? C   A SER 403 ? ? 123.57 110.10 13.47  1.90 N 
84  1 CA  A SER 403 ? ? CB  A SER 403 ? ? OG  A SER 403 ? ? 134.64 111.20 23.44  2.70 N 
85  1 N   A SER 403 ? ? CA  A SER 403 ? ? C   A SER 403 ? ? 87.09  111.00 -23.91 2.70 N 
86  1 CA  A SER 403 ? ? C   A SER 403 ? ? O   A SER 403 ? ? 90.16  120.10 -29.94 2.10 N 
87  1 CA  A SER 403 ? ? C   A SER 403 ? ? N   A PHE 404 ? ? 155.65 117.20 38.45  2.20 Y 
88  1 O   A SER 403 ? ? C   A SER 403 ? ? N   A PHE 404 ? ? 109.04 122.70 -13.66 1.60 Y 
89  1 O   A PHE 404 ? ? C   A PHE 404 ? ? N   A PHE 405 ? ? 133.08 122.70 10.38  1.60 Y 
90  1 CD  A ARG 409 ? ? NE  A ARG 409 ? ? CZ  A ARG 409 ? ? 146.68 123.60 23.08  1.40 N 
91  1 NE  A ARG 409 ? ? CZ  A ARG 409 ? ? NH1 A ARG 409 ? ? 126.86 120.30 6.56   0.50 N 
92  1 NE  A ARG 409 ? ? CZ  A ARG 409 ? ? NH2 A ARG 409 ? ? 114.27 120.30 -6.03  0.50 N 
93  1 CA  A LEU 410 ? ? CB  A LEU 410 ? ? CG  A LEU 410 ? ? 133.25 115.30 17.95  2.30 N 
94  1 CA  A LEU 410 ? ? C   A LEU 410 ? ? N   A LYS 411 ? ? 103.50 117.20 -13.70 2.20 Y 
95  1 CB  A ASP 413 ? ? CG  A ASP 413 ? ? OD1 A ASP 413 ? ? 124.60 118.30 6.30   0.90 N 
96  1 CB  A ASP 413 ? ? CG  A ASP 413 ? ? OD2 A ASP 413 ? ? 111.27 118.30 -7.03  0.90 N 
97  1 C   A THR 414 ? ? N   A ASP 415 ? ? CA  A ASP 415 ? ? 151.11 121.70 29.41  2.50 Y 
98  1 N   A ASP 415 ? ? CA  A ASP 415 ? ? CB  A ASP 415 ? ? 124.04 110.60 13.44  1.80 N 
99  1 CB  A ASP 415 ? ? CG  A ASP 415 ? ? OD1 A ASP 415 ? ? 124.84 118.30 6.54   0.90 N 
100 1 N   A ASN 418 ? ? CA  A ASN 418 ? ? CB  A ASN 418 ? ? 96.48  110.60 -14.12 1.80 N 
101 1 CA  A ASN 418 ? ? CB  A ASN 418 ? ? CG  A ASN 418 ? ? 126.96 113.40 13.56  2.20 N 
102 1 CA  A ASN 418 ? ? C   A ASN 418 ? ? O   A ASN 418 ? ? 106.56 120.10 -13.54 2.10 N 
103 1 CA  A ASN 418 ? ? C   A ASN 418 ? ? N   A ASN 419 ? ? 146.15 117.20 28.95  2.20 Y 
104 1 O   A ASN 418 ? ? C   A ASN 418 ? ? N   A ASN 419 ? ? 105.92 122.70 -16.78 1.60 Y 
105 1 C   A ASN 418 ? ? N   A ASN 419 ? ? CA  A ASN 419 ? ? 159.75 121.70 38.05  2.50 Y 
106 1 CA  A SER 422 ? ? C   A SER 422 ? ? N   A PHE 423 ? ? 132.29 117.20 15.09  2.20 Y 
107 1 O   A SER 422 ? ? C   A SER 422 ? ? N   A PHE 423 ? ? 112.42 122.70 -10.28 1.60 Y 
108 1 C   A SER 422 ? ? N   A PHE 423 ? ? CA  A PHE 423 ? ? 160.74 121.70 39.04  2.50 Y 
109 1 N   A PHE 423 ? ? CA  A PHE 423 ? ? C   A PHE 423 ? ? 128.43 111.00 17.43  2.70 N 
110 1 N   A THR 424 ? ? CA  A THR 424 ? ? CB  A THR 424 ? ? 98.32  110.30 -11.98 1.90 N 
111 1 CA  A THR 424 ? ? CB  A THR 424 ? ? OG1 A THR 424 ? ? 92.64  109.00 -16.36 2.10 N 
112 1 N   A THR 424 ? ? CA  A THR 424 ? ? C   A THR 424 ? ? 132.59 111.00 21.59  2.70 N 
113 1 CB  A VAL 427 ? ? CA  A VAL 427 ? ? C   A VAL 427 ? ? 96.26  111.40 -15.14 1.90 N 
114 1 CB  A MET 428 ? ? CA  A MET 428 ? ? C   A MET 428 ? ? 129.88 110.40 19.48  2.00 N 
115 1 CA  A ALA 431 ? ? C   A ALA 431 ? ? N   A LEU 432 ? ? 101.94 117.20 -15.26 2.20 Y 
116 1 O   A PRO 433 ? ? C   A PRO 433 ? ? N   A ASN 434 ? ? 134.10 122.70 11.40  1.60 Y 
117 1 O   A ASN 434 ? ? C   A ASN 434 ? ? N   A HIS 435 ? ? 132.67 122.70 9.97   1.60 Y 
118 1 CA  A HIS 435 ? ? CB  A HIS 435 ? ? CG  A HIS 435 ? ? 131.34 113.60 17.74  1.70 N 
119 1 CB  A HIS 435 ? ? CG  A HIS 435 ? ? CD2 A HIS 435 ? ? 139.34 131.40 7.94   1.20 N 
120 1 CG  A HIS 435 ? ? ND1 A HIS 435 ? ? CE1 A HIS 435 ? ? 115.04 109.00 6.04   1.00 N 
121 1 CA  A VAL 436 ? ? C   A VAL 436 ? ? N   A ILE 437 ? ? 103.74 117.20 -13.46 2.20 Y 
122 1 CB  A ILE 441 ? ? CA  A ILE 441 ? ? C   A ILE 441 ? ? 124.63 111.60 13.03  2.00 N 
123 1 NH1 A ARG 443 ? ? CZ  A ARG 443 ? ? NH2 A ARG 443 ? ? 132.22 119.40 12.82  1.10 N 
124 1 NE  A ARG 443 ? ? CZ  A ARG 443 ? ? NH1 A ARG 443 ? ? 110.21 120.30 -10.09 0.50 N 
125 1 N   A GLY 446 ? ? CA  A GLY 446 ? ? C   A GLY 446 ? ? 94.19  113.10 -18.91 2.50 N 
126 1 CA  A GLY 446 ? ? C   A GLY 446 ? ? O   A GLY 446 ? ? 99.89  120.60 -20.71 1.80 N 
# 
loop_
_pdbx_validate_torsion.id 
_pdbx_validate_torsion.PDB_model_num 
_pdbx_validate_torsion.auth_comp_id 
_pdbx_validate_torsion.auth_asym_id 
_pdbx_validate_torsion.auth_seq_id 
_pdbx_validate_torsion.PDB_ins_code 
_pdbx_validate_torsion.label_alt_id 
_pdbx_validate_torsion.phi 
_pdbx_validate_torsion.psi 
1  1 ILE A 336 ? ? -149.06 -138.24 
2  1 SER A 337 ? ? -153.05 -122.52 
3  1 LYS A 338 ? ? 165.88  -172.31 
4  1 ALA A 339 ? ? -79.96  -76.55  
5  1 ILE A 345 ? ? 167.32  85.38   
6  1 LEU A 351 ? ? -150.50 73.63   
7  1 PRO A 353 ? ? -26.54  74.55   
8  1 PRO A 354 ? ? -59.82  -169.36 
9  1 ARG A 355 ? ? -54.61  52.62   
10 1 GLU A 357 ? ? -40.78  101.34  
11 1 LYS A 361 ? ? 165.52  -34.46  
12 1 PRO A 374 ? ? -78.91  -106.82 
13 1 ASP A 382 ? ? 100.78  -76.16  
14 1 SER A 383 ? ? 151.56  -21.70  
15 1 PRO A 387 ? ? -0.51   129.26  
16 1 SER A 389 ? ? 33.44   -95.06  
17 1 PRO A 396 ? ? -32.54  136.34  
18 1 THR A 400 ? ? -11.55  -74.62  
19 1 SER A 403 ? ? 94.91   -162.16 
20 1 ASP A 413 ? ? 132.02  -44.82  
21 1 THR A 414 ? ? 139.28  147.76  
22 1 ALA A 416 ? ? -168.38 74.57   
23 1 TRP A 417 ? ? -110.80 -72.94  
24 1 ASN A 418 ? ? -32.27  -87.51  
25 1 GLU A 421 ? ? -162.18 7.10    
26 1 SER A 422 ? ? -16.97  103.21  
27 1 ALA A 431 ? ? 126.54  -19.76  
28 1 LEU A 432 ? ? 157.27  105.46  
29 1 SER A 440 ? ? 126.54  -166.45 
30 1 ILE A 441 ? ? 178.80  163.86  
31 1 SER A 442 ? ? -129.69 -82.74  
32 1 ARG A 443 ? ? -62.41  -124.49 
33 1 SER A 444 ? ? 131.11  -162.74 
34 1 PRO A 445 ? ? -44.21  -7.99   
# 
loop_
_pdbx_validate_peptide_omega.id 
_pdbx_validate_peptide_omega.PDB_model_num 
_pdbx_validate_peptide_omega.auth_comp_id_1 
_pdbx_validate_peptide_omega.auth_asym_id_1 
_pdbx_validate_peptide_omega.auth_seq_id_1 
_pdbx_validate_peptide_omega.PDB_ins_code_1 
_pdbx_validate_peptide_omega.label_alt_id_1 
_pdbx_validate_peptide_omega.auth_comp_id_2 
_pdbx_validate_peptide_omega.auth_asym_id_2 
_pdbx_validate_peptide_omega.auth_seq_id_2 
_pdbx_validate_peptide_omega.PDB_ins_code_2 
_pdbx_validate_peptide_omega.label_alt_id_2 
_pdbx_validate_peptide_omega.omega 
1 1 THR A 370 ? ? GLY A 371 ? ? 106.27  
2 1 LYS A 392 ? ? ASN A 393 ? ? -144.91 
3 1 GLY A 402 ? ? SER A 403 ? ? -50.59  
4 1 SER A 403 ? ? PHE A 404 ? ? -149.97 
5 1 SER A 422 ? ? PHE A 423 ? ? -147.71 
# 
loop_
_pdbx_validate_main_chain_plane.id 
_pdbx_validate_main_chain_plane.PDB_model_num 
_pdbx_validate_main_chain_plane.auth_comp_id 
_pdbx_validate_main_chain_plane.auth_asym_id 
_pdbx_validate_main_chain_plane.auth_seq_id 
_pdbx_validate_main_chain_plane.PDB_ins_code 
_pdbx_validate_main_chain_plane.label_alt_id 
_pdbx_validate_main_chain_plane.improper_torsion_angle 
1 1 THR A 370 ? ? 100.04  
2 1 LYS A 392 ? ? -13.72  
3 1 PHE A 398 ? ? -53.12  
4 1 GLY A 402 ? ? -144.75 
5 1 SER A 403 ? ? 32.03   
6 1 ASN A 418 ? ? -12.63  
# 
loop_
_pdbx_validate_polymer_linkage.id 
_pdbx_validate_polymer_linkage.PDB_model_num 
_pdbx_validate_polymer_linkage.auth_atom_id_1 
_pdbx_validate_polymer_linkage.auth_asym_id_1 
_pdbx_validate_polymer_linkage.auth_comp_id_1 
_pdbx_validate_polymer_linkage.auth_seq_id_1 
_pdbx_validate_polymer_linkage.PDB_ins_code_1 
_pdbx_validate_polymer_linkage.label_alt_id_1 
_pdbx_validate_polymer_linkage.auth_atom_id_2 
_pdbx_validate_polymer_linkage.auth_asym_id_2 
_pdbx_validate_polymer_linkage.auth_comp_id_2 
_pdbx_validate_polymer_linkage.auth_seq_id_2 
_pdbx_validate_polymer_linkage.PDB_ins_code_2 
_pdbx_validate_polymer_linkage.label_alt_id_2 
_pdbx_validate_polymer_linkage.dist 
1 1 C A THR 370 ? ? N A GLY 371 ? ? 1.19 
2 1 C A LYS 392 ? ? N A ASN 393 ? ? 1.16 
3 1 C A PHE 398 ? ? N A ASP 399 ? ? 1.10 
4 1 C A GLY 402 ? ? N A SER 403 ? ? 1.10 
# 
loop_
_pdbx_unobs_or_zero_occ_residues.id 
_pdbx_unobs_or_zero_occ_residues.PDB_model_num 
_pdbx_unobs_or_zero_occ_residues.polymer_flag 
_pdbx_unobs_or_zero_occ_residues.occupancy_flag 
_pdbx_unobs_or_zero_occ_residues.auth_asym_id 
_pdbx_unobs_or_zero_occ_residues.auth_comp_id 
_pdbx_unobs_or_zero_occ_residues.auth_seq_id 
_pdbx_unobs_or_zero_occ_residues.PDB_ins_code 
_pdbx_unobs_or_zero_occ_residues.label_asym_id 
_pdbx_unobs_or_zero_occ_residues.label_comp_id 
_pdbx_unobs_or_zero_occ_residues.label_seq_id 
1 1 Y 1 A ILE 332 ? A ILE 1 
2 1 Y 1 A THR 333 ? A THR 2 
# 
loop_
_chem_comp_atom.comp_id 
_chem_comp_atom.atom_id 
_chem_comp_atom.type_symbol 
_chem_comp_atom.pdbx_aromatic_flag 
_chem_comp_atom.pdbx_stereo_config 
_chem_comp_atom.pdbx_ordinal 
ALA N    N N N 1   
ALA CA   C N S 2   
ALA C    C N N 3   
ALA O    O N N 4   
ALA CB   C N N 5   
ALA OXT  O N N 6   
ALA H    H N N 7   
ALA H2   H N N 8   
ALA HA   H N N 9   
ALA HB1  H N N 10  
ALA HB2  H N N 11  
ALA HB3  H N N 12  
ALA HXT  H N N 13  
ARG N    N N N 14  
ARG CA   C N S 15  
ARG C    C N N 16  
ARG O    O N N 17  
ARG CB   C N N 18  
ARG CG   C N N 19  
ARG CD   C N N 20  
ARG NE   N N N 21  
ARG CZ   C N N 22  
ARG NH1  N N N 23  
ARG NH2  N N N 24  
ARG OXT  O N N 25  
ARG H    H N N 26  
ARG H2   H N N 27  
ARG HA   H N N 28  
ARG HB2  H N N 29  
ARG HB3  H N N 30  
ARG HG2  H N N 31  
ARG HG3  H N N 32  
ARG HD2  H N N 33  
ARG HD3  H N N 34  
ARG HE   H N N 35  
ARG HH11 H N N 36  
ARG HH12 H N N 37  
ARG HH21 H N N 38  
ARG HH22 H N N 39  
ARG HXT  H N N 40  
ASN N    N N N 41  
ASN CA   C N S 42  
ASN C    C N N 43  
ASN O    O N N 44  
ASN CB   C N N 45  
ASN CG   C N N 46  
ASN OD1  O N N 47  
ASN ND2  N N N 48  
ASN OXT  O N N 49  
ASN H    H N N 50  
ASN H2   H N N 51  
ASN HA   H N N 52  
ASN HB2  H N N 53  
ASN HB3  H N N 54  
ASN HD21 H N N 55  
ASN HD22 H N N 56  
ASN HXT  H N N 57  
ASP N    N N N 58  
ASP CA   C N S 59  
ASP C    C N N 60  
ASP O    O N N 61  
ASP CB   C N N 62  
ASP CG   C N N 63  
ASP OD1  O N N 64  
ASP OD2  O N N 65  
ASP OXT  O N N 66  
ASP H    H N N 67  
ASP H2   H N N 68  
ASP HA   H N N 69  
ASP HB2  H N N 70  
ASP HB3  H N N 71  
ASP HD2  H N N 72  
ASP HXT  H N N 73  
CYS N    N N N 74  
CYS CA   C N R 75  
CYS C    C N N 76  
CYS O    O N N 77  
CYS CB   C N N 78  
CYS SG   S N N 79  
CYS OXT  O N N 80  
CYS H    H N N 81  
CYS H2   H N N 82  
CYS HA   H N N 83  
CYS HB2  H N N 84  
CYS HB3  H N N 85  
CYS HG   H N N 86  
CYS HXT  H N N 87  
GLN N    N N N 88  
GLN CA   C N S 89  
GLN C    C N N 90  
GLN O    O N N 91  
GLN CB   C N N 92  
GLN CG   C N N 93  
GLN CD   C N N 94  
GLN OE1  O N N 95  
GLN NE2  N N N 96  
GLN OXT  O N N 97  
GLN H    H N N 98  
GLN H2   H N N 99  
GLN HA   H N N 100 
GLN HB2  H N N 101 
GLN HB3  H N N 102 
GLN HG2  H N N 103 
GLN HG3  H N N 104 
GLN HE21 H N N 105 
GLN HE22 H N N 106 
GLN HXT  H N N 107 
GLU N    N N N 108 
GLU CA   C N S 109 
GLU C    C N N 110 
GLU O    O N N 111 
GLU CB   C N N 112 
GLU CG   C N N 113 
GLU CD   C N N 114 
GLU OE1  O N N 115 
GLU OE2  O N N 116 
GLU OXT  O N N 117 
GLU H    H N N 118 
GLU H2   H N N 119 
GLU HA   H N N 120 
GLU HB2  H N N 121 
GLU HB3  H N N 122 
GLU HG2  H N N 123 
GLU HG3  H N N 124 
GLU HE2  H N N 125 
GLU HXT  H N N 126 
GLY N    N N N 127 
GLY CA   C N N 128 
GLY C    C N N 129 
GLY O    O N N 130 
GLY OXT  O N N 131 
GLY H    H N N 132 
GLY H2   H N N 133 
GLY HA2  H N N 134 
GLY HA3  H N N 135 
GLY HXT  H N N 136 
HIS N    N N N 137 
HIS CA   C N S 138 
HIS C    C N N 139 
HIS O    O N N 140 
HIS CB   C N N 141 
HIS CG   C Y N 142 
HIS ND1  N Y N 143 
HIS CD2  C Y N 144 
HIS CE1  C Y N 145 
HIS NE2  N Y N 146 
HIS OXT  O N N 147 
HIS H    H N N 148 
HIS H2   H N N 149 
HIS HA   H N N 150 
HIS HB2  H N N 151 
HIS HB3  H N N 152 
HIS HD1  H N N 153 
HIS HD2  H N N 154 
HIS HE1  H N N 155 
HIS HE2  H N N 156 
HIS HXT  H N N 157 
ILE N    N N N 158 
ILE CA   C N S 159 
ILE C    C N N 160 
ILE O    O N N 161 
ILE CB   C N S 162 
ILE CG1  C N N 163 
ILE CG2  C N N 164 
ILE CD1  C N N 165 
ILE OXT  O N N 166 
ILE H    H N N 167 
ILE H2   H N N 168 
ILE HA   H N N 169 
ILE HB   H N N 170 
ILE HG12 H N N 171 
ILE HG13 H N N 172 
ILE HG21 H N N 173 
ILE HG22 H N N 174 
ILE HG23 H N N 175 
ILE HD11 H N N 176 
ILE HD12 H N N 177 
ILE HD13 H N N 178 
ILE HXT  H N N 179 
LEU N    N N N 180 
LEU CA   C N S 181 
LEU C    C N N 182 
LEU O    O N N 183 
LEU CB   C N N 184 
LEU CG   C N N 185 
LEU CD1  C N N 186 
LEU CD2  C N N 187 
LEU OXT  O N N 188 
LEU H    H N N 189 
LEU H2   H N N 190 
LEU HA   H N N 191 
LEU HB2  H N N 192 
LEU HB3  H N N 193 
LEU HG   H N N 194 
LEU HD11 H N N 195 
LEU HD12 H N N 196 
LEU HD13 H N N 197 
LEU HD21 H N N 198 
LEU HD22 H N N 199 
LEU HD23 H N N 200 
LEU HXT  H N N 201 
LYS N    N N N 202 
LYS CA   C N S 203 
LYS C    C N N 204 
LYS O    O N N 205 
LYS CB   C N N 206 
LYS CG   C N N 207 
LYS CD   C N N 208 
LYS CE   C N N 209 
LYS NZ   N N N 210 
LYS OXT  O N N 211 
LYS H    H N N 212 
LYS H2   H N N 213 
LYS HA   H N N 214 
LYS HB2  H N N 215 
LYS HB3  H N N 216 
LYS HG2  H N N 217 
LYS HG3  H N N 218 
LYS HD2  H N N 219 
LYS HD3  H N N 220 
LYS HE2  H N N 221 
LYS HE3  H N N 222 
LYS HZ1  H N N 223 
LYS HZ2  H N N 224 
LYS HZ3  H N N 225 
LYS HXT  H N N 226 
MET N    N N N 227 
MET CA   C N S 228 
MET C    C N N 229 
MET O    O N N 230 
MET CB   C N N 231 
MET CG   C N N 232 
MET SD   S N N 233 
MET CE   C N N 234 
MET OXT  O N N 235 
MET H    H N N 236 
MET H2   H N N 237 
MET HA   H N N 238 
MET HB2  H N N 239 
MET HB3  H N N 240 
MET HG2  H N N 241 
MET HG3  H N N 242 
MET HE1  H N N 243 
MET HE2  H N N 244 
MET HE3  H N N 245 
MET HXT  H N N 246 
PHE N    N N N 247 
PHE CA   C N S 248 
PHE C    C N N 249 
PHE O    O N N 250 
PHE CB   C N N 251 
PHE CG   C Y N 252 
PHE CD1  C Y N 253 
PHE CD2  C Y N 254 
PHE CE1  C Y N 255 
PHE CE2  C Y N 256 
PHE CZ   C Y N 257 
PHE OXT  O N N 258 
PHE H    H N N 259 
PHE H2   H N N 260 
PHE HA   H N N 261 
PHE HB2  H N N 262 
PHE HB3  H N N 263 
PHE HD1  H N N 264 
PHE HD2  H N N 265 
PHE HE1  H N N 266 
PHE HE2  H N N 267 
PHE HZ   H N N 268 
PHE HXT  H N N 269 
PRO N    N N N 270 
PRO CA   C N S 271 
PRO C    C N N 272 
PRO O    O N N 273 
PRO CB   C N N 274 
PRO CG   C N N 275 
PRO CD   C N N 276 
PRO OXT  O N N 277 
PRO H    H N N 278 
PRO HA   H N N 279 
PRO HB2  H N N 280 
PRO HB3  H N N 281 
PRO HG2  H N N 282 
PRO HG3  H N N 283 
PRO HD2  H N N 284 
PRO HD3  H N N 285 
PRO HXT  H N N 286 
SER N    N N N 287 
SER CA   C N S 288 
SER C    C N N 289 
SER O    O N N 290 
SER CB   C N N 291 
SER OG   O N N 292 
SER OXT  O N N 293 
SER H    H N N 294 
SER H2   H N N 295 
SER HA   H N N 296 
SER HB2  H N N 297 
SER HB3  H N N 298 
SER HG   H N N 299 
SER HXT  H N N 300 
THR N    N N N 301 
THR CA   C N S 302 
THR C    C N N 303 
THR O    O N N 304 
THR CB   C N R 305 
THR OG1  O N N 306 
THR CG2  C N N 307 
THR OXT  O N N 308 
THR H    H N N 309 
THR H2   H N N 310 
THR HA   H N N 311 
THR HB   H N N 312 
THR HG1  H N N 313 
THR HG21 H N N 314 
THR HG22 H N N 315 
THR HG23 H N N 316 
THR HXT  H N N 317 
TRP N    N N N 318 
TRP CA   C N S 319 
TRP C    C N N 320 
TRP O    O N N 321 
TRP CB   C N N 322 
TRP CG   C Y N 323 
TRP CD1  C Y N 324 
TRP CD2  C Y N 325 
TRP NE1  N Y N 326 
TRP CE2  C Y N 327 
TRP CE3  C Y N 328 
TRP CZ2  C Y N 329 
TRP CZ3  C Y N 330 
TRP CH2  C Y N 331 
TRP OXT  O N N 332 
TRP H    H N N 333 
TRP H2   H N N 334 
TRP HA   H N N 335 
TRP HB2  H N N 336 
TRP HB3  H N N 337 
TRP HD1  H N N 338 
TRP HE1  H N N 339 
TRP HE3  H N N 340 
TRP HZ2  H N N 341 
TRP HZ3  H N N 342 
TRP HH2  H N N 343 
TRP HXT  H N N 344 
TYR N    N N N 345 
TYR CA   C N S 346 
TYR C    C N N 347 
TYR O    O N N 348 
TYR CB   C N N 349 
TYR CG   C Y N 350 
TYR CD1  C Y N 351 
TYR CD2  C Y N 352 
TYR CE1  C Y N 353 
TYR CE2  C Y N 354 
TYR CZ   C Y N 355 
TYR OH   O N N 356 
TYR OXT  O N N 357 
TYR H    H N N 358 
TYR H2   H N N 359 
TYR HA   H N N 360 
TYR HB2  H N N 361 
TYR HB3  H N N 362 
TYR HD1  H N N 363 
TYR HD2  H N N 364 
TYR HE1  H N N 365 
TYR HE2  H N N 366 
TYR HH   H N N 367 
TYR HXT  H N N 368 
VAL N    N N N 369 
VAL CA   C N S 370 
VAL C    C N N 371 
VAL O    O N N 372 
VAL CB   C N N 373 
VAL CG1  C N N 374 
VAL CG2  C N N 375 
VAL OXT  O N N 376 
VAL H    H N N 377 
VAL H2   H N N 378 
VAL HA   H N N 379 
VAL HB   H N N 380 
VAL HG11 H N N 381 
VAL HG12 H N N 382 
VAL HG13 H N N 383 
VAL HG21 H N N 384 
VAL HG22 H N N 385 
VAL HG23 H N N 386 
VAL HXT  H N N 387 
# 
loop_
_chem_comp_bond.comp_id 
_chem_comp_bond.atom_id_1 
_chem_comp_bond.atom_id_2 
_chem_comp_bond.value_order 
_chem_comp_bond.pdbx_aromatic_flag 
_chem_comp_bond.pdbx_stereo_config 
_chem_comp_bond.pdbx_ordinal 
ALA N   CA   sing N N 1   
ALA N   H    sing N N 2   
ALA N   H2   sing N N 3   
ALA CA  C    sing N N 4   
ALA CA  CB   sing N N 5   
ALA CA  HA   sing N N 6   
ALA C   O    doub N N 7   
ALA C   OXT  sing N N 8   
ALA CB  HB1  sing N N 9   
ALA CB  HB2  sing N N 10  
ALA CB  HB3  sing N N 11  
ALA OXT HXT  sing N N 12  
ARG N   CA   sing N N 13  
ARG N   H    sing N N 14  
ARG N   H2   sing N N 15  
ARG CA  C    sing N N 16  
ARG CA  CB   sing N N 17  
ARG CA  HA   sing N N 18  
ARG C   O    doub N N 19  
ARG C   OXT  sing N N 20  
ARG CB  CG   sing N N 21  
ARG CB  HB2  sing N N 22  
ARG CB  HB3  sing N N 23  
ARG CG  CD   sing N N 24  
ARG CG  HG2  sing N N 25  
ARG CG  HG3  sing N N 26  
ARG CD  NE   sing N N 27  
ARG CD  HD2  sing N N 28  
ARG CD  HD3  sing N N 29  
ARG NE  CZ   sing N N 30  
ARG NE  HE   sing N N 31  
ARG CZ  NH1  sing N N 32  
ARG CZ  NH2  doub N N 33  
ARG NH1 HH11 sing N N 34  
ARG NH1 HH12 sing N N 35  
ARG NH2 HH21 sing N N 36  
ARG NH2 HH22 sing N N 37  
ARG OXT HXT  sing N N 38  
ASN N   CA   sing N N 39  
ASN N   H    sing N N 40  
ASN N   H2   sing N N 41  
ASN CA  C    sing N N 42  
ASN CA  CB   sing N N 43  
ASN CA  HA   sing N N 44  
ASN C   O    doub N N 45  
ASN C   OXT  sing N N 46  
ASN CB  CG   sing N N 47  
ASN CB  HB2  sing N N 48  
ASN CB  HB3  sing N N 49  
ASN CG  OD1  doub N N 50  
ASN CG  ND2  sing N N 51  
ASN ND2 HD21 sing N N 52  
ASN ND2 HD22 sing N N 53  
ASN OXT HXT  sing N N 54  
ASP N   CA   sing N N 55  
ASP N   H    sing N N 56  
ASP N   H2   sing N N 57  
ASP CA  C    sing N N 58  
ASP CA  CB   sing N N 59  
ASP CA  HA   sing N N 60  
ASP C   O    doub N N 61  
ASP C   OXT  sing N N 62  
ASP CB  CG   sing N N 63  
ASP CB  HB2  sing N N 64  
ASP CB  HB3  sing N N 65  
ASP CG  OD1  doub N N 66  
ASP CG  OD2  sing N N 67  
ASP OD2 HD2  sing N N 68  
ASP OXT HXT  sing N N 69  
CYS N   CA   sing N N 70  
CYS N   H    sing N N 71  
CYS N   H2   sing N N 72  
CYS CA  C    sing N N 73  
CYS CA  CB   sing N N 74  
CYS CA  HA   sing N N 75  
CYS C   O    doub N N 76  
CYS C   OXT  sing N N 77  
CYS CB  SG   sing N N 78  
CYS CB  HB2  sing N N 79  
CYS CB  HB3  sing N N 80  
CYS SG  HG   sing N N 81  
CYS OXT HXT  sing N N 82  
GLN N   CA   sing N N 83  
GLN N   H    sing N N 84  
GLN N   H2   sing N N 85  
GLN CA  C    sing N N 86  
GLN CA  CB   sing N N 87  
GLN CA  HA   sing N N 88  
GLN C   O    doub N N 89  
GLN C   OXT  sing N N 90  
GLN CB  CG   sing N N 91  
GLN CB  HB2  sing N N 92  
GLN CB  HB3  sing N N 93  
GLN CG  CD   sing N N 94  
GLN CG  HG2  sing N N 95  
GLN CG  HG3  sing N N 96  
GLN CD  OE1  doub N N 97  
GLN CD  NE2  sing N N 98  
GLN NE2 HE21 sing N N 99  
GLN NE2 HE22 sing N N 100 
GLN OXT HXT  sing N N 101 
GLU N   CA   sing N N 102 
GLU N   H    sing N N 103 
GLU N   H2   sing N N 104 
GLU CA  C    sing N N 105 
GLU CA  CB   sing N N 106 
GLU CA  HA   sing N N 107 
GLU C   O    doub N N 108 
GLU C   OXT  sing N N 109 
GLU CB  CG   sing N N 110 
GLU CB  HB2  sing N N 111 
GLU CB  HB3  sing N N 112 
GLU CG  CD   sing N N 113 
GLU CG  HG2  sing N N 114 
GLU CG  HG3  sing N N 115 
GLU CD  OE1  doub N N 116 
GLU CD  OE2  sing N N 117 
GLU OE2 HE2  sing N N 118 
GLU OXT HXT  sing N N 119 
GLY N   CA   sing N N 120 
GLY N   H    sing N N 121 
GLY N   H2   sing N N 122 
GLY CA  C    sing N N 123 
GLY CA  HA2  sing N N 124 
GLY CA  HA3  sing N N 125 
GLY C   O    doub N N 126 
GLY C   OXT  sing N N 127 
GLY OXT HXT  sing N N 128 
HIS N   CA   sing N N 129 
HIS N   H    sing N N 130 
HIS N   H2   sing N N 131 
HIS CA  C    sing N N 132 
HIS CA  CB   sing N N 133 
HIS CA  HA   sing N N 134 
HIS C   O    doub N N 135 
HIS C   OXT  sing N N 136 
HIS CB  CG   sing N N 137 
HIS CB  HB2  sing N N 138 
HIS CB  HB3  sing N N 139 
HIS CG  ND1  sing Y N 140 
HIS CG  CD2  doub Y N 141 
HIS ND1 CE1  doub Y N 142 
HIS ND1 HD1  sing N N 143 
HIS CD2 NE2  sing Y N 144 
HIS CD2 HD2  sing N N 145 
HIS CE1 NE2  sing Y N 146 
HIS CE1 HE1  sing N N 147 
HIS NE2 HE2  sing N N 148 
HIS OXT HXT  sing N N 149 
ILE N   CA   sing N N 150 
ILE N   H    sing N N 151 
ILE N   H2   sing N N 152 
ILE CA  C    sing N N 153 
ILE CA  CB   sing N N 154 
ILE CA  HA   sing N N 155 
ILE C   O    doub N N 156 
ILE C   OXT  sing N N 157 
ILE CB  CG1  sing N N 158 
ILE CB  CG2  sing N N 159 
ILE CB  HB   sing N N 160 
ILE CG1 CD1  sing N N 161 
ILE CG1 HG12 sing N N 162 
ILE CG1 HG13 sing N N 163 
ILE CG2 HG21 sing N N 164 
ILE CG2 HG22 sing N N 165 
ILE CG2 HG23 sing N N 166 
ILE CD1 HD11 sing N N 167 
ILE CD1 HD12 sing N N 168 
ILE CD1 HD13 sing N N 169 
ILE OXT HXT  sing N N 170 
LEU N   CA   sing N N 171 
LEU N   H    sing N N 172 
LEU N   H2   sing N N 173 
LEU CA  C    sing N N 174 
LEU CA  CB   sing N N 175 
LEU CA  HA   sing N N 176 
LEU C   O    doub N N 177 
LEU C   OXT  sing N N 178 
LEU CB  CG   sing N N 179 
LEU CB  HB2  sing N N 180 
LEU CB  HB3  sing N N 181 
LEU CG  CD1  sing N N 182 
LEU CG  CD2  sing N N 183 
LEU CG  HG   sing N N 184 
LEU CD1 HD11 sing N N 185 
LEU CD1 HD12 sing N N 186 
LEU CD1 HD13 sing N N 187 
LEU CD2 HD21 sing N N 188 
LEU CD2 HD22 sing N N 189 
LEU CD2 HD23 sing N N 190 
LEU OXT HXT  sing N N 191 
LYS N   CA   sing N N 192 
LYS N   H    sing N N 193 
LYS N   H2   sing N N 194 
LYS CA  C    sing N N 195 
LYS CA  CB   sing N N 196 
LYS CA  HA   sing N N 197 
LYS C   O    doub N N 198 
LYS C   OXT  sing N N 199 
LYS CB  CG   sing N N 200 
LYS CB  HB2  sing N N 201 
LYS CB  HB3  sing N N 202 
LYS CG  CD   sing N N 203 
LYS CG  HG2  sing N N 204 
LYS CG  HG3  sing N N 205 
LYS CD  CE   sing N N 206 
LYS CD  HD2  sing N N 207 
LYS CD  HD3  sing N N 208 
LYS CE  NZ   sing N N 209 
LYS CE  HE2  sing N N 210 
LYS CE  HE3  sing N N 211 
LYS NZ  HZ1  sing N N 212 
LYS NZ  HZ2  sing N N 213 
LYS NZ  HZ3  sing N N 214 
LYS OXT HXT  sing N N 215 
MET N   CA   sing N N 216 
MET N   H    sing N N 217 
MET N   H2   sing N N 218 
MET CA  C    sing N N 219 
MET CA  CB   sing N N 220 
MET CA  HA   sing N N 221 
MET C   O    doub N N 222 
MET C   OXT  sing N N 223 
MET CB  CG   sing N N 224 
MET CB  HB2  sing N N 225 
MET CB  HB3  sing N N 226 
MET CG  SD   sing N N 227 
MET CG  HG2  sing N N 228 
MET CG  HG3  sing N N 229 
MET SD  CE   sing N N 230 
MET CE  HE1  sing N N 231 
MET CE  HE2  sing N N 232 
MET CE  HE3  sing N N 233 
MET OXT HXT  sing N N 234 
PHE N   CA   sing N N 235 
PHE N   H    sing N N 236 
PHE N   H2   sing N N 237 
PHE CA  C    sing N N 238 
PHE CA  CB   sing N N 239 
PHE CA  HA   sing N N 240 
PHE C   O    doub N N 241 
PHE C   OXT  sing N N 242 
PHE CB  CG   sing N N 243 
PHE CB  HB2  sing N N 244 
PHE CB  HB3  sing N N 245 
PHE CG  CD1  doub Y N 246 
PHE CG  CD2  sing Y N 247 
PHE CD1 CE1  sing Y N 248 
PHE CD1 HD1  sing N N 249 
PHE CD2 CE2  doub Y N 250 
PHE CD2 HD2  sing N N 251 
PHE CE1 CZ   doub Y N 252 
PHE CE1 HE1  sing N N 253 
PHE CE2 CZ   sing Y N 254 
PHE CE2 HE2  sing N N 255 
PHE CZ  HZ   sing N N 256 
PHE OXT HXT  sing N N 257 
PRO N   CA   sing N N 258 
PRO N   CD   sing N N 259 
PRO N   H    sing N N 260 
PRO CA  C    sing N N 261 
PRO CA  CB   sing N N 262 
PRO CA  HA   sing N N 263 
PRO C   O    doub N N 264 
PRO C   OXT  sing N N 265 
PRO CB  CG   sing N N 266 
PRO CB  HB2  sing N N 267 
PRO CB  HB3  sing N N 268 
PRO CG  CD   sing N N 269 
PRO CG  HG2  sing N N 270 
PRO CG  HG3  sing N N 271 
PRO CD  HD2  sing N N 272 
PRO CD  HD3  sing N N 273 
PRO OXT HXT  sing N N 274 
SER N   CA   sing N N 275 
SER N   H    sing N N 276 
SER N   H2   sing N N 277 
SER CA  C    sing N N 278 
SER CA  CB   sing N N 279 
SER CA  HA   sing N N 280 
SER C   O    doub N N 281 
SER C   OXT  sing N N 282 
SER CB  OG   sing N N 283 
SER CB  HB2  sing N N 284 
SER CB  HB3  sing N N 285 
SER OG  HG   sing N N 286 
SER OXT HXT  sing N N 287 
THR N   CA   sing N N 288 
THR N   H    sing N N 289 
THR N   H2   sing N N 290 
THR CA  C    sing N N 291 
THR CA  CB   sing N N 292 
THR CA  HA   sing N N 293 
THR C   O    doub N N 294 
THR C   OXT  sing N N 295 
THR CB  OG1  sing N N 296 
THR CB  CG2  sing N N 297 
THR CB  HB   sing N N 298 
THR OG1 HG1  sing N N 299 
THR CG2 HG21 sing N N 300 
THR CG2 HG22 sing N N 301 
THR CG2 HG23 sing N N 302 
THR OXT HXT  sing N N 303 
TRP N   CA   sing N N 304 
TRP N   H    sing N N 305 
TRP N   H2   sing N N 306 
TRP CA  C    sing N N 307 
TRP CA  CB   sing N N 308 
TRP CA  HA   sing N N 309 
TRP C   O    doub N N 310 
TRP C   OXT  sing N N 311 
TRP CB  CG   sing N N 312 
TRP CB  HB2  sing N N 313 
TRP CB  HB3  sing N N 314 
TRP CG  CD1  doub Y N 315 
TRP CG  CD2  sing Y N 316 
TRP CD1 NE1  sing Y N 317 
TRP CD1 HD1  sing N N 318 
TRP CD2 CE2  doub Y N 319 
TRP CD2 CE3  sing Y N 320 
TRP NE1 CE2  sing Y N 321 
TRP NE1 HE1  sing N N 322 
TRP CE2 CZ2  sing Y N 323 
TRP CE3 CZ3  doub Y N 324 
TRP CE3 HE3  sing N N 325 
TRP CZ2 CH2  doub Y N 326 
TRP CZ2 HZ2  sing N N 327 
TRP CZ3 CH2  sing Y N 328 
TRP CZ3 HZ3  sing N N 329 
TRP CH2 HH2  sing N N 330 
TRP OXT HXT  sing N N 331 
TYR N   CA   sing N N 332 
TYR N   H    sing N N 333 
TYR N   H2   sing N N 334 
TYR CA  C    sing N N 335 
TYR CA  CB   sing N N 336 
TYR CA  HA   sing N N 337 
TYR C   O    doub N N 338 
TYR C   OXT  sing N N 339 
TYR CB  CG   sing N N 340 
TYR CB  HB2  sing N N 341 
TYR CB  HB3  sing N N 342 
TYR CG  CD1  doub Y N 343 
TYR CG  CD2  sing Y N 344 
TYR CD1 CE1  sing Y N 345 
TYR CD1 HD1  sing N N 346 
TYR CD2 CE2  doub Y N 347 
TYR CD2 HD2  sing N N 348 
TYR CE1 CZ   doub Y N 349 
TYR CE1 HE1  sing N N 350 
TYR CE2 CZ   sing Y N 351 
TYR CE2 HE2  sing N N 352 
TYR CZ  OH   sing N N 353 
TYR OH  HH   sing N N 354 
TYR OXT HXT  sing N N 355 
VAL N   CA   sing N N 356 
VAL N   H    sing N N 357 
VAL N   H2   sing N N 358 
VAL CA  C    sing N N 359 
VAL CA  CB   sing N N 360 
VAL CA  HA   sing N N 361 
VAL C   O    doub N N 362 
VAL C   OXT  sing N N 363 
VAL CB  CG1  sing N N 364 
VAL CB  CG2  sing N N 365 
VAL CB  HB   sing N N 366 
VAL CG1 HG11 sing N N 367 
VAL CG1 HG12 sing N N 368 
VAL CG1 HG13 sing N N 369 
VAL CG2 HG21 sing N N 370 
VAL CG2 HG22 sing N N 371 
VAL CG2 HG23 sing N N 372 
VAL OXT HXT  sing N N 373 
# 
_atom_sites.entry_id                    1PFC 
_atom_sites.fract_transf_matrix[1][1]   0.01379280 
_atom_sites.fract_transf_matrix[1][2]   -0.00903241 
_atom_sites.fract_transf_matrix[1][3]   -0.00086847 
_atom_sites.fract_transf_matrix[2][1]   -0.00766238 
_atom_sites.fract_transf_matrix[2][2]   -0.01074707 
_atom_sites.fract_transf_matrix[2][3]   -0.00991809 
_atom_sites.fract_transf_matrix[3][1]   0.00215627 
_atom_sites.fract_transf_matrix[3][2]   0.00385446 
_atom_sites.fract_transf_matrix[3][3]   -0.00584248 
_atom_sites.fract_transf_vector[1]      0.621804 
_atom_sites.fract_transf_vector[2]      0.059344 
_atom_sites.fract_transf_vector[3]      0.135086 
# 
loop_
_atom_type.symbol 
C 
N 
O 
S 
# 
loop_
_atom_site.group_PDB 
_atom_site.id 
_atom_site.type_symbol 
_atom_site.label_atom_id 
_atom_site.label_alt_id 
_atom_site.label_comp_id 
_atom_site.label_asym_id 
_atom_site.label_entity_id 
_atom_site.label_seq_id 
_atom_site.pdbx_PDB_ins_code 
_atom_site.Cartn_x 
_atom_site.Cartn_y 
_atom_site.Cartn_z 
_atom_site.occupancy 
_atom_site.B_iso_or_equiv 
_atom_site.pdbx_formal_charge 
_atom_site.auth_seq_id 
_atom_site.auth_comp_id 
_atom_site.auth_asym_id 
_atom_site.auth_atom_id 
_atom_site.pdbx_PDB_model_num 
ATOM 1   N N   . ARG A 1 3   ? 20.507  5.380   -16.202 1.00 31.01 ? 334 ARG A N   1 
ATOM 2   C CA  . ARG A 1 3   ? 19.390  5.798   -15.342 1.00 32.55 ? 334 ARG A CA  1 
ATOM 3   C C   . ARG A 1 3   ? 19.505  5.257   -13.903 1.00 32.60 ? 334 ARG A C   1 
ATOM 4   O O   . ARG A 1 3   ? 18.843  4.273   -13.547 1.00 32.44 ? 334 ARG A O   1 
ATOM 5   C CB  . ARG A 1 3   ? 18.003  5.359   -15.893 1.00 32.69 ? 334 ARG A CB  1 
ATOM 6   C CG  . ARG A 1 3   ? 16.883  5.751   -14.823 1.00 32.03 ? 334 ARG A CG  1 
ATOM 7   C CD  . ARG A 1 3   ? 15.584  5.926   -15.657 1.00 31.08 ? 334 ARG A CD  1 
ATOM 8   N NE  . ARG A 1 3   ? 14.545  6.217   -14.813 1.00 29.65 ? 334 ARG A NE  1 
ATOM 9   C CZ  . ARG A 1 3   ? 13.327  6.443   -14.596 1.00 29.77 ? 334 ARG A CZ  1 
ATOM 10  N NH1 . ARG A 1 3   ? 12.297  6.538   -15.434 1.00 29.83 ? 334 ARG A NH1 1 
ATOM 11  N NH2 . ARG A 1 3   ? 13.058  6.568   -13.286 1.00 29.87 ? 334 ARG A NH2 1 
ATOM 12  N N   . THR A 1 4   ? 20.290  5.983   -13.102 1.00 32.88 ? 335 THR A N   1 
ATOM 13  C CA  . THR A 1 4   ? 20.640  5.610   -11.747 1.00 32.71 ? 335 THR A CA  1 
ATOM 14  C C   . THR A 1 4   ? 21.438  6.648   -11.072 1.00 31.94 ? 335 THR A C   1 
ATOM 15  O O   . THR A 1 4   ? 22.143  7.349   -11.830 1.00 31.03 ? 335 THR A O   1 
ATOM 16  C CB  . THR A 1 4   ? 21.667  4.351   -12.108 1.00 33.98 ? 335 THR A CB  1 
ATOM 17  O OG1 . THR A 1 4   ? 22.433  3.769   -11.043 1.00 33.80 ? 335 THR A OG1 1 
ATOM 18  C CG2 . THR A 1 4   ? 22.529  4.818   -13.338 1.00 34.09 ? 335 THR A CG2 1 
ATOM 19  N N   . ILE A 1 5   ? 21.340  6.711   -9.739  1.00 31.93 ? 336 ILE A N   1 
ATOM 20  C CA  . ILE A 1 5   ? 22.216  7.705   -8.990  1.00 31.32 ? 336 ILE A CA  1 
ATOM 21  C C   . ILE A 1 5   ? 22.531  7.127   -7.616  1.00 31.01 ? 336 ILE A C   1 
ATOM 22  O O   . ILE A 1 5   ? 22.926  5.880   -7.546  1.00 31.50 ? 336 ILE A O   1 
ATOM 23  C CB  . ILE A 1 5   ? 21.775  9.155   -9.166  1.00 31.07 ? 336 ILE A CB  1 
ATOM 24  C CG1 . ILE A 1 5   ? 21.841  9.600   -10.692 1.00 29.67 ? 336 ILE A CG1 1 
ATOM 25  C CG2 . ILE A 1 5   ? 22.598  10.219  -8.323  1.00 31.61 ? 336 ILE A CG2 1 
ATOM 26  C CD1 . ILE A 1 5   ? 20.584  10.417  -11.127 1.00 28.12 ? 336 ILE A CD1 1 
ATOM 27  N N   . SER A 1 6   ? 22.500  7.895   -6.600  1.00 30.04 ? 337 SER A N   1 
ATOM 28  C CA  . SER A 1 6   ? 22.759  7.480   -5.174  1.00 29.86 ? 337 SER A CA  1 
ATOM 29  C C   . SER A 1 6   ? 21.942  8.523   -4.424  1.00 31.33 ? 337 SER A C   1 
ATOM 30  O O   . SER A 1 6   ? 20.700  8.637   -4.686  1.00 31.84 ? 337 SER A O   1 
ATOM 31  C CB  . SER A 1 6   ? 24.231  7.432   -4.960  1.00 27.88 ? 337 SER A CB  1 
ATOM 32  O OG  . SER A 1 6   ? 24.818  6.618   -5.949  1.00 26.02 ? 337 SER A OG  1 
ATOM 33  N N   . LYS A 1 7   ? 22.546  9.292   -3.542  1.00 32.92 ? 338 LYS A N   1 
ATOM 34  C CA  . LYS A 1 7   ? 21.890  10.400  -2.909  1.00 33.47 ? 338 LYS A CA  1 
ATOM 35  C C   . LYS A 1 7   ? 22.309  11.193  -1.699  1.00 33.39 ? 338 LYS A C   1 
ATOM 36  O O   . LYS A 1 7   ? 23.386  11.270  -1.111  1.00 31.98 ? 338 LYS A O   1 
ATOM 37  C CB  . LYS A 1 7   ? 20.358  10.367  -3.065  1.00 34.02 ? 338 LYS A CB  1 
ATOM 38  C CG  . LYS A 1 7   ? 20.039  11.028  -4.478  1.00 34.48 ? 338 LYS A CG  1 
ATOM 39  C CD  . LYS A 1 7   ? 20.280  12.535  -4.385  1.00 35.45 ? 338 LYS A CD  1 
ATOM 40  C CE  . LYS A 1 7   ? 19.212  13.324  -5.109  1.00 36.58 ? 338 LYS A CE  1 
ATOM 41  N NZ  . LYS A 1 7   ? 19.432  13.642  -6.539  1.00 36.58 ? 338 LYS A NZ  1 
ATOM 42  N N   . ALA A 1 8   ? 21.267  12.010  -1.411  1.00 33.77 ? 339 ALA A N   1 
ATOM 43  C CA  . ALA A 1 8   ? 21.173  13.073  -0.496  1.00 34.84 ? 339 ALA A CA  1 
ATOM 44  C C   . ALA A 1 8   ? 20.962  13.234  0.982   1.00 34.93 ? 339 ALA A C   1 
ATOM 45  O O   . ALA A 1 8   ? 21.817  13.621  1.856   1.00 34.15 ? 339 ALA A O   1 
ATOM 46  C CB  . ALA A 1 8   ? 19.893  13.779  -1.205  1.00 35.09 ? 339 ALA A CB  1 
ATOM 47  N N   . LYS A 1 9   ? 19.707  13.040  1.251   1.00 35.76 ? 340 LYS A N   1 
ATOM 48  C CA  . LYS A 1 9   ? 19.038  13.101  2.586   1.00 36.01 ? 340 LYS A CA  1 
ATOM 49  C C   . LYS A 1 9   ? 18.833  11.602  2.909   1.00 36.04 ? 340 LYS A C   1 
ATOM 50  O O   . LYS A 1 9   ? 18.985  11.000  3.955   1.00 34.78 ? 340 LYS A O   1 
ATOM 51  C CB  . LYS A 1 9   ? 17.813  13.947  2.396   1.00 35.57 ? 340 LYS A CB  1 
ATOM 52  C CG  . LYS A 1 9   ? 17.058  13.821  1.045   1.00 34.49 ? 340 LYS A CG  1 
ATOM 53  C CD  . LYS A 1 9   ? 16.701  15.198  0.560   1.00 34.75 ? 340 LYS A CD  1 
ATOM 54  C CE  . LYS A 1 9   ? 17.741  16.069  -0.035  1.00 35.25 ? 340 LYS A CE  1 
ATOM 55  N NZ  . LYS A 1 9   ? 18.283  17.221  0.753   1.00 35.30 ? 340 LYS A NZ  1 
ATOM 56  N N   . GLY A 1 10  ? 18.527  10.940  1.770   1.00 36.92 ? 341 GLY A N   1 
ATOM 57  C CA  . GLY A 1 10  ? 18.303  9.599   1.747   1.00 39.81 ? 341 GLY A CA  1 
ATOM 58  C C   . GLY A 1 10  ? 17.253  8.810   1.065   1.00 41.93 ? 341 GLY A C   1 
ATOM 59  O O   . GLY A 1 10  ? 16.123  8.502   1.587   1.00 42.42 ? 341 GLY A O   1 
ATOM 60  N N   . PRO A 1 11  ? 17.666  8.389   -0.166  1.00 42.58 ? 342 PRO A N   1 
ATOM 61  C CA  . PRO A 1 11  ? 16.791  7.526   -0.934  1.00 42.36 ? 342 PRO A CA  1 
ATOM 62  C C   . PRO A 1 11  ? 16.470  6.260   -0.111  1.00 42.16 ? 342 PRO A C   1 
ATOM 63  O O   . PRO A 1 11  ? 15.353  6.069   0.387   1.00 41.68 ? 342 PRO A O   1 
ATOM 64  C CB  . PRO A 1 11  ? 17.546  7.286   -2.232  1.00 42.23 ? 342 PRO A CB  1 
ATOM 65  C CG  . PRO A 1 11  ? 18.929  7.837   -2.070  1.00 42.11 ? 342 PRO A CG  1 
ATOM 66  C CD  . PRO A 1 11  ? 18.947  8.681   -0.821  1.00 42.14 ? 342 PRO A CD  1 
ATOM 67  N N   . PRO A 1 12  ? 17.482  5.423   0.075   1.00 42.19 ? 343 PRO A N   1 
ATOM 68  C CA  . PRO A 1 12  ? 17.459  4.118   0.679   1.00 41.63 ? 343 PRO A CA  1 
ATOM 69  C C   . PRO A 1 12  ? 17.094  3.744   2.066   1.00 40.72 ? 343 PRO A C   1 
ATOM 70  O O   . PRO A 1 12  ? 16.676  2.572   2.276   1.00 40.37 ? 343 PRO A O   1 
ATOM 71  C CB  . PRO A 1 12  ? 18.956  3.592   0.423   1.00 42.00 ? 343 PRO A CB  1 
ATOM 72  C CG  . PRO A 1 12  ? 19.706  4.959   0.496   1.00 42.11 ? 343 PRO A CG  1 
ATOM 73  C CD  . PRO A 1 12  ? 18.852  5.674   -0.548  1.00 42.18 ? 343 PRO A CD  1 
ATOM 74  N N   . ARG A 1 13  ? 17.216  4.587   3.061   1.00 39.90 ? 344 ARG A N   1 
ATOM 75  C CA  . ARG A 1 13  ? 16.910  4.256   4.430   1.00 39.09 ? 344 ARG A CA  1 
ATOM 76  C C   . ARG A 1 13  ? 15.755  4.996   5.097   1.00 39.08 ? 344 ARG A C   1 
ATOM 77  O O   . ARG A 1 13  ? 15.772  6.181   5.317   1.00 38.67 ? 344 ARG A O   1 
ATOM 78  C CB  . ARG A 1 13  ? 18.167  4.356   5.279   1.00 38.49 ? 344 ARG A CB  1 
ATOM 79  C CG  . ARG A 1 13  ? 19.229  5.295   5.273   1.00 38.55 ? 344 ARG A CG  1 
ATOM 80  C CD  . ARG A 1 13  ? 19.357  6.567   4.600   1.00 38.94 ? 344 ARG A CD  1 
ATOM 81  N NE  . ARG A 1 13  ? 18.232  7.520   4.610   1.00 38.54 ? 344 ARG A NE  1 
ATOM 82  C CZ  . ARG A 1 13  ? 17.239  7.553   3.699   1.00 37.30 ? 344 ARG A CZ  1 
ATOM 83  N NH1 . ARG A 1 13  ? 17.290  6.718   2.629   1.00 36.31 ? 344 ARG A NH1 1 
ATOM 84  N NH2 . ARG A 1 13  ? 16.241  8.431   3.892   1.00 36.06 ? 344 ARG A NH2 1 
ATOM 85  N N   . ILE A 1 14  ? 14.767  4.246   5.486   1.00 39.58 ? 345 ILE A N   1 
ATOM 86  C CA  . ILE A 1 14  ? 13.517  4.349   6.197   1.00 39.72 ? 345 ILE A CA  1 
ATOM 87  C C   . ILE A 1 14  ? 12.788  2.999   5.936   1.00 40.24 ? 345 ILE A C   1 
ATOM 88  O O   . ILE A 1 14  ? 11.982  2.860   5.035   1.00 39.59 ? 345 ILE A O   1 
ATOM 89  C CB  . ILE A 1 14  ? 12.757  5.671   6.035   1.00 39.57 ? 345 ILE A CB  1 
ATOM 90  C CG1 . ILE A 1 14  ? 13.481  6.760   6.957   1.00 39.13 ? 345 ILE A CG1 1 
ATOM 91  C CG2 . ILE A 1 14  ? 11.258  5.665   6.387   1.00 39.58 ? 345 ILE A CG2 1 
ATOM 92  C CD1 . ILE A 1 14  ? 12.864  8.175   6.821   1.00 38.20 ? 345 ILE A CD1 1 
ATOM 93  N N   . PRO A 1 15  ? 13.151  2.009   6.807   1.00 41.17 ? 346 PRO A N   1 
ATOM 94  C CA  . PRO A 1 15  ? 12.743  0.612   6.791   1.00 41.43 ? 346 PRO A CA  1 
ATOM 95  C C   . PRO A 1 15  ? 11.496  -0.041  7.335   1.00 42.01 ? 346 PRO A C   1 
ATOM 96  O O   . PRO A 1 15  ? 11.500  -0.914  8.286   1.00 41.66 ? 346 PRO A O   1 
ATOM 97  C CB  . PRO A 1 15  ? 13.965  0.001   7.554   1.00 41.51 ? 346 PRO A CB  1 
ATOM 98  C CG  . PRO A 1 15  ? 15.028  1.090   7.686   1.00 40.81 ? 346 PRO A CG  1 
ATOM 99  C CD  . PRO A 1 15  ? 14.186  2.281   7.887   1.00 40.83 ? 346 PRO A CD  1 
ATOM 100 N N   . GLU A 1 16  ? 10.322  0.316   6.772   1.00 42.71 ? 347 GLU A N   1 
ATOM 101 C CA  . GLU A 1 16  ? 8.977   -0.182  7.191   1.00 42.68 ? 347 GLU A CA  1 
ATOM 102 C C   . GLU A 1 16  ? 7.861   -0.148  6.167   1.00 41.83 ? 347 GLU A C   1 
ATOM 103 O O   . GLU A 1 16  ? 7.782   0.584   5.103   1.00 41.04 ? 347 GLU A O   1 
ATOM 104 C CB  . GLU A 1 16  ? 8.740   0.319   8.655   1.00 43.60 ? 347 GLU A CB  1 
ATOM 105 C CG  . GLU A 1 16  ? 9.749   -0.171  9.717   1.00 44.26 ? 347 GLU A CG  1 
ATOM 106 C CD  . GLU A 1 16  ? 10.487  0.615   10.750  1.00 44.54 ? 347 GLU A CD  1 
ATOM 107 O OE1 . GLU A 1 16  ? 10.310  0.781   11.977  1.00 43.48 ? 347 GLU A OE1 1 
ATOM 108 O OE2 . GLU A 1 16  ? 11.523  1.174   10.216  1.00 44.77 ? 347 GLU A OE2 1 
ATOM 109 N N   . VAL A 1 17  ? 6.815   -0.923  6.367   1.00 41.10 ? 348 VAL A N   1 
ATOM 110 C CA  . VAL A 1 17  ? 5.599   -1.507  5.931   1.00 40.26 ? 348 VAL A CA  1 
ATOM 111 C C   . VAL A 1 17  ? 4.289   -1.283  6.754   1.00 39.37 ? 348 VAL A C   1 
ATOM 112 O O   . VAL A 1 17  ? 4.419   -1.142  7.968   1.00 39.63 ? 348 VAL A O   1 
ATOM 113 C CB  . VAL A 1 17  ? 5.644   -3.095  6.015   1.00 40.26 ? 348 VAL A CB  1 
ATOM 114 C CG1 . VAL A 1 17  ? 4.874   -3.735  4.915   1.00 39.72 ? 348 VAL A CG1 1 
ATOM 115 C CG2 . VAL A 1 17  ? 7.053   -3.614  6.263   1.00 40.73 ? 348 VAL A CG2 1 
ATOM 116 N N   . TYR A 1 18  ? 3.109   -1.206  6.148   1.00 38.20 ? 349 TYR A N   1 
ATOM 117 C CA  . TYR A 1 18  ? 1.828   -0.901  6.786   1.00 37.80 ? 349 TYR A CA  1 
ATOM 118 C C   . TYR A 1 18  ? 0.428   -1.491  6.569   1.00 37.28 ? 349 TYR A C   1 
ATOM 119 O O   . TYR A 1 18  ? -0.058  -1.959  5.424   1.00 37.56 ? 349 TYR A O   1 
ATOM 120 C CB  . TYR A 1 18  ? 1.565   0.730   6.543   1.00 37.20 ? 349 TYR A CB  1 
ATOM 121 C CG  . TYR A 1 18  ? 2.776   1.297   7.218   1.00 37.44 ? 349 TYR A CG  1 
ATOM 122 C CD1 . TYR A 1 18  ? 3.838   1.904   6.547   1.00 37.72 ? 349 TYR A CD1 1 
ATOM 123 C CD2 . TYR A 1 18  ? 2.885   1.074   8.588   1.00 37.70 ? 349 TYR A CD2 1 
ATOM 124 C CE1 . TYR A 1 18  ? 4.997   2.334   7.199   1.00 37.12 ? 349 TYR A CE1 1 
ATOM 125 C CE2 . TYR A 1 18  ? 4.041   1.537   9.241   1.00 38.07 ? 349 TYR A CE2 1 
ATOM 126 C CZ  . TYR A 1 18  ? 5.085   2.151   8.558   1.00 37.13 ? 349 TYR A CZ  1 
ATOM 127 O OH  . TYR A 1 18  ? 6.111   2.499   9.357   1.00 36.85 ? 349 TYR A OH  1 
ATOM 128 N N   . LEU A 1 19  ? -0.403  -1.380  7.642   1.00 34.70 ? 350 LEU A N   1 
ATOM 129 C CA  . LEU A 1 19  ? -1.751  -1.867  7.547   1.00 33.90 ? 350 LEU A CA  1 
ATOM 130 C C   . LEU A 1 19  ? -2.844  -0.869  7.943   1.00 33.38 ? 350 LEU A C   1 
ATOM 131 O O   . LEU A 1 19  ? -2.497  -0.050  8.859   1.00 32.42 ? 350 LEU A O   1 
ATOM 132 C CB  . LEU A 1 19  ? -1.939  -3.007  8.592   1.00 34.42 ? 350 LEU A CB  1 
ATOM 133 C CG  . LEU A 1 19  ? -1.041  -3.979  9.253   1.00 33.28 ? 350 LEU A CG  1 
ATOM 134 C CD1 . LEU A 1 19  ? -0.441  -3.487  10.559  1.00 32.83 ? 350 LEU A CD1 1 
ATOM 135 C CD2 . LEU A 1 19  ? -1.886  -5.224  9.448   1.00 32.41 ? 350 LEU A CD2 1 
ATOM 136 N N   . LEU A 1 20  ? -4.015  -1.000  7.261   1.00 33.38 ? 351 LEU A N   1 
ATOM 137 C CA  . LEU A 1 20  ? -5.089  -0.031  7.827   1.00 33.01 ? 351 LEU A CA  1 
ATOM 138 C C   . LEU A 1 20  ? -6.463  -0.665  7.612   1.00 33.25 ? 351 LEU A C   1 
ATOM 139 O O   . LEU A 1 20  ? -7.168  -0.163  6.746   1.00 33.39 ? 351 LEU A O   1 
ATOM 140 C CB  . LEU A 1 20  ? -4.898  1.370   7.417   1.00 32.49 ? 351 LEU A CB  1 
ATOM 141 C CG  . LEU A 1 20  ? -4.383  1.945   6.142   1.00 32.48 ? 351 LEU A CG  1 
ATOM 142 C CD1 . LEU A 1 20  ? -5.453  2.555   5.260   1.00 32.67 ? 351 LEU A CD1 1 
ATOM 143 C CD2 . LEU A 1 20  ? -3.322  3.041   6.462   1.00 32.27 ? 351 LEU A CD2 1 
ATOM 144 N N   . PRO A 1 21  ? -6.830  -1.698  8.381   1.00 33.04 ? 352 PRO A N   1 
ATOM 145 C CA  . PRO A 1 21  ? -8.073  -2.456  8.216   1.00 32.66 ? 352 PRO A CA  1 
ATOM 146 C C   . PRO A 1 21  ? -9.412  -2.057  8.803   1.00 31.84 ? 352 PRO A C   1 
ATOM 147 O O   . PRO A 1 21  ? -9.559  -1.651  9.956   1.00 31.92 ? 352 PRO A O   1 
ATOM 148 C CB  . PRO A 1 21  ? -7.745  -3.850  8.826   1.00 32.68 ? 352 PRO A CB  1 
ATOM 149 C CG  . PRO A 1 21  ? -6.814  -3.450  9.938   1.00 32.97 ? 352 PRO A CG  1 
ATOM 150 C CD  . PRO A 1 21  ? -5.940  -2.306  9.398   1.00 32.65 ? 352 PRO A CD  1 
ATOM 151 N N   . PRO A 1 22  ? -10.467 -2.256  7.987   1.00 30.36 ? 353 PRO A N   1 
ATOM 152 C CA  . PRO A 1 22  ? -11.820 -1.923  8.284   1.00 29.55 ? 353 PRO A CA  1 
ATOM 153 C C   . PRO A 1 22  ? -12.353 -1.852  9.705   1.00 29.42 ? 353 PRO A C   1 
ATOM 154 O O   . PRO A 1 22  ? -13.203 -2.669  10.168  1.00 28.63 ? 353 PRO A O   1 
ATOM 155 C CB  . PRO A 1 22  ? -12.646 -2.798  7.356   1.00 29.39 ? 353 PRO A CB  1 
ATOM 156 C CG  . PRO A 1 22  ? -11.761 -2.953  6.169   1.00 29.59 ? 353 PRO A CG  1 
ATOM 157 C CD  . PRO A 1 22  ? -10.341 -2.754  6.593   1.00 29.71 ? 353 PRO A CD  1 
ATOM 158 N N   . PRO A 1 23  ? -11.931 -0.731  10.367  1.00 29.24 ? 354 PRO A N   1 
ATOM 159 C CA  . PRO A 1 23  ? -12.305 -0.279  11.667  1.00 28.48 ? 354 PRO A CA  1 
ATOM 160 C C   . PRO A 1 23  ? -13.763 0.036   11.992  1.00 27.91 ? 354 PRO A C   1 
ATOM 161 O O   . PRO A 1 23  ? -14.784 -0.164  11.328  1.00 26.53 ? 354 PRO A O   1 
ATOM 162 C CB  . PRO A 1 23  ? -11.577 1.128   11.720  1.00 28.84 ? 354 PRO A CB  1 
ATOM 163 C CG  . PRO A 1 23  ? -10.327 0.978   10.871  1.00 28.12 ? 354 PRO A CG  1 
ATOM 164 C CD  . PRO A 1 23  ? -10.953 0.242   9.715   1.00 28.85 ? 354 PRO A CD  1 
ATOM 165 N N   . ARG A 1 24  ? -13.860 0.656   13.175  1.00 28.55 ? 355 ARG A N   1 
ATOM 166 C CA  . ARG A 1 24  ? -15.049 1.148   13.889  1.00 28.72 ? 355 ARG A CA  1 
ATOM 167 C C   . ARG A 1 24  ? -15.931 2.102   13.083  1.00 28.85 ? 355 ARG A C   1 
ATOM 168 O O   . ARG A 1 24  ? -16.152 3.241   13.688  1.00 27.57 ? 355 ARG A O   1 
ATOM 169 C CB  . ARG A 1 24  ? -14.611 1.994   15.133  1.00 28.19 ? 355 ARG A CB  1 
ATOM 170 C CG  . ARG A 1 24  ? -13.586 3.086   14.834  1.00 27.70 ? 355 ARG A CG  1 
ATOM 171 C CD  . ARG A 1 24  ? -13.376 4.108   15.922  1.00 27.27 ? 355 ARG A CD  1 
ATOM 172 N NE  . ARG A 1 24  ? -14.309 5.235   15.979  1.00 26.35 ? 355 ARG A NE  1 
ATOM 173 C CZ  . ARG A 1 24  ? -14.576 6.057   16.973  1.00 25.50 ? 355 ARG A CZ  1 
ATOM 174 N NH1 . ARG A 1 24  ? -13.882 5.827   18.094  1.00 25.77 ? 355 ARG A NH1 1 
ATOM 175 N NH2 . ARG A 1 24  ? -15.492 7.055   16.957  1.00 24.37 ? 355 ARG A NH2 1 
ATOM 176 N N   . ASN A 1 25  ? -16.321 1.639   11.842  1.00 29.14 ? 356 ASN A N   1 
ATOM 177 C CA  . ASN A 1 25  ? -17.133 2.593   11.033  1.00 29.85 ? 356 ASN A CA  1 
ATOM 178 C C   . ASN A 1 25  ? -18.320 2.080   10.221  1.00 30.73 ? 356 ASN A C   1 
ATOM 179 O O   . ASN A 1 25  ? -18.342 1.661   9.027   1.00 30.47 ? 356 ASN A O   1 
ATOM 180 C CB  . ASN A 1 25  ? -16.230 3.427   10.128  1.00 29.54 ? 356 ASN A CB  1 
ATOM 181 C CG  . ASN A 1 25  ? -14.848 3.860   10.407  1.00 29.54 ? 356 ASN A CG  1 
ATOM 182 O OD1 . ASN A 1 25  ? -14.434 4.974   9.945   1.00 29.65 ? 356 ASN A OD1 1 
ATOM 183 N ND2 . ASN A 1 25  ? -13.950 3.129   11.095  1.00 29.31 ? 356 ASN A ND2 1 
ATOM 184 N N   . GLU A 1 26  ? -19.484 2.184   10.820  1.00 31.63 ? 357 GLU A N   1 
ATOM 185 C CA  . GLU A 1 26  ? -20.817 1.875   10.413  1.00 32.63 ? 357 GLU A CA  1 
ATOM 186 C C   . GLU A 1 26  ? -21.327 2.170   9.031   1.00 34.81 ? 357 GLU A C   1 
ATOM 187 O O   . GLU A 1 26  ? -21.718 3.348   8.722   1.00 35.57 ? 357 GLU A O   1 
ATOM 188 C CB  . GLU A 1 26  ? -21.641 2.921   11.284  1.00 31.16 ? 357 GLU A CB  1 
ATOM 189 C CG  . GLU A 1 26  ? -23.131 2.603   11.535  1.00 29.32 ? 357 GLU A CG  1 
ATOM 190 C CD  . GLU A 1 26  ? -23.591 3.485   12.719  1.00 27.62 ? 357 GLU A CD  1 
ATOM 191 O OE1 . GLU A 1 26  ? -22.769 3.605   13.600  1.00 27.09 ? 357 GLU A OE1 1 
ATOM 192 O OE2 . GLU A 1 26  ? -24.698 3.994   12.637  1.00 26.40 ? 357 GLU A OE2 1 
ATOM 193 N N   . LEU A 1 27  ? -21.419 1.234   8.139   1.00 36.92 ? 358 LEU A N   1 
ATOM 194 C CA  . LEU A 1 27  ? -21.958 1.187   6.805   1.00 37.77 ? 358 LEU A CA  1 
ATOM 195 C C   . LEU A 1 27  ? -22.810 -0.092  6.523   1.00 38.54 ? 358 LEU A C   1 
ATOM 196 O O   . LEU A 1 27  ? -23.135 -1.097  7.241   1.00 39.11 ? 358 LEU A O   1 
ATOM 197 C CB  . LEU A 1 27  ? -20.848 1.241   5.750   1.00 38.22 ? 358 LEU A CB  1 
ATOM 198 C CG  . LEU A 1 27  ? -20.668 2.533   4.957   1.00 38.63 ? 358 LEU A CG  1 
ATOM 199 C CD1 . LEU A 1 27  ? -19.384 2.466   4.079   1.00 38.37 ? 358 LEU A CD1 1 
ATOM 200 C CD2 . LEU A 1 27  ? -21.884 2.796   4.070   1.00 38.39 ? 358 LEU A CD2 1 
ATOM 201 N N   . SER A 1 28  ? -23.215 -0.020  5.264   1.00 38.81 ? 359 SER A N   1 
ATOM 202 C CA  . SER A 1 28  ? -24.024 -1.087  4.581   1.00 38.47 ? 359 SER A CA  1 
ATOM 203 C C   . SER A 1 28  ? -23.128 -1.493  3.444   1.00 38.53 ? 359 SER A C   1 
ATOM 204 O O   . SER A 1 28  ? -22.153 -0.630  3.284   1.00 40.08 ? 359 SER A O   1 
ATOM 205 C CB  . SER A 1 28  ? -25.412 -0.611  4.288   1.00 38.02 ? 359 SER A CB  1 
ATOM 206 O OG  . SER A 1 28  ? -26.269 -1.434  5.166   1.00 38.16 ? 359 SER A OG  1 
ATOM 207 N N   . LYS A 1 29  ? -23.251 -2.569  2.744   1.00 37.35 ? 360 LYS A N   1 
ATOM 208 C CA  . LYS A 1 29  ? -22.262 -2.819  1.647   1.00 36.59 ? 360 LYS A CA  1 
ATOM 209 C C   . LYS A 1 29  ? -22.192 -1.714  0.591   1.00 36.23 ? 360 LYS A C   1 
ATOM 210 O O   . LYS A 1 29  ? -23.173 -1.425  -0.187  1.00 35.95 ? 360 LYS A O   1 
ATOM 211 C CB  . LYS A 1 29  ? -22.614 -4.255  1.080   1.00 35.73 ? 360 LYS A CB  1 
ATOM 212 C CG  . LYS A 1 29  ? -24.110 -4.534  1.154   1.00 34.94 ? 360 LYS A CG  1 
ATOM 213 C CD  . LYS A 1 29  ? -24.925 -5.126  0.008   1.00 33.70 ? 360 LYS A CD  1 
ATOM 214 C CE  . LYS A 1 29  ? -26.326 -4.482  0.021   1.00 32.87 ? 360 LYS A CE  1 
ATOM 215 N NZ  . LYS A 1 29  ? -27.283 -4.966  -0.981  1.00 31.66 ? 360 LYS A NZ  1 
ATOM 216 N N   . LYS A 1 30  ? -21.073 -0.980  0.437   1.00 35.14 ? 361 LYS A N   1 
ATOM 217 C CA  . LYS A 1 30  ? -20.890 0.020   -0.617  1.00 35.29 ? 361 LYS A CA  1 
ATOM 218 C C   . LYS A 1 30  ? -19.825 1.102   -0.716  1.00 35.54 ? 361 LYS A C   1 
ATOM 219 O O   . LYS A 1 30  ? -19.391 1.348   -1.920  1.00 35.49 ? 361 LYS A O   1 
ATOM 220 C CB  . LYS A 1 30  ? -22.268 0.633   -1.051  1.00 33.75 ? 361 LYS A CB  1 
ATOM 221 C CG  . LYS A 1 30  ? -22.495 0.256   -2.564  1.00 32.82 ? 361 LYS A CG  1 
ATOM 222 C CD  . LYS A 1 30  ? -21.258 0.574   -3.320  1.00 32.31 ? 361 LYS A CD  1 
ATOM 223 C CE  . LYS A 1 30  ? -20.924 0.588   -4.710  1.00 31.46 ? 361 LYS A CE  1 
ATOM 224 N NZ  . LYS A 1 30  ? -21.535 1.656   -5.516  1.00 31.45 ? 361 LYS A NZ  1 
ATOM 225 N N   . LYS A 1 31  ? -19.261 1.792   0.235   1.00 34.92 ? 362 LYS A N   1 
ATOM 226 C CA  . LYS A 1 31  ? -18.257 2.834   0.056   1.00 33.93 ? 362 LYS A CA  1 
ATOM 227 C C   . LYS A 1 31  ? -16.883 2.773   0.665   1.00 35.49 ? 362 LYS A C   1 
ATOM 228 O O   . LYS A 1 31  ? -15.808 3.113   0.039   1.00 35.13 ? 362 LYS A O   1 
ATOM 229 C CB  . LYS A 1 31  ? -19.102 4.028   0.574   1.00 31.14 ? 362 LYS A CB  1 
ATOM 230 C CG  . LYS A 1 31  ? -18.555 5.424   0.481   1.00 28.07 ? 362 LYS A CG  1 
ATOM 231 C CD  . LYS A 1 31  ? -19.643 6.412   0.877   1.00 25.16 ? 362 LYS A CD  1 
ATOM 232 C CE  . LYS A 1 31  ? -19.457 7.720   0.154   1.00 23.33 ? 362 LYS A CE  1 
ATOM 233 N NZ  . LYS A 1 31  ? -20.824 8.152   -0.125  1.00 22.23 ? 362 LYS A NZ  1 
ATOM 234 N N   . VAL A 1 32  ? -16.763 2.371   1.915   1.00 37.09 ? 363 VAL A N   1 
ATOM 235 C CA  . VAL A 1 32  ? -15.523 2.292   2.716   1.00 38.23 ? 363 VAL A CA  1 
ATOM 236 C C   . VAL A 1 32  ? -14.494 1.238   2.340   1.00 38.88 ? 363 VAL A C   1 
ATOM 237 O O   . VAL A 1 32  ? -14.838 0.016   2.417   1.00 39.38 ? 363 VAL A O   1 
ATOM 238 C CB  . VAL A 1 32  ? -16.160 2.129   4.168   1.00 37.57 ? 363 VAL A CB  1 
ATOM 239 C CG1 . VAL A 1 32  ? -16.683 0.713   4.237   1.00 37.52 ? 363 VAL A CG1 1 
ATOM 240 C CG2 . VAL A 1 32  ? -15.295 2.563   5.301   1.00 37.19 ? 363 VAL A CG2 1 
ATOM 241 N N   . SER A 1 33  ? -13.242 1.623   1.975   1.00 38.69 ? 364 SER A N   1 
ATOM 242 C CA  . SER A 1 33  ? -12.131 0.753   1.631   1.00 37.65 ? 364 SER A CA  1 
ATOM 243 C C   . SER A 1 33  ? -10.794 1.216   2.290   1.00 37.09 ? 364 SER A C   1 
ATOM 244 O O   . SER A 1 33  ? -10.731 2.322   2.763   1.00 36.90 ? 364 SER A O   1 
ATOM 245 C CB  . SER A 1 33  ? -11.709 0.487   0.189   1.00 37.39 ? 364 SER A CB  1 
ATOM 246 O OG  . SER A 1 33  ? -10.340 -0.008  0.218   1.00 36.02 ? 364 SER A OG  1 
ATOM 247 N N   . LEU A 1 34  ? -9.845  0.322   2.148   1.00 36.67 ? 365 LEU A N   1 
ATOM 248 C CA  . LEU A 1 34  ? -8.495  0.445   2.794   1.00 37.40 ? 365 LEU A CA  1 
ATOM 249 C C   . LEU A 1 34  ? -7.359  0.113   1.897   1.00 37.32 ? 365 LEU A C   1 
ATOM 250 O O   . LEU A 1 34  ? -7.643  -0.181  0.679   1.00 36.47 ? 365 LEU A O   1 
ATOM 251 C CB  . LEU A 1 34  ? -8.563  -0.005  4.241   1.00 37.71 ? 365 LEU A CB  1 
ATOM 252 C CG  . LEU A 1 34  ? -8.685  1.018   5.376   1.00 37.59 ? 365 LEU A CG  1 
ATOM 253 C CD1 . LEU A 1 34  ? -9.182  2.406   5.081   1.00 37.30 ? 365 LEU A CD1 1 
ATOM 254 C CD2 . LEU A 1 34  ? -9.654  0.423   6.434   1.00 37.56 ? 365 LEU A CD2 1 
ATOM 255 N N   . THR A 1 35  ? -6.144  0.319   2.151   1.00 37.82 ? 366 THR A N   1 
ATOM 256 C CA  . THR A 1 35  ? -4.806  0.494   1.953   1.00 38.34 ? 366 THR A CA  1 
ATOM 257 C C   . THR A 1 35  ? -3.648  -0.258  2.616   1.00 38.55 ? 366 THR A C   1 
ATOM 258 O O   . THR A 1 35  ? -3.649  -1.025  3.553   1.00 38.64 ? 366 THR A O   1 
ATOM 259 C CB  . THR A 1 35  ? -4.378  2.101   2.105   1.00 38.08 ? 366 THR A CB  1 
ATOM 260 O OG1 . THR A 1 35  ? -3.910  2.494   0.775   1.00 37.55 ? 366 THR A OG1 1 
ATOM 261 C CG2 . THR A 1 35  ? -3.377  2.321   3.212   1.00 37.82 ? 366 THR A CG2 1 
ATOM 262 N N   . CYS A 1 36  ? -2.520  -0.032  1.904   1.00 38.46 ? 367 CYS A N   1 
ATOM 263 C CA  . CYS A 1 36  ? -1.155  -0.485  2.111   1.00 39.50 ? 367 CYS A CA  1 
ATOM 264 C C   . CYS A 1 36  ? -0.195  0.742   2.083   1.00 38.13 ? 367 CYS A C   1 
ATOM 265 O O   . CYS A 1 36  ? -0.212  1.516   1.119   1.00 35.77 ? 367 CYS A O   1 
ATOM 266 C CB  . CYS A 1 36  ? -0.668  -1.407  0.961   1.00 41.17 ? 367 CYS A CB  1 
ATOM 267 S SG  . CYS A 1 36  ? 0.747   -2.451  1.511   1.00 44.17 ? 367 CYS A SG  1 
ATOM 268 N N   . MET A 1 37  ? 0.656   0.802   3.156   1.00 37.71 ? 368 MET A N   1 
ATOM 269 C CA  . MET A 1 37  ? 1.526   2.071   3.066   1.00 36.81 ? 368 MET A CA  1 
ATOM 270 C C   . MET A 1 37  ? 2.988   1.784   3.263   1.00 36.48 ? 368 MET A C   1 
ATOM 271 O O   . MET A 1 37  ? 3.456   1.104   4.174   1.00 36.80 ? 368 MET A O   1 
ATOM 272 C CB  . MET A 1 37  ? 0.942   3.148   3.925   1.00 37.21 ? 368 MET A CB  1 
ATOM 273 C CG  . MET A 1 37  ? 0.217   2.819   5.225   1.00 37.11 ? 368 MET A CG  1 
ATOM 274 S SD  . MET A 1 37  ? 0.036   4.404   6.262   1.00 36.17 ? 368 MET A SD  1 
ATOM 275 C CE  . MET A 1 37  ? 1.737   5.001   5.996   1.00 35.74 ? 368 MET A CE  1 
ATOM 276 N N   . ILE A 1 38  ? 3.740   2.335   2.335   1.00 35.64 ? 369 ILE A N   1 
ATOM 277 C CA  . ILE A 1 38  ? 5.208   2.116   2.232   1.00 36.15 ? 369 ILE A CA  1 
ATOM 278 C C   . ILE A 1 38  ? 5.849   3.457   2.042   1.00 36.80 ? 369 ILE A C   1 
ATOM 279 O O   . ILE A 1 38  ? 5.741   4.087   0.919   1.00 36.69 ? 369 ILE A O   1 
ATOM 280 C CB  . ILE A 1 38  ? 5.355   1.300   0.849   1.00 35.60 ? 369 ILE A CB  1 
ATOM 281 C CG1 . ILE A 1 38  ? 4.412   0.080   0.967   1.00 35.25 ? 369 ILE A CG1 1 
ATOM 282 C CG2 . ILE A 1 38  ? 6.771   0.911   0.389   1.00 35.21 ? 369 ILE A CG2 1 
ATOM 283 C CD1 . ILE A 1 38  ? 3.812   -0.487  -0.297  1.00 35.01 ? 369 ILE A CD1 1 
ATOM 284 N N   . THR A 1 39  ? 6.554   3.850   3.158   1.00 37.60 ? 370 THR A N   1 
ATOM 285 C CA  . THR A 1 39  ? 7.082   5.193   2.806   1.00 37.41 ? 370 THR A CA  1 
ATOM 286 C C   . THR A 1 39  ? 8.330   5.646   3.319   1.00 38.30 ? 370 THR A C   1 
ATOM 287 O O   . THR A 1 39  ? 8.818   4.269   3.496   1.00 38.91 ? 370 THR A O   1 
ATOM 288 C CB  . THR A 1 39  ? 6.065   6.381   3.159   1.00 36.68 ? 370 THR A CB  1 
ATOM 289 O OG1 . THR A 1 39  ? 6.245   6.379   4.663   1.00 36.92 ? 370 THR A OG1 1 
ATOM 290 C CG2 . THR A 1 39  ? 4.694   6.390   2.658   1.00 36.08 ? 370 THR A CG2 1 
ATOM 291 N N   . GLY A 1 40  ? 9.443   5.977   3.573   1.00 38.59 ? 371 GLY A N   1 
ATOM 292 C CA  . GLY A 1 40  ? 9.964   7.355   3.691   1.00 39.09 ? 371 GLY A CA  1 
ATOM 293 C C   . GLY A 1 40  ? 11.159  6.823   2.767   1.00 39.51 ? 371 GLY A C   1 
ATOM 294 O O   . GLY A 1 40  ? 12.024  6.183   3.371   1.00 37.28 ? 371 GLY A O   1 
ATOM 295 N N   . PHE A 1 41  ? 11.163  7.171   1.498   1.00 40.38 ? 372 PHE A N   1 
ATOM 296 C CA  . PHE A 1 41  ? 12.303  6.496   0.761   1.00 40.19 ? 372 PHE A CA  1 
ATOM 297 C C   . PHE A 1 41  ? 12.385  7.169   -0.610  1.00 40.23 ? 372 PHE A C   1 
ATOM 298 O O   . PHE A 1 41  ? 11.443  7.386   -1.374  1.00 39.54 ? 372 PHE A O   1 
ATOM 299 C CB  . PHE A 1 41  ? 11.958  4.976   0.830   1.00 38.51 ? 372 PHE A CB  1 
ATOM 300 C CG  . PHE A 1 41  ? 12.639  3.916   1.535   1.00 38.00 ? 372 PHE A CG  1 
ATOM 301 C CD1 . PHE A 1 41  ? 13.627  4.122   2.520   1.00 38.06 ? 372 PHE A CD1 1 
ATOM 302 C CD2 . PHE A 1 41  ? 12.328  2.546   1.267   1.00 37.90 ? 372 PHE A CD2 1 
ATOM 303 C CE1 . PHE A 1 41  ? 14.278  3.033   3.163   1.00 37.19 ? 372 PHE A CE1 1 
ATOM 304 C CE2 . PHE A 1 41  ? 12.964  1.443   1.906   1.00 36.76 ? 372 PHE A CE2 1 
ATOM 305 C CZ  . PHE A 1 41  ? 13.944  1.728   2.851   1.00 36.56 ? 372 PHE A CZ  1 
ATOM 306 N N   . TYR A 1 42  ? 13.646  7.542   -0.870  1.00 40.38 ? 373 TYR A N   1 
ATOM 307 C CA  . TYR A 1 42  ? 14.006  8.031   -2.177  1.00 40.19 ? 373 TYR A CA  1 
ATOM 308 C C   . TYR A 1 42  ? 14.431  6.613   -2.786  1.00 40.54 ? 373 TYR A C   1 
ATOM 309 O O   . TYR A 1 42  ? 14.244  5.537   -2.191  1.00 40.64 ? 373 TYR A O   1 
ATOM 310 C CB  . TYR A 1 42  ? 15.082  8.982   -2.371  1.00 39.71 ? 373 TYR A CB  1 
ATOM 311 C CG  . TYR A 1 42  ? 15.001  10.423  -2.088  1.00 39.52 ? 373 TYR A CG  1 
ATOM 312 C CD1 . TYR A 1 42  ? 14.693  10.857  -0.825  1.00 39.86 ? 373 TYR A CD1 1 
ATOM 313 C CD2 . TYR A 1 42  ? 15.282  11.391  -3.070  1.00 39.49 ? 373 TYR A CD2 1 
ATOM 314 C CE1 . TYR A 1 42  ? 14.635  12.225  -0.499  1.00 40.01 ? 373 TYR A CE1 1 
ATOM 315 C CE2 . TYR A 1 42  ? 15.263  12.737  -2.774  1.00 39.68 ? 373 TYR A CE2 1 
ATOM 316 C CZ  . TYR A 1 42  ? 14.918  13.135  -1.483  1.00 39.98 ? 373 TYR A CZ  1 
ATOM 317 O OH  . TYR A 1 42  ? 14.855  14.449  -1.154  1.00 40.76 ? 373 TYR A OH  1 
ATOM 318 N N   . PRO A 1 43  ? 15.032  6.658   -3.922  1.00 41.12 ? 374 PRO A N   1 
ATOM 319 C CA  . PRO A 1 43  ? 15.342  7.884   -4.703  1.00 40.92 ? 374 PRO A CA  1 
ATOM 320 C C   . PRO A 1 43  ? 14.093  8.309   -5.403  1.00 40.31 ? 374 PRO A C   1 
ATOM 321 O O   . PRO A 1 43  ? 13.204  8.813   -4.651  1.00 40.71 ? 374 PRO A O   1 
ATOM 322 C CB  . PRO A 1 43  ? 16.603  7.538   -5.419  1.00 41.16 ? 374 PRO A CB  1 
ATOM 323 C CG  . PRO A 1 43  ? 16.730  6.023   -5.398  1.00 41.19 ? 374 PRO A CG  1 
ATOM 324 C CD  . PRO A 1 43  ? 15.520  5.473   -4.642  1.00 41.22 ? 374 PRO A CD  1 
ATOM 325 N N   . ALA A 1 44  ? 13.912  8.167   -6.681  1.00 39.70 ? 375 ALA A N   1 
ATOM 326 C CA  . ALA A 1 44  ? 12.596  8.715   -7.202  1.00 39.35 ? 375 ALA A CA  1 
ATOM 327 C C   . ALA A 1 44  ? 11.597  7.688   -7.646  1.00 38.14 ? 375 ALA A C   1 
ATOM 328 O O   . ALA A 1 44  ? 10.538  8.104   -8.185  1.00 37.53 ? 375 ALA A O   1 
ATOM 329 C CB  . ALA A 1 44  ? 13.017  9.777   -8.275  1.00 39.40 ? 375 ALA A CB  1 
ATOM 330 N N   . ASP A 1 45  ? 11.880  6.419   -7.392  1.00 36.76 ? 376 ASP A N   1 
ATOM 331 C CA  . ASP A 1 45  ? 11.052  5.325   -7.863  1.00 36.12 ? 376 ASP A CA  1 
ATOM 332 C C   . ASP A 1 45  ? 11.024  3.987   -7.125  1.00 35.46 ? 376 ASP A C   1 
ATOM 333 O O   . ASP A 1 45  ? 12.112  3.459   -6.760  1.00 35.86 ? 376 ASP A O   1 
ATOM 334 C CB  . ASP A 1 45  ? 11.673  4.933   -9.245  1.00 35.99 ? 376 ASP A CB  1 
ATOM 335 C CG  . ASP A 1 45  ? 11.429  5.568   -10.531 1.00 35.53 ? 376 ASP A CG  1 
ATOM 336 O OD1 . ASP A 1 45  ? 11.895  4.943   -11.569 1.00 35.80 ? 376 ASP A OD1 1 
ATOM 337 O OD2 . ASP A 1 45  ? 10.811  6.625   -10.556 1.00 35.05 ? 376 ASP A OD2 1 
ATOM 338 N N   . ILE A 1 46  ? 9.862   3.475   -6.913  1.00 34.11 ? 377 ILE A N   1 
ATOM 339 C CA  . ILE A 1 46  ? 9.498   2.238   -6.306  1.00 33.95 ? 377 ILE A CA  1 
ATOM 340 C C   . ILE A 1 46  ? 8.105   1.899   -6.844  1.00 35.12 ? 377 ILE A C   1 
ATOM 341 O O   . ILE A 1 46  ? 7.427   2.939   -7.027  1.00 35.55 ? 377 ILE A O   1 
ATOM 342 C CB  . ILE A 1 46  ? 9.482   2.179   -4.759  1.00 33.18 ? 377 ILE A CB  1 
ATOM 343 C CG1 . ILE A 1 46  ? 8.100   1.934   -4.144  1.00 32.39 ? 377 ILE A CG1 1 
ATOM 344 C CG2 . ILE A 1 46  ? 10.035  3.510   -4.112  1.00 33.22 ? 377 ILE A CG2 1 
ATOM 345 C CD1 . ILE A 1 46  ? 7.644   3.152   -3.262  1.00 31.44 ? 377 ILE A CD1 1 
ATOM 346 N N   . ASN A 1 47  ? 7.761   0.644   -7.014  1.00 36.63 ? 378 ASN A N   1 
ATOM 347 C CA  . ASN A 1 47  ? 6.396   0.257   -7.436  1.00 36.95 ? 378 ASN A CA  1 
ATOM 348 C C   . ASN A 1 47  ? 5.839   -0.895  -6.459  1.00 36.56 ? 378 ASN A C   1 
ATOM 349 O O   . ASN A 1 47  ? 6.392   -1.749  -5.807  1.00 34.47 ? 378 ASN A O   1 
ATOM 350 C CB  . ASN A 1 47  ? 6.047   0.018   -8.836  1.00 37.74 ? 378 ASN A CB  1 
ATOM 351 C CG  . ASN A 1 47  ? 6.092   1.123   -9.805  1.00 38.74 ? 378 ASN A CG  1 
ATOM 352 O OD1 . ASN A 1 47  ? 5.274   1.402   -10.681 1.00 39.34 ? 378 ASN A OD1 1 
ATOM 353 N ND2 . ASN A 1 47  ? 7.206   1.845   -9.673  1.00 39.82 ? 378 ASN A ND2 1 
ATOM 354 N N   . VAL A 1 48  ? 4.527   -0.744  -6.466  1.00 37.43 ? 379 VAL A N   1 
ATOM 355 C CA  . VAL A 1 48  ? 3.452   -1.356  -5.799  1.00 38.76 ? 379 VAL A CA  1 
ATOM 356 C C   . VAL A 1 48  ? 2.353   -2.027  -6.651  1.00 39.58 ? 379 VAL A C   1 
ATOM 357 O O   . VAL A 1 48  ? 1.566   -1.438  -7.407  1.00 38.87 ? 379 VAL A O   1 
ATOM 358 C CB  . VAL A 1 48  ? 2.542   -0.210  -5.096  1.00 38.56 ? 379 VAL A CB  1 
ATOM 359 C CG1 . VAL A 1 48  ? 1.101   -0.337  -5.630  1.00 37.65 ? 379 VAL A CG1 1 
ATOM 360 C CG2 . VAL A 1 48  ? 2.578   -0.123  -3.592  1.00 37.99 ? 379 VAL A CG2 1 
ATOM 361 N N   . GLU A 1 49  ? 2.310   -3.303  -6.228  1.00 40.77 ? 380 GLU A N   1 
ATOM 362 C CA  . GLU A 1 49  ? 1.272   -4.210  -6.896  1.00 42.26 ? 380 GLU A CA  1 
ATOM 363 C C   . GLU A 1 49  ? 0.566   -4.856  -5.713  1.00 42.39 ? 380 GLU A C   1 
ATOM 364 O O   . GLU A 1 49  ? 1.106   -4.840  -4.558  1.00 42.80 ? 380 GLU A O   1 
ATOM 365 C CB  . GLU A 1 49  ? 1.779   -5.122  -7.969  1.00 42.16 ? 380 GLU A CB  1 
ATOM 366 C CG  . GLU A 1 49  ? 0.891   -6.060  -8.796  1.00 42.29 ? 380 GLU A CG  1 
ATOM 367 C CD  . GLU A 1 49  ? 1.577   -6.935  -9.836  1.00 42.37 ? 380 GLU A CD  1 
ATOM 368 O OE1 . GLU A 1 49  ? 1.697   -6.652  -11.019 1.00 41.30 ? 380 GLU A OE1 1 
ATOM 369 O OE2 . GLU A 1 49  ? 2.024   -8.049  -9.341  1.00 42.83 ? 380 GLU A OE2 1 
ATOM 370 N N   . TRP A 1 50  ? -0.656  -5.232  -5.927  1.00 42.66 ? 381 TRP A N   1 
ATOM 371 C CA  . TRP A 1 50  ? -1.357  -5.871  -4.702  1.00 42.90 ? 381 TRP A CA  1 
ATOM 372 C C   . TRP A 1 50  ? -2.193  -7.001  -5.265  1.00 42.48 ? 381 TRP A C   1 
ATOM 373 O O   . TRP A 1 50  ? -3.286  -6.953  -5.864  1.00 41.65 ? 381 TRP A O   1 
ATOM 374 C CB  . TRP A 1 50  ? -1.854  -4.715  -4.012  1.00 43.47 ? 381 TRP A CB  1 
ATOM 375 C CG  . TRP A 1 50  ? -3.133  -4.355  -3.455  1.00 44.05 ? 381 TRP A CG  1 
ATOM 376 C CD1 . TRP A 1 50  ? -4.357  -4.153  -4.070  1.00 44.05 ? 381 TRP A CD1 1 
ATOM 377 C CD2 . TRP A 1 50  ? -3.339  -4.022  -2.052  1.00 44.24 ? 381 TRP A CD2 1 
ATOM 378 N NE1 . TRP A 1 50  ? -5.300  -3.744  -3.164  1.00 44.02 ? 381 TRP A NE1 1 
ATOM 379 C CE2 . TRP A 1 50  ? -4.711  -3.674  -1.908  1.00 44.28 ? 381 TRP A CE2 1 
ATOM 380 C CE3 . TRP A 1 50  ? -2.493  -4.003  -0.958  1.00 43.97 ? 381 TRP A CE3 1 
ATOM 381 C CZ2 . TRP A 1 50  ? -5.250  -3.337  -0.688  1.00 44.02 ? 381 TRP A CZ2 1 
ATOM 382 C CZ3 . TRP A 1 50  ? -3.047  -3.653  0.255   1.00 44.47 ? 381 TRP A CZ3 1 
ATOM 383 C CH2 . TRP A 1 50  ? -4.394  -3.309  0.401   1.00 44.30 ? 381 TRP A CH2 1 
ATOM 384 N N   . ASP A 1 51  ? -1.600  -8.121  -4.874  1.00 42.59 ? 382 ASP A N   1 
ATOM 385 C CA  . ASP A 1 51  ? -1.967  -9.497  -5.197  1.00 42.51 ? 382 ASP A CA  1 
ATOM 386 C C   . ASP A 1 51  ? -1.007  -9.994  -6.333  1.00 42.18 ? 382 ASP A C   1 
ATOM 387 O O   . ASP A 1 51  ? -0.060  -10.774 -6.171  1.00 41.68 ? 382 ASP A O   1 
ATOM 388 C CB  . ASP A 1 51  ? -3.453  -9.726  -5.545  1.00 42.47 ? 382 ASP A CB  1 
ATOM 389 C CG  . ASP A 1 51  ? -3.685  -11.225 -5.418  1.00 42.48 ? 382 ASP A CG  1 
ATOM 390 O OD1 . ASP A 1 51  ? -4.678  -11.799 -5.079  1.00 42.07 ? 382 ASP A OD1 1 
ATOM 391 O OD2 . ASP A 1 51  ? -2.649  -11.896 -5.713  1.00 43.71 ? 382 ASP A OD2 1 
ATOM 392 N N   . SER A 1 52  ? -1.277  -9.544  -7.490  1.00 41.96 ? 383 SER A N   1 
ATOM 393 C CA  . SER A 1 52  ? -0.899  -9.490  -8.827  1.00 41.56 ? 383 SER A CA  1 
ATOM 394 C C   . SER A 1 52  ? -2.176  -9.289  -9.699  1.00 41.57 ? 383 SER A C   1 
ATOM 395 O O   . SER A 1 52  ? -1.985  -8.821  -10.829 1.00 41.87 ? 383 SER A O   1 
ATOM 396 C CB  . SER A 1 52  ? -0.002  -10.524 -9.481  1.00 41.27 ? 383 SER A CB  1 
ATOM 397 O OG  . SER A 1 52  ? 1.342   -10.056 -9.619  1.00 40.73 ? 383 SER A OG  1 
ATOM 398 N N   . SER A 1 53  ? -3.344  -9.642  -9.157  1.00 41.05 ? 384 SER A N   1 
ATOM 399 C CA  . SER A 1 53  ? -4.540  -9.402  -10.085 1.00 40.41 ? 384 SER A CA  1 
ATOM 400 C C   . SER A 1 53  ? -5.302  -8.243  -9.498  1.00 40.68 ? 384 SER A C   1 
ATOM 401 O O   . SER A 1 53  ? -5.165  -7.908  -8.268  1.00 41.42 ? 384 SER A O   1 
ATOM 402 C CB  . SER A 1 53  ? -5.188  -10.629 -10.557 1.00 39.90 ? 384 SER A CB  1 
ATOM 403 O OG  . SER A 1 53  ? -4.232  -11.276 -11.455 1.00 38.98 ? 384 SER A OG  1 
ATOM 404 N N   . GLU A 1 54  ? -6.061  -7.588  -10.400 1.00 40.03 ? 385 GLU A N   1 
ATOM 405 C CA  . GLU A 1 54  ? -6.737  -6.368  -10.103 1.00 39.17 ? 385 GLU A CA  1 
ATOM 406 C C   . GLU A 1 54  ? -8.135  -6.060  -9.848  1.00 39.11 ? 385 GLU A C   1 
ATOM 407 O O   . GLU A 1 54  ? -8.370  -4.827  -9.534  1.00 39.53 ? 385 GLU A O   1 
ATOM 408 C CB  . GLU A 1 54  ? -6.216  -5.350  -11.189 1.00 38.84 ? 385 GLU A CB  1 
ATOM 409 C CG  . GLU A 1 54  ? -5.866  -5.358  -12.557 1.00 38.61 ? 385 GLU A CG  1 
ATOM 410 C CD  . GLU A 1 54  ? -6.226  -6.004  -13.788 1.00 38.92 ? 385 GLU A CD  1 
ATOM 411 O OE1 . GLU A 1 54  ? -5.676  -7.113  -14.014 1.00 40.07 ? 385 GLU A OE1 1 
ATOM 412 O OE2 . GLU A 1 54  ? -6.991  -5.645  -14.726 1.00 38.49 ? 385 GLU A OE2 1 
ATOM 413 N N   . PRO A 1 55  ? -9.115  -6.866  -9.886  1.00 38.99 ? 387 PRO A N   1 
ATOM 414 C CA  . PRO A 1 55  ? -10.517 -6.551  -9.583  1.00 39.15 ? 387 PRO A CA  1 
ATOM 415 C C   . PRO A 1 55  ? -10.766 -5.125  -9.183  1.00 39.08 ? 387 PRO A C   1 
ATOM 416 O O   . PRO A 1 55  ? -10.199 -4.410  -8.309  1.00 40.05 ? 387 PRO A O   1 
ATOM 417 C CB  . PRO A 1 55  ? -10.814 -7.663  -8.554  1.00 38.88 ? 387 PRO A CB  1 
ATOM 418 C CG  . PRO A 1 55  ? -10.415 -8.825  -9.482  1.00 39.31 ? 387 PRO A CG  1 
ATOM 419 C CD  . PRO A 1 55  ? -9.085  -8.303  -10.171 1.00 39.74 ? 387 PRO A CD  1 
ATOM 420 N N   . SER A 1 56  ? -11.762 -4.646  -9.922  1.00 37.59 ? 389 SER A N   1 
ATOM 421 C CA  . SER A 1 56  ? -12.298 -3.292  -9.866  1.00 35.92 ? 389 SER A CA  1 
ATOM 422 C C   . SER A 1 56  ? -11.266 -2.253  -9.550  1.00 35.12 ? 389 SER A C   1 
ATOM 423 O O   . SER A 1 56  ? -10.575 -1.881  -10.592 1.00 36.42 ? 389 SER A O   1 
ATOM 424 C CB  . SER A 1 56  ? -13.583 -3.376  -9.097  1.00 35.35 ? 389 SER A CB  1 
ATOM 425 O OG  . SER A 1 56  ? -14.194 -4.543  -9.766  1.00 34.94 ? 389 SER A OG  1 
ATOM 426 N N   . ASP A 1 57  ? -11.040 -1.819  -8.392  1.00 32.78 ? 390 ASP A N   1 
ATOM 427 C CA  . ASP A 1 57  ? -10.245 -0.839  -7.820  1.00 30.50 ? 390 ASP A CA  1 
ATOM 428 C C   . ASP A 1 57  ? -8.926  -0.957  -7.192  1.00 29.56 ? 390 ASP A C   1 
ATOM 429 O O   . ASP A 1 57  ? -8.932  -0.572  -5.953  1.00 30.32 ? 390 ASP A O   1 
ATOM 430 C CB  . ASP A 1 57  ? -11.207 -0.372  -6.582  1.00 31.01 ? 390 ASP A CB  1 
ATOM 431 C CG  . ASP A 1 57  ? -10.769 0.952   -6.045  1.00 30.91 ? 390 ASP A CG  1 
ATOM 432 O OD1 . ASP A 1 57  ? -10.229 1.749   -6.802  1.00 30.38 ? 390 ASP A OD1 1 
ATOM 433 O OD2 . ASP A 1 57  ? -10.978 1.116   -4.800  1.00 31.53 ? 390 ASP A OD2 1 
ATOM 434 N N   . TYR A 1 58  ? -7.856  -1.288  -7.813  1.00 28.60 ? 391 TYR A N   1 
ATOM 435 C CA  . TYR A 1 58  ? -6.525  -1.270  -7.086  1.00 28.02 ? 391 TYR A CA  1 
ATOM 436 C C   . TYR A 1 58  ? -5.752  -0.257  -7.968  1.00 27.32 ? 391 TYR A C   1 
ATOM 437 O O   . TYR A 1 58  ? -5.425  -0.461  -9.113  1.00 27.24 ? 391 TYR A O   1 
ATOM 438 C CB  . TYR A 1 58  ? -5.720  -2.483  -6.946  1.00 28.69 ? 391 TYR A CB  1 
ATOM 439 C CG  . TYR A 1 58  ? -4.249  -2.526  -7.245  1.00 29.06 ? 391 TYR A CG  1 
ATOM 440 C CD1 . TYR A 1 58  ? -3.236  -2.529  -6.338  1.00 29.05 ? 391 TYR A CD1 1 
ATOM 441 C CD2 . TYR A 1 58  ? -3.871  -2.613  -8.606  1.00 30.12 ? 391 TYR A CD2 1 
ATOM 442 C CE1 . TYR A 1 58  ? -1.896  -2.606  -6.724  1.00 29.79 ? 391 TYR A CE1 1 
ATOM 443 C CE2 . TYR A 1 58  ? -2.546  -2.689  -9.043  1.00 29.99 ? 391 TYR A CE2 1 
ATOM 444 C CZ  . TYR A 1 58  ? -1.548  -2.686  -8.083  1.00 29.89 ? 391 TYR A CZ  1 
ATOM 445 O OH  . TYR A 1 58  ? -0.257  -2.749  -8.524  1.00 29.56 ? 391 TYR A OH  1 
ATOM 446 N N   . LYS A 1 59  ? -5.565  0.754   -7.142  1.00 27.01 ? 392 LYS A N   1 
ATOM 447 C CA  . LYS A 1 59  ? -4.888  2.018   -7.793  1.00 25.96 ? 392 LYS A CA  1 
ATOM 448 C C   . LYS A 1 59  ? -3.946  2.548   -6.834  1.00 26.62 ? 392 LYS A C   1 
ATOM 449 O O   . LYS A 1 59  ? -4.432  2.752   -5.498  1.00 28.30 ? 392 LYS A O   1 
ATOM 450 C CB  . LYS A 1 59  ? -6.049  2.845   -8.312  1.00 23.69 ? 392 LYS A CB  1 
ATOM 451 C CG  . LYS A 1 59  ? -6.617  3.087   -9.660  1.00 20.61 ? 392 LYS A CG  1 
ATOM 452 C CD  . LYS A 1 59  ? -5.905  4.228   -10.415 1.00 19.12 ? 392 LYS A CD  1 
ATOM 453 C CE  . LYS A 1 59  ? -6.502  5.029   -11.462 1.00 17.18 ? 392 LYS A CE  1 
ATOM 454 N NZ  . LYS A 1 59  ? -6.404  4.622   -12.896 1.00 16.14 ? 392 LYS A NZ  1 
ATOM 455 N N   . ASN A 1 60  ? -2.948  3.108   -6.633  1.00 27.19 ? 393 ASN A N   1 
ATOM 456 C CA  . ASN A 1 60  ? -1.745  3.626   -6.206  1.00 28.80 ? 393 ASN A CA  1 
ATOM 457 C C   . ASN A 1 60  ? -2.200  5.067   -5.723  1.00 29.46 ? 393 ASN A C   1 
ATOM 458 O O   . ASN A 1 60  ? -3.207  5.583   -6.288  1.00 29.56 ? 393 ASN A O   1 
ATOM 459 C CB  . ASN A 1 60  ? -0.593  3.601   -7.218  1.00 29.20 ? 393 ASN A CB  1 
ATOM 460 C CG  . ASN A 1 60  ? -0.940  3.712   -8.701  1.00 30.17 ? 393 ASN A CG  1 
ATOM 461 O OD1 . ASN A 1 60  ? -1.180  2.719   -9.453  1.00 29.82 ? 393 ASN A OD1 1 
ATOM 462 N ND2 . ASN A 1 60  ? -0.987  4.969   -9.262  1.00 30.25 ? 393 ASN A ND2 1 
ATOM 463 N N   . THR A 1 61  ? -1.503  5.521   -4.658  1.00 29.43 ? 394 THR A N   1 
ATOM 464 C CA  . THR A 1 61  ? -1.742  6.833   -4.130  1.00 28.98 ? 394 THR A CA  1 
ATOM 465 C C   . THR A 1 61  ? -0.160  7.231   -4.314  1.00 28.80 ? 394 THR A C   1 
ATOM 466 O O   . THR A 1 61  ? 0.559   6.461   -3.825  1.00 26.62 ? 394 THR A O   1 
ATOM 467 C CB  . THR A 1 61  ? -2.022  7.600   -2.846  1.00 29.78 ? 394 THR A CB  1 
ATOM 468 O OG1 . THR A 1 61  ? -1.323  7.115   -1.640  1.00 29.67 ? 394 THR A OG1 1 
ATOM 469 C CG2 . THR A 1 61  ? -3.567  7.904   -2.562  1.00 30.46 ? 394 THR A CG2 1 
ATOM 470 N N   . PRO A 1 62  ? -0.176  8.354   -5.021  1.00 30.09 ? 395 PRO A N   1 
ATOM 471 C CA  . PRO A 1 62  ? 1.078   8.990   -5.452  1.00 30.49 ? 395 PRO A CA  1 
ATOM 472 C C   . PRO A 1 62  ? 1.943   9.681   -4.416  1.00 30.73 ? 395 PRO A C   1 
ATOM 473 O O   . PRO A 1 62  ? 1.450   10.319  -3.507  1.00 30.79 ? 395 PRO A O   1 
ATOM 474 C CB  . PRO A 1 62  ? 0.620   9.990   -6.557  1.00 29.50 ? 395 PRO A CB  1 
ATOM 475 C CG  . PRO A 1 62  ? -0.722  10.449  -5.942  1.00 29.42 ? 395 PRO A CG  1 
ATOM 476 C CD  . PRO A 1 62  ? -1.353  9.116   -5.576  1.00 29.50 ? 395 PRO A CD  1 
ATOM 477 N N   . PRO A 1 63  ? 3.264   9.532   -4.588  1.00 31.00 ? 396 PRO A N   1 
ATOM 478 C CA  . PRO A 1 63  ? 4.242   10.144  -3.702  1.00 30.72 ? 396 PRO A CA  1 
ATOM 479 C C   . PRO A 1 63  ? 3.680   11.476  -3.194  1.00 30.44 ? 396 PRO A C   1 
ATOM 480 O O   . PRO A 1 63  ? 3.027   12.247  -3.884  1.00 29.22 ? 396 PRO A O   1 
ATOM 481 C CB  . PRO A 1 63  ? 5.499   10.212  -4.513  1.00 30.82 ? 396 PRO A CB  1 
ATOM 482 C CG  . PRO A 1 63  ? 5.417   9.182   -5.594  1.00 30.36 ? 396 PRO A CG  1 
ATOM 483 C CD  . PRO A 1 63  ? 3.958   8.776   -5.663  1.00 30.88 ? 396 PRO A CD  1 
ATOM 484 N N   . VAL A 1 64  ? 3.930   11.548  -1.923  1.00 31.32 ? 397 VAL A N   1 
ATOM 485 C CA  . VAL A 1 64  ? 3.619   12.651  -0.922  1.00 31.20 ? 397 VAL A CA  1 
ATOM 486 C C   . VAL A 1 64  ? 4.955   12.528  -0.120  1.00 31.35 ? 397 VAL A C   1 
ATOM 487 O O   . VAL A 1 64  ? 5.148   11.401  0.470   1.00 31.86 ? 397 VAL A O   1 
ATOM 488 C CB  . VAL A 1 64  ? 2.342   12.393  -0.154  1.00 30.54 ? 397 VAL A CB  1 
ATOM 489 C CG1 . VAL A 1 64  ? 2.285   13.097  1.219   1.00 29.94 ? 397 VAL A CG1 1 
ATOM 490 C CG2 . VAL A 1 64  ? 1.081   12.700  -0.958  1.00 29.85 ? 397 VAL A CG2 1 
ATOM 491 N N   . PHE A 1 65  ? 5.696   13.590  -0.052  1.00 30.43 ? 398 PHE A N   1 
ATOM 492 C CA  . PHE A 1 65  ? 7.106   13.432  0.516   1.00 29.85 ? 398 PHE A CA  1 
ATOM 493 C C   . PHE A 1 65  ? 7.261   14.218  1.684   1.00 30.13 ? 398 PHE A C   1 
ATOM 494 O O   . PHE A 1 65  ? 8.379   15.176  1.191   1.00 29.01 ? 398 PHE A O   1 
ATOM 495 C CB  . PHE A 1 65  ? 8.017   14.133  -0.550  1.00 28.28 ? 398 PHE A CB  1 
ATOM 496 C CG  . PHE A 1 65  ? 8.227   13.587  -1.883  1.00 26.85 ? 398 PHE A CG  1 
ATOM 497 C CD1 . PHE A 1 65  ? 9.409   13.935  -2.569  1.00 26.20 ? 398 PHE A CD1 1 
ATOM 498 C CD2 . PHE A 1 65  ? 7.323   12.706  -2.482  1.00 26.29 ? 398 PHE A CD2 1 
ATOM 499 C CE1 . PHE A 1 65  ? 9.685   13.431  -3.804  1.00 25.89 ? 398 PHE A CE1 1 
ATOM 500 C CE2 . PHE A 1 65  ? 7.576   12.195  -3.735  1.00 25.79 ? 398 PHE A CE2 1 
ATOM 501 C CZ  . PHE A 1 65  ? 8.752   12.554  -4.378  1.00 25.93 ? 398 PHE A CZ  1 
ATOM 502 N N   . ASP A 1 66  ? 7.476   14.462  2.737   1.00 30.54 ? 399 ASP A N   1 
ATOM 503 C CA  . ASP A 1 66  ? 7.399   15.156  3.882   1.00 31.73 ? 399 ASP A CA  1 
ATOM 504 C C   . ASP A 1 66  ? 8.863   15.639  4.145   1.00 32.82 ? 399 ASP A C   1 
ATOM 505 O O   . ASP A 1 66  ? 9.820   14.956  3.702   1.00 34.42 ? 399 ASP A O   1 
ATOM 506 C CB  . ASP A 1 66  ? 6.592   14.777  5.098   1.00 32.05 ? 399 ASP A CB  1 
ATOM 507 C CG  . ASP A 1 66  ? 5.875   16.139  5.441   1.00 32.82 ? 399 ASP A CG  1 
ATOM 508 O OD1 . ASP A 1 66  ? 5.081   16.617  4.590   1.00 33.00 ? 399 ASP A OD1 1 
ATOM 509 O OD2 . ASP A 1 66  ? 6.172   16.720  6.511   1.00 33.14 ? 399 ASP A OD2 1 
ATOM 510 N N   . THR A 1 67  ? 8.733   16.841  4.684   1.00 31.62 ? 400 THR A N   1 
ATOM 511 C CA  . THR A 1 67  ? 9.806   17.658  5.032   1.00 30.83 ? 400 THR A CA  1 
ATOM 512 C C   . THR A 1 67  ? 11.094  16.848  4.965   1.00 31.01 ? 400 THR A C   1 
ATOM 513 O O   . THR A 1 67  ? 11.937  16.946  4.086   1.00 30.71 ? 400 THR A O   1 
ATOM 514 C CB  . THR A 1 67  ? 9.690   18.076  6.555   1.00 30.76 ? 400 THR A CB  1 
ATOM 515 O OG1 . THR A 1 67  ? 8.491   18.859  6.515   1.00 31.57 ? 400 THR A OG1 1 
ATOM 516 C CG2 . THR A 1 67  ? 10.938  18.811  7.090   1.00 30.69 ? 400 THR A CG2 1 
ATOM 517 N N   . ASP A 1 68  ? 10.951  16.094  6.112   1.00 30.40 ? 401 ASP A N   1 
ATOM 518 C CA  . ASP A 1 68  ? 12.144  15.174  6.336   1.00 30.09 ? 401 ASP A CA  1 
ATOM 519 C C   . ASP A 1 68  ? 11.745  14.003  5.412   1.00 29.52 ? 401 ASP A C   1 
ATOM 520 O O   . ASP A 1 68  ? 12.518  13.433  4.696   1.00 29.91 ? 401 ASP A O   1 
ATOM 521 C CB  . ASP A 1 68  ? 12.220  14.763  7.750   1.00 30.06 ? 401 ASP A CB  1 
ATOM 522 C CG  . ASP A 1 68  ? 11.891  15.806  8.822   1.00 29.56 ? 401 ASP A CG  1 
ATOM 523 O OD1 . ASP A 1 68  ? 10.801  15.775  9.359   1.00 27.95 ? 401 ASP A OD1 1 
ATOM 524 O OD2 . ASP A 1 68  ? 12.935  16.527  8.991   1.00 30.30 ? 401 ASP A OD2 1 
ATOM 525 N N   . GLY A 1 69  ? 10.458  13.828  5.606   1.00 28.99 ? 402 GLY A N   1 
ATOM 526 C CA  . GLY A 1 69  ? 9.658   12.787  4.882   1.00 29.75 ? 402 GLY A CA  1 
ATOM 527 C C   . GLY A 1 69  ? 10.643  12.245  3.934   1.00 30.58 ? 402 GLY A C   1 
ATOM 528 O O   . GLY A 1 69  ? 9.677   11.058  3.439   1.00 31.76 ? 402 GLY A O   1 
ATOM 529 N N   . SER A 1 70  ? 11.354  11.777  3.241   1.00 30.54 ? 403 SER A N   1 
ATOM 530 C CA  . SER A 1 70  ? 12.302  11.123  2.380   1.00 30.00 ? 403 SER A CA  1 
ATOM 531 C C   . SER A 1 70  ? 11.157  10.279  1.888   1.00 31.12 ? 403 SER A C   1 
ATOM 532 O O   . SER A 1 70  ? 10.344  11.592  1.516   1.00 29.60 ? 403 SER A O   1 
ATOM 533 C CB  . SER A 1 70  ? 13.484  10.577  3.008   1.00 29.06 ? 403 SER A CB  1 
ATOM 534 O OG  . SER A 1 70  ? 14.437  9.685   2.635   1.00 27.38 ? 403 SER A OG  1 
ATOM 535 N N   . PHE A 1 71  ? 10.618  9.284   1.318   1.00 32.94 ? 404 PHE A N   1 
ATOM 536 C CA  . PHE A 1 71  ? 9.305   9.353   0.624   1.00 33.92 ? 404 PHE A CA  1 
ATOM 537 C C   . PHE A 1 71  ? 8.097   8.624   1.059   1.00 34.38 ? 404 PHE A C   1 
ATOM 538 O O   . PHE A 1 71  ? 8.257   7.706   1.828   1.00 35.08 ? 404 PHE A O   1 
ATOM 539 C CB  . PHE A 1 71  ? 9.411   9.116   -0.936  1.00 33.89 ? 404 PHE A CB  1 
ATOM 540 C CG  . PHE A 1 71  ? 8.704   7.942   -1.522  1.00 33.53 ? 404 PHE A CG  1 
ATOM 541 C CD1 . PHE A 1 71  ? 7.380   7.668   -1.228  1.00 33.25 ? 404 PHE A CD1 1 
ATOM 542 C CD2 . PHE A 1 71  ? 9.367   7.093   -2.447  1.00 33.18 ? 404 PHE A CD2 1 
ATOM 543 C CE1 . PHE A 1 71  ? 6.707   6.571   -1.715  1.00 33.35 ? 404 PHE A CE1 1 
ATOM 544 C CE2 . PHE A 1 71  ? 8.732   5.998   -2.974  1.00 33.17 ? 404 PHE A CE2 1 
ATOM 545 C CZ  . PHE A 1 71  ? 7.389   5.730   -2.612  1.00 33.55 ? 404 PHE A CZ  1 
ATOM 546 N N   . PHE A 1 72  ? 6.949   9.231   0.509   1.00 34.59 ? 405 PHE A N   1 
ATOM 547 C CA  . PHE A 1 72  ? 5.656   8.530   0.962   1.00 34.45 ? 405 PHE A CA  1 
ATOM 548 C C   . PHE A 1 72  ? 4.713   8.117   -0.186  1.00 33.54 ? 405 PHE A C   1 
ATOM 549 O O   . PHE A 1 72  ? 4.118   8.849   -0.985  1.00 32.33 ? 405 PHE A O   1 
ATOM 550 C CB  . PHE A 1 72  ? 4.909   9.377   2.037   1.00 33.79 ? 405 PHE A CB  1 
ATOM 551 C CG  . PHE A 1 72  ? 5.769   10.044  3.086   1.00 33.58 ? 405 PHE A CG  1 
ATOM 552 C CD1 . PHE A 1 72  ? 7.069   9.541   3.376   1.00 33.56 ? 405 PHE A CD1 1 
ATOM 553 C CD2 . PHE A 1 72  ? 5.299   11.099  3.858   1.00 33.05 ? 405 PHE A CD2 1 
ATOM 554 C CE1 . PHE A 1 72  ? 7.865   10.058  4.344   1.00 33.30 ? 405 PHE A CE1 1 
ATOM 555 C CE2 . PHE A 1 72  ? 6.094   11.679  4.824   1.00 33.22 ? 405 PHE A CE2 1 
ATOM 556 C CZ  . PHE A 1 72  ? 7.387   11.178  5.075   1.00 33.38 ? 405 PHE A CZ  1 
ATOM 557 N N   . LEU A 1 73  ? 4.456   6.771   -0.104  1.00 33.01 ? 406 LEU A N   1 
ATOM 558 C CA  . LEU A 1 73  ? 3.637   5.973   -0.953  1.00 31.29 ? 406 LEU A CA  1 
ATOM 559 C C   . LEU A 1 73  ? 2.460   5.335   -0.141  1.00 29.82 ? 406 LEU A C   1 
ATOM 560 O O   . LEU A 1 73  ? 2.541   4.992   1.008   1.00 30.47 ? 406 LEU A O   1 
ATOM 561 C CB  . LEU A 1 73  ? 4.324   4.682   -1.598  1.00 30.49 ? 406 LEU A CB  1 
ATOM 562 C CG  . LEU A 1 73  ? 4.032   4.427   -3.066  1.00 30.06 ? 406 LEU A CG  1 
ATOM 563 C CD1 . LEU A 1 73  ? 4.099   3.026   -3.611  1.00 29.77 ? 406 LEU A CD1 1 
ATOM 564 C CD2 . LEU A 1 73  ? 2.611   4.915   -3.439  1.00 30.08 ? 406 LEU A CD2 1 
ATOM 565 N N   . TYR A 1 74  ? 1.360   5.292   -0.773  1.00 28.71 ? 407 TYR A N   1 
ATOM 566 C CA  . TYR A 1 74  ? 0.186   4.666   -0.235  1.00 29.68 ? 407 TYR A CA  1 
ATOM 567 C C   . TYR A 1 74  ? -0.575  3.970   -1.348  1.00 30.65 ? 407 TYR A C   1 
ATOM 568 O O   . TYR A 1 74  ? -0.864  4.838   -2.252  1.00 32.15 ? 407 TYR A O   1 
ATOM 569 C CB  . TYR A 1 74  ? -0.695  5.681   0.427   1.00 29.03 ? 407 TYR A CB  1 
ATOM 570 C CG  . TYR A 1 74  ? -0.111  6.370   1.641   1.00 29.01 ? 407 TYR A CG  1 
ATOM 571 C CD1 . TYR A 1 74  ? -0.957  6.689   2.769   1.00 28.54 ? 407 TYR A CD1 1 
ATOM 572 C CD2 . TYR A 1 74  ? 1.228   6.694   1.700   1.00 28.37 ? 407 TYR A CD2 1 
ATOM 573 C CE1 . TYR A 1 74  ? -0.453  7.373   3.840   1.00 28.26 ? 407 TYR A CE1 1 
ATOM 574 C CE2 . TYR A 1 74  ? 1.770   7.365   2.801   1.00 28.23 ? 407 TYR A CE2 1 
ATOM 575 C CZ  . TYR A 1 74  ? 0.910   7.697   3.831   1.00 28.57 ? 407 TYR A CZ  1 
ATOM 576 O OH  . TYR A 1 74  ? 1.501   8.323   4.892   1.00 29.68 ? 407 TYR A OH  1 
ATOM 577 N N   . SER A 1 75  ? -0.921  2.719   -1.245  1.00 30.74 ? 408 SER A N   1 
ATOM 578 C CA  . SER A 1 75  ? -1.757  2.110   -2.330  1.00 29.52 ? 408 SER A CA  1 
ATOM 579 C C   . SER A 1 75  ? -3.007  1.385   -1.712  1.00 30.34 ? 408 SER A C   1 
ATOM 580 O O   . SER A 1 75  ? -3.121  0.815   -0.562  1.00 30.77 ? 408 SER A O   1 
ATOM 581 C CB  . SER A 1 75  ? -0.946  1.416   -3.342  1.00 27.74 ? 408 SER A CB  1 
ATOM 582 O OG  . SER A 1 75  ? -1.980  0.956   -4.219  1.00 26.99 ? 408 SER A OG  1 
ATOM 583 N N   . ARG A 1 76  ? -4.120  1.436   -2.509  1.00 29.95 ? 409 ARG A N   1 
ATOM 584 C CA  . ARG A 1 76  ? -5.386  0.900   -2.014  1.00 29.94 ? 409 ARG A CA  1 
ATOM 585 C C   . ARG A 1 76  ? -6.088  -0.168  -2.830  1.00 30.51 ? 409 ARG A C   1 
ATOM 586 O O   . ARG A 1 76  ? -5.716  -0.548  -3.944  1.00 30.25 ? 409 ARG A O   1 
ATOM 587 C CB  . ARG A 1 76  ? -6.387  1.999   -1.635  1.00 29.23 ? 409 ARG A CB  1 
ATOM 588 C CG  . ARG A 1 76  ? -6.500  2.430   -0.203  1.00 28.52 ? 409 ARG A CG  1 
ATOM 589 C CD  . ARG A 1 76  ? -7.163  3.797   -0.098  1.00 28.21 ? 409 ARG A CD  1 
ATOM 590 N NE  . ARG A 1 76  ? -8.071  3.911   -1.135  1.00 28.52 ? 409 ARG A NE  1 
ATOM 591 C CZ  . ARG A 1 76  ? -8.471  4.608   -2.158  1.00 28.96 ? 409 ARG A CZ  1 
ATOM 592 N NH1 . ARG A 1 76  ? -7.953  5.750   -2.595  1.00 27.73 ? 409 ARG A NH1 1 
ATOM 593 N NH2 . ARG A 1 76  ? -9.558  4.038   -2.862  1.00 30.06 ? 409 ARG A NH2 1 
ATOM 594 N N   . LEU A 1 77  ? -7.005  -0.821  -2.088  1.00 31.42 ? 410 LEU A N   1 
ATOM 595 C CA  . LEU A 1 77  ? -7.882  -1.858  -2.535  1.00 31.31 ? 410 LEU A CA  1 
ATOM 596 C C   . LEU A 1 77  ? -9.304  -1.875  -1.865  1.00 31.24 ? 410 LEU A C   1 
ATOM 597 O O   . LEU A 1 77  ? -9.580  -1.686  -0.676  1.00 31.32 ? 410 LEU A O   1 
ATOM 598 C CB  . LEU A 1 77  ? -7.265  -3.219  -2.539  1.00 31.72 ? 410 LEU A CB  1 
ATOM 599 C CG  . LEU A 1 77  ? -7.817  -4.580  -2.706  1.00 32.00 ? 410 LEU A CG  1 
ATOM 600 C CD1 . LEU A 1 77  ? -8.622  -4.816  -3.997  1.00 32.20 ? 410 LEU A CD1 1 
ATOM 601 C CD2 . LEU A 1 77  ? -6.701  -5.635  -2.698  1.00 31.61 ? 410 LEU A CD2 1 
ATOM 602 N N   . LYS A 1 78  ? -10.164 -2.133  -2.932  1.00 30.28 ? 411 LYS A N   1 
ATOM 603 C CA  . LYS A 1 78  ? -11.615 -2.329  -2.650  1.00 28.73 ? 411 LYS A CA  1 
ATOM 604 C C   . LYS A 1 78  ? -12.034 -3.488  -3.602  1.00 29.65 ? 411 LYS A C   1 
ATOM 605 O O   . LYS A 1 78  ? -11.264 -3.888  -4.503  1.00 29.28 ? 411 LYS A O   1 
ATOM 606 C CB  . LYS A 1 78  ? -12.487 -1.142  -2.666  1.00 26.60 ? 411 LYS A CB  1 
ATOM 607 C CG  . LYS A 1 78  ? -13.969 -1.220  -3.003  1.00 24.20 ? 411 LYS A CG  1 
ATOM 608 C CD  . LYS A 1 78  ? -14.959 -1.831  -2.136  1.00 21.54 ? 411 LYS A CD  1 
ATOM 609 C CE  . LYS A 1 78  ? -15.487 -1.199  -0.971  1.00 20.82 ? 411 LYS A CE  1 
ATOM 610 N NZ  . LYS A 1 78  ? -16.753 -0.456  -1.162  1.00 20.94 ? 411 LYS A NZ  1 
ATOM 611 N N   . VAL A 1 79  ? -13.192 -4.031  -3.417  1.00 30.76 ? 412 VAL A N   1 
ATOM 612 C CA  . VAL A 1 79  ? -13.939 -5.109  -4.058  1.00 31.84 ? 412 VAL A CA  1 
ATOM 613 C C   . VAL A 1 79  ? -15.322 -4.587  -4.502  1.00 33.27 ? 412 VAL A C   1 
ATOM 614 O O   . VAL A 1 79  ? -15.948 -4.827  -5.574  1.00 33.07 ? 412 VAL A O   1 
ATOM 615 C CB  . VAL A 1 79  ? -13.967 -6.193  -3.002  1.00 31.97 ? 412 VAL A CB  1 
ATOM 616 C CG1 . VAL A 1 79  ? -12.684 -6.057  -2.138  1.00 32.54 ? 412 VAL A CG1 1 
ATOM 617 C CG2 . VAL A 1 79  ? -15.158 -6.181  -2.065  1.00 32.05 ? 412 VAL A CG2 1 
ATOM 618 N N   . ASP A 1 80  ? -15.858 -3.782  -3.587  1.00 34.57 ? 413 ASP A N   1 
ATOM 619 C CA  . ASP A 1 80  ? -17.032 -2.975  -3.512  1.00 35.01 ? 413 ASP A CA  1 
ATOM 620 C C   . ASP A 1 80  ? -17.921 -3.062  -2.268  1.00 35.87 ? 413 ASP A C   1 
ATOM 621 O O   . ASP A 1 80  ? -18.388 -1.957  -1.763  1.00 35.91 ? 413 ASP A O   1 
ATOM 622 C CB  . ASP A 1 80  ? -17.901 -2.889  -4.809  1.00 33.81 ? 413 ASP A CB  1 
ATOM 623 C CG  . ASP A 1 80  ? -17.513 -1.588  -5.608  1.00 32.79 ? 413 ASP A CG  1 
ATOM 624 O OD1 . ASP A 1 80  ? -17.909 -0.437  -5.324  1.00 31.16 ? 413 ASP A OD1 1 
ATOM 625 O OD2 . ASP A 1 80  ? -16.754 -1.857  -6.584  1.00 32.34 ? 413 ASP A OD2 1 
ATOM 626 N N   . THR A 1 81  ? -18.194 -4.238  -1.810  1.00 36.70 ? 414 THR A N   1 
ATOM 627 C CA  . THR A 1 81  ? -19.056 -4.555  -0.678  1.00 36.91 ? 414 THR A CA  1 
ATOM 628 C C   . THR A 1 81  ? -19.914 -5.804  -1.021  1.00 37.14 ? 414 THR A C   1 
ATOM 629 O O   . THR A 1 81  ? -20.312 -6.098  -2.129  1.00 35.51 ? 414 THR A O   1 
ATOM 630 C CB  . THR A 1 81  ? -19.969 -3.355  -0.242  1.00 37.06 ? 414 THR A CB  1 
ATOM 631 O OG1 . THR A 1 81  ? -20.533 -2.694  -1.435  1.00 37.16 ? 414 THR A OG1 1 
ATOM 632 C CG2 . THR A 1 81  ? -19.287 -2.307  0.660   1.00 36.97 ? 414 THR A CG2 1 
ATOM 633 N N   . ASP A 1 82  ? -20.208 -6.572  -0.032  1.00 38.82 ? 415 ASP A N   1 
ATOM 634 C CA  . ASP A 1 82  ? -20.823 -7.730  0.496   1.00 38.97 ? 415 ASP A CA  1 
ATOM 635 C C   . ASP A 1 82  ? -20.201 -8.940  -0.247  1.00 38.55 ? 415 ASP A C   1 
ATOM 636 O O   . ASP A 1 82  ? -21.014 -9.738  -0.679  1.00 38.73 ? 415 ASP A O   1 
ATOM 637 C CB  . ASP A 1 82  ? -22.343 -7.914  0.625   1.00 39.16 ? 415 ASP A CB  1 
ATOM 638 C CG  . ASP A 1 82  ? -22.931 -8.963  1.572   1.00 39.97 ? 415 ASP A CG  1 
ATOM 639 O OD1 . ASP A 1 82  ? -23.450 -8.704  2.750   1.00 39.70 ? 415 ASP A OD1 1 
ATOM 640 O OD2 . ASP A 1 82  ? -23.014 -10.212 1.216   1.00 39.55 ? 415 ASP A OD2 1 
ATOM 641 N N   . ALA A 1 83  ? -18.925 -8.912  -0.331  1.00 38.81 ? 416 ALA A N   1 
ATOM 642 C CA  . ALA A 1 83  ? -18.238 -10.070 -1.051  1.00 40.60 ? 416 ALA A CA  1 
ATOM 643 C C   . ALA A 1 83  ? -16.735 -9.868  -0.700  1.00 41.31 ? 416 ALA A C   1 
ATOM 644 O O   . ALA A 1 83  ? -15.830 -9.425  -1.416  1.00 40.40 ? 416 ALA A O   1 
ATOM 645 C CB  . ALA A 1 83  ? -18.595 -10.167 -2.494  1.00 40.39 ? 416 ALA A CB  1 
ATOM 646 N N   . TRP A 1 84  ? -16.607 -10.264 0.603   1.00 42.19 ? 417 TRP A N   1 
ATOM 647 C CA  . TRP A 1 84  ? -15.322 -10.116 1.283   1.00 42.68 ? 417 TRP A CA  1 
ATOM 648 C C   . TRP A 1 84  ? -14.607 -11.399 1.598   1.00 43.47 ? 417 TRP A C   1 
ATOM 649 O O   . TRP A 1 84  ? -13.629 -11.836 0.892   1.00 44.10 ? 417 TRP A O   1 
ATOM 650 C CB  . TRP A 1 84  ? -15.543 -9.253  2.525   1.00 41.77 ? 417 TRP A CB  1 
ATOM 651 C CG  . TRP A 1 84  ? -14.512 -8.995  3.497   1.00 41.81 ? 417 TRP A CG  1 
ATOM 652 C CD1 . TRP A 1 84  ? -14.524 -7.982  4.434   1.00 42.12 ? 417 TRP A CD1 1 
ATOM 653 C CD2 . TRP A 1 84  ? -13.314 -9.721  3.759   1.00 42.33 ? 417 TRP A CD2 1 
ATOM 654 N NE1 . TRP A 1 84  ? -13.390 -8.049  5.258   1.00 42.32 ? 417 TRP A NE1 1 
ATOM 655 C CE2 . TRP A 1 84  ? -12.634 -9.102  4.846   1.00 42.31 ? 417 TRP A CE2 1 
ATOM 656 C CE3 . TRP A 1 84  ? -12.737 -10.847 3.185   1.00 42.97 ? 417 TRP A CE3 1 
ATOM 657 C CZ2 . TRP A 1 84  ? -11.424 -9.567  5.320   1.00 42.38 ? 417 TRP A CZ2 1 
ATOM 658 C CZ3 . TRP A 1 84  ? -11.525 -11.325 3.669   1.00 43.39 ? 417 TRP A CZ3 1 
ATOM 659 C CH2 . TRP A 1 84  ? -10.878 -10.679 4.728   1.00 42.85 ? 417 TRP A CH2 1 
ATOM 660 N N   . ASN A 1 85  ? -15.122 -12.119 2.581   1.00 43.50 ? 418 ASN A N   1 
ATOM 661 C CA  . ASN A 1 85  ? -14.408 -13.309 3.072   1.00 42.86 ? 418 ASN A CA  1 
ATOM 662 C C   . ASN A 1 85  ? -13.610 -14.082 2.120   1.00 43.69 ? 418 ASN A C   1 
ATOM 663 O O   . ASN A 1 85  ? -12.454 -13.356 1.892   1.00 41.99 ? 418 ASN A O   1 
ATOM 664 C CB  . ASN A 1 85  ? -15.697 -14.136 3.478   1.00 41.68 ? 418 ASN A CB  1 
ATOM 665 C CG  . ASN A 1 85  ? -15.766 -15.236 4.425   1.00 40.47 ? 418 ASN A CG  1 
ATOM 666 O OD1 . ASN A 1 85  ? -16.490 -16.259 4.401   1.00 38.69 ? 418 ASN A OD1 1 
ATOM 667 N ND2 . ASN A 1 85  ? -14.982 -15.075 5.493   1.00 41.08 ? 418 ASN A ND2 1 
ATOM 668 N N   . ASN A 1 86  ? -13.606 -14.978 1.302   1.00 44.96 ? 419 ASN A N   1 
ATOM 669 C CA  . ASN A 1 86  ? -13.156 -15.821 0.352   1.00 46.35 ? 419 ASN A CA  1 
ATOM 670 C C   . ASN A 1 86  ? -12.953 -15.320 -1.063  1.00 48.27 ? 419 ASN A C   1 
ATOM 671 O O   . ASN A 1 86  ? -12.284 -15.917 -1.920  1.00 48.66 ? 419 ASN A O   1 
ATOM 672 C CB  . ASN A 1 86  ? -13.754 -17.243 0.489   1.00 45.75 ? 419 ASN A CB  1 
ATOM 673 C CG  . ASN A 1 86  ? -12.554 -18.100 -0.015  1.00 45.39 ? 419 ASN A CG  1 
ATOM 674 O OD1 . ASN A 1 86  ? -12.246 -17.846 -1.187  1.00 44.95 ? 419 ASN A OD1 1 
ATOM 675 N ND2 . ASN A 1 86  ? -11.972 -18.937 0.798   1.00 45.43 ? 419 ASN A ND2 1 
ATOM 676 N N   . GLY A 1 87  ? -13.734 -14.289 -1.294  1.00 49.97 ? 420 GLY A N   1 
ATOM 677 C CA  . GLY A 1 87  ? -13.768 -13.532 -2.557  1.00 51.36 ? 420 GLY A CA  1 
ATOM 678 C C   . GLY A 1 87  ? -12.352 -12.984 -2.851  1.00 52.03 ? 420 GLY A C   1 
ATOM 679 O O   . GLY A 1 87  ? -11.982 -12.881 -4.033  1.00 52.10 ? 420 GLY A O   1 
ATOM 680 N N   . GLU A 1 88  ? -11.663 -12.605 -1.765  1.00 52.40 ? 421 GLU A N   1 
ATOM 681 C CA  . GLU A 1 88  ? -10.319 -12.048 -2.036  1.00 53.37 ? 421 GLU A CA  1 
ATOM 682 C C   . GLU A 1 88  ? -9.445  -12.044 -0.811  1.00 53.58 ? 421 GLU A C   1 
ATOM 683 O O   . GLU A 1 88  ? -8.302  -11.507 -0.872  1.00 54.11 ? 421 GLU A O   1 
ATOM 684 C CB  . GLU A 1 88  ? -10.431 -10.710 -2.753  1.00 53.80 ? 421 GLU A CB  1 
ATOM 685 C CG  . GLU A 1 88  ? -10.330 -10.565 -4.254  1.00 54.20 ? 421 GLU A CG  1 
ATOM 686 C CD  . GLU A 1 88  ? -9.137  -11.211 -4.930  1.00 54.28 ? 421 GLU A CD  1 
ATOM 687 O OE1 . GLU A 1 88  ? -9.228  -12.304 -5.482  1.00 54.38 ? 421 GLU A OE1 1 
ATOM 688 O OE2 . GLU A 1 88  ? -8.092  -10.534 -4.854  1.00 53.94 ? 421 GLU A OE2 1 
ATOM 689 N N   . SER A 1 89  ? -9.926  -12.652 0.259   1.00 53.30 ? 422 SER A N   1 
ATOM 690 C CA  . SER A 1 89  ? -8.977  -12.716 1.488   1.00 52.68 ? 422 SER A CA  1 
ATOM 691 C C   . SER A 1 89  ? -7.674  -12.403 0.797   1.00 51.58 ? 422 SER A C   1 
ATOM 692 O O   . SER A 1 89  ? -7.071  -13.427 0.294   1.00 51.57 ? 422 SER A O   1 
ATOM 693 C CB  . SER A 1 89  ? -9.177  -14.140 2.002   1.00 53.31 ? 422 SER A CB  1 
ATOM 694 O OG  . SER A 1 89  ? -10.390 -14.451 2.734   1.00 53.11 ? 422 SER A OG  1 
ATOM 695 N N   . PHE A 1 90  ? -6.986  -11.378 0.744   1.00 50.35 ? 423 PHE A N   1 
ATOM 696 C CA  . PHE A 1 90  ? -6.141  -10.423 0.275   1.00 49.50 ? 423 PHE A CA  1 
ATOM 697 C C   . PHE A 1 90  ? -4.756  -10.047 0.790   1.00 48.62 ? 423 PHE A C   1 
ATOM 698 O O   . PHE A 1 90  ? -4.352  -10.112 1.962   1.00 47.73 ? 423 PHE A O   1 
ATOM 699 C CB  . PHE A 1 90  ? -6.957  -9.005  0.337   1.00 50.37 ? 423 PHE A CB  1 
ATOM 700 C CG  . PHE A 1 90  ? -8.448  -9.078  0.461   1.00 50.58 ? 423 PHE A CG  1 
ATOM 701 C CD1 . PHE A 1 90  ? -9.051  -9.013  1.721   1.00 50.67 ? 423 PHE A CD1 1 
ATOM 702 C CD2 . PHE A 1 90  ? -9.294  -9.189  -0.623  1.00 50.63 ? 423 PHE A CD2 1 
ATOM 703 C CE1 . PHE A 1 90  ? -10.402 -9.069  1.905   1.00 50.32 ? 423 PHE A CE1 1 
ATOM 704 C CE2 . PHE A 1 90  ? -10.693 -9.249  -0.455  1.00 50.66 ? 423 PHE A CE2 1 
ATOM 705 C CZ  . PHE A 1 90  ? -11.245 -9.174  0.816   1.00 50.27 ? 423 PHE A CZ  1 
ATOM 706 N N   . THR A 1 91  ? -3.938  -9.615  -0.231  1.00 47.73 ? 424 THR A N   1 
ATOM 707 C CA  . THR A 1 91  ? -2.528  -9.212  -0.146  1.00 45.96 ? 424 THR A CA  1 
ATOM 708 C C   . THR A 1 91  ? -1.760  -8.084  -0.754  1.00 45.18 ? 424 THR A C   1 
ATOM 709 O O   . THR A 1 91  ? -1.961  -7.653  -1.927  1.00 44.77 ? 424 THR A O   1 
ATOM 710 C CB  . THR A 1 91  ? -1.845  -10.627 -0.652  1.00 45.43 ? 424 THR A CB  1 
ATOM 711 O OG1 . THR A 1 91  ? -1.254  -10.886 0.650   1.00 45.09 ? 424 THR A OG1 1 
ATOM 712 C CG2 . THR A 1 91  ? -1.036  -10.544 -1.898  1.00 44.92 ? 424 THR A CG2 1 
ATOM 713 N N   . CYS A 1 92  ? -0.716  -7.526  -0.025  1.00 44.25 ? 425 CYS A N   1 
ATOM 714 C CA  . CYS A 1 92  ? 0.049   -6.382  -0.543  1.00 43.50 ? 425 CYS A CA  1 
ATOM 715 C C   . CYS A 1 92  ? 1.541   -6.581  -0.700  1.00 42.81 ? 425 CYS A C   1 
ATOM 716 O O   . CYS A 1 92  ? 2.192   -6.898  0.344   1.00 43.40 ? 425 CYS A O   1 
ATOM 717 C CB  . CYS A 1 92  ? 0.057   -5.155  0.499   1.00 43.74 ? 425 CYS A CB  1 
ATOM 718 S SG  . CYS A 1 92  ? 0.684   -3.609  -0.243  1.00 43.96 ? 425 CYS A SG  1 
ATOM 719 N N   . SER A 1 93  ? 1.974   -6.219  -1.949  1.00 40.90 ? 426 SER A N   1 
ATOM 720 C CA  . SER A 1 93  ? 3.401   -6.327  -2.280  1.00 38.17 ? 426 SER A CA  1 
ATOM 721 C C   . SER A 1 93  ? 4.074   -5.028  -2.762  1.00 37.30 ? 426 SER A C   1 
ATOM 722 O O   . SER A 1 93  ? 3.604   -4.079  -3.441  1.00 36.54 ? 426 SER A O   1 
ATOM 723 C CB  . SER A 1 93  ? 3.624   -7.390  -3.321  1.00 37.27 ? 426 SER A CB  1 
ATOM 724 O OG  . SER A 1 93  ? 4.833   -7.179  -4.023  1.00 36.34 ? 426 SER A OG  1 
ATOM 725 N N   . VAL A 1 94  ? 5.359   -5.056  -2.240  1.00 36.76 ? 427 VAL A N   1 
ATOM 726 C CA  . VAL A 1 94  ? 6.255   -3.956  -2.543  1.00 35.68 ? 427 VAL A CA  1 
ATOM 727 C C   . VAL A 1 94  ? 7.661   -4.444  -3.035  1.00 35.34 ? 427 VAL A C   1 
ATOM 728 O O   . VAL A 1 94  ? 8.272   -5.331  -2.511  1.00 35.66 ? 427 VAL A O   1 
ATOM 729 C CB  . VAL A 1 94  ? 6.778   -2.998  -1.468  1.00 35.42 ? 427 VAL A CB  1 
ATOM 730 C CG1 . VAL A 1 94  ? 8.222   -3.411  -1.114  1.00 35.06 ? 427 VAL A CG1 1 
ATOM 731 C CG2 . VAL A 1 94  ? 6.886   -1.540  -1.863  1.00 35.26 ? 427 VAL A CG2 1 
ATOM 732 N N   . MET A 1 95  ? 8.011   -3.677  -4.035  1.00 34.88 ? 428 MET A N   1 
ATOM 733 C CA  . MET A 1 95  ? 9.412   -3.901  -4.560  1.00 34.46 ? 428 MET A CA  1 
ATOM 734 C C   . MET A 1 95  ? 9.700   -2.436  -5.010  1.00 35.43 ? 428 MET A C   1 
ATOM 735 O O   . MET A 1 95  ? 9.030   -1.735  -5.782  1.00 35.51 ? 428 MET A O   1 
ATOM 736 C CB  . MET A 1 95  ? 9.577   -5.100  -5.256  1.00 32.97 ? 428 MET A CB  1 
ATOM 737 C CG  . MET A 1 95  ? 10.311  -5.191  -6.480  1.00 32.89 ? 428 MET A CG  1 
ATOM 738 S SD  . MET A 1 95  ? 12.047  -4.696  -6.425  1.00 32.57 ? 428 MET A SD  1 
ATOM 739 C CE  . MET A 1 95  ? 12.612  -5.761  -7.794  1.00 31.65 ? 428 MET A CE  1 
ATOM 740 N N   . HIS A 1 96  ? 10.829  -2.083  -4.362  1.00 36.27 ? 429 HIS A N   1 
ATOM 741 C CA  . HIS A 1 96  ? 11.305  -0.673  -4.608  1.00 35.00 ? 429 HIS A CA  1 
ATOM 742 C C   . HIS A 1 96  ? 12.749  -0.886  -4.997  1.00 35.74 ? 429 HIS A C   1 
ATOM 743 O O   . HIS A 1 96  ? 13.564  -1.312  -4.149  1.00 36.43 ? 429 HIS A O   1 
ATOM 744 C CB  . HIS A 1 96  ? 11.066  -0.008  -3.269  1.00 33.48 ? 429 HIS A CB  1 
ATOM 745 C CG  . HIS A 1 96  ? 11.944  1.125   -2.910  1.00 32.28 ? 429 HIS A CG  1 
ATOM 746 N ND1 . HIS A 1 96  ? 13.240  0.991   -2.567  1.00 31.82 ? 429 HIS A ND1 1 
ATOM 747 C CD2 . HIS A 1 96  ? 11.714  2.455   -2.859  1.00 31.59 ? 429 HIS A CD2 1 
ATOM 748 C CE1 . HIS A 1 96  ? 13.759  2.205   -2.311  1.00 31.63 ? 429 HIS A CE1 1 
ATOM 749 N NE2 . HIS A 1 96  ? 12.823  3.102   -2.517  1.00 31.24 ? 429 HIS A NE2 1 
ATOM 750 N N   . GLU A 1 97  ? 12.902  -0.548  -6.294  1.00 36.40 ? 430 GLU A N   1 
ATOM 751 C CA  . GLU A 1 97  ? 14.278  -0.718  -6.859  1.00 38.52 ? 430 GLU A CA  1 
ATOM 752 C C   . GLU A 1 97  ? 14.938  0.637   -6.592  1.00 40.19 ? 430 GLU A C   1 
ATOM 753 O O   . GLU A 1 97  ? 14.223  1.609   -6.194  1.00 40.88 ? 430 GLU A O   1 
ATOM 754 C CB  . GLU A 1 97  ? 14.434  -1.192  -8.256  1.00 37.79 ? 430 GLU A CB  1 
ATOM 755 C CG  . GLU A 1 97  ? 14.746  -0.208  -9.424  1.00 36.98 ? 430 GLU A CG  1 
ATOM 756 C CD  . GLU A 1 97  ? 13.483  0.447   -9.910  1.00 36.59 ? 430 GLU A CD  1 
ATOM 757 O OE1 . GLU A 1 97  ? 12.951  1.425   -9.450  1.00 36.09 ? 430 GLU A OE1 1 
ATOM 758 O OE2 . GLU A 1 97  ? 13.023  -0.230  -10.848 1.00 36.65 ? 430 GLU A OE2 1 
ATOM 759 N N   . ALA A 1 98  ? 16.228  0.670   -6.814  1.00 41.45 ? 431 ALA A N   1 
ATOM 760 C CA  . ALA A 1 98  ? 16.995  1.953   -6.521  1.00 42.12 ? 431 ALA A CA  1 
ATOM 761 C C   . ALA A 1 98  ? 18.072  1.290   -5.600  1.00 42.03 ? 431 ALA A C   1 
ATOM 762 O O   . ALA A 1 98  ? 19.166  1.652   -5.297  1.00 41.32 ? 431 ALA A O   1 
ATOM 763 C CB  . ALA A 1 98  ? 16.179  2.931   -5.757  1.00 42.43 ? 431 ALA A CB  1 
ATOM 764 N N   . LEU A 1 99  ? 17.462  0.135   -5.243  1.00 42.16 ? 432 LEU A N   1 
ATOM 765 C CA  . LEU A 1 99  ? 18.137  -0.862  -4.420  1.00 42.66 ? 432 LEU A CA  1 
ATOM 766 C C   . LEU A 1 99  ? 17.019  -1.684  -3.766  1.00 42.99 ? 432 LEU A C   1 
ATOM 767 O O   . LEU A 1 99  ? 16.299  -1.309  -2.848  1.00 43.40 ? 432 LEU A O   1 
ATOM 768 C CB  . LEU A 1 99  ? 19.248  -0.292  -3.623  1.00 42.43 ? 432 LEU A CB  1 
ATOM 769 C CG  . LEU A 1 99  ? 20.639  -0.474  -4.276  1.00 41.56 ? 432 LEU A CG  1 
ATOM 770 C CD1 . LEU A 1 99  ? 21.637  -0.418  -3.085  1.00 41.53 ? 432 LEU A CD1 1 
ATOM 771 C CD2 . LEU A 1 99  ? 20.576  -1.733  -5.064  1.00 40.22 ? 432 LEU A CD2 1 
ATOM 772 N N   . PRO A 1 100 ? 16.967  -2.861  -4.379  1.00 42.87 ? 433 PRO A N   1 
ATOM 773 C CA  . PRO A 1 100 ? 16.044  -3.878  -4.107  1.00 42.31 ? 433 PRO A CA  1 
ATOM 774 C C   . PRO A 1 100 ? 15.611  -4.294  -2.742  1.00 41.95 ? 433 PRO A C   1 
ATOM 775 O O   . PRO A 1 100 ? 16.510  -4.915  -2.050  1.00 42.09 ? 433 PRO A O   1 
ATOM 776 C CB  . PRO A 1 100 ? 16.720  -5.221  -4.677  1.00 42.41 ? 433 PRO A CB  1 
ATOM 777 C CG  . PRO A 1 100 ? 18.011  -4.795  -5.232  1.00 42.58 ? 433 PRO A CG  1 
ATOM 778 C CD  . PRO A 1 100 ? 17.862  -3.290  -5.516  1.00 42.85 ? 433 PRO A CD  1 
ATOM 779 N N   . ASN A 1 101 ? 14.286  -4.034  -2.561  1.00 40.46 ? 434 ASN A N   1 
ATOM 780 C CA  . ASN A 1 101 ? 13.848  -4.668  -1.210  1.00 40.13 ? 434 ASN A CA  1 
ATOM 781 C C   . ASN A 1 101 ? 12.518  -5.299  -1.703  1.00 39.65 ? 434 ASN A C   1 
ATOM 782 O O   . ASN A 1 101 ? 11.761  -4.397  -2.163  1.00 39.06 ? 434 ASN A O   1 
ATOM 783 C CB  . ASN A 1 101 ? 13.685  -3.727  -0.079  1.00 39.94 ? 434 ASN A CB  1 
ATOM 784 C CG  . ASN A 1 101 ? 12.133  -3.496  0.075   1.00 39.30 ? 434 ASN A CG  1 
ATOM 785 O OD1 . ASN A 1 101 ? 11.665  -2.460  -0.375  1.00 38.40 ? 434 ASN A OD1 1 
ATOM 786 N ND2 . ASN A 1 101 ? 11.543  -4.568  0.625   1.00 38.95 ? 434 ASN A ND2 1 
ATOM 787 N N   . HIS A 1 102 ? 12.354  -6.592  -1.514  1.00 39.55 ? 435 HIS A N   1 
ATOM 788 C CA  . HIS A 1 102 ? 11.044  -7.197  -2.003  1.00 39.55 ? 435 HIS A CA  1 
ATOM 789 C C   . HIS A 1 102 ? 10.434  -7.906  -0.751  1.00 40.10 ? 435 HIS A C   1 
ATOM 790 O O   . HIS A 1 102 ? 10.785  -9.021  -0.285  1.00 40.31 ? 435 HIS A O   1 
ATOM 791 C CB  . HIS A 1 102 ? 11.084  -8.234  -3.103  1.00 37.97 ? 435 HIS A CB  1 
ATOM 792 C CG  . HIS A 1 102 ? 10.284  -8.382  -4.327  1.00 36.78 ? 435 HIS A CG  1 
ATOM 793 N ND1 . HIS A 1 102 ? 10.775  -9.092  -5.441  1.00 36.52 ? 435 HIS A ND1 1 
ATOM 794 C CD2 . HIS A 1 102 ? 9.111   -8.006  -4.812  1.00 36.66 ? 435 HIS A CD2 1 
ATOM 795 C CE1 . HIS A 1 102 ? 9.974   -9.130  -6.466  1.00 35.50 ? 435 HIS A CE1 1 
ATOM 796 N NE2 . HIS A 1 102 ? 8.951   -8.482  -6.142  1.00 35.74 ? 435 HIS A NE2 1 
ATOM 797 N N   . VAL A 1 103 ? 9.317   -7.240  -0.404  1.00 39.99 ? 436 VAL A N   1 
ATOM 798 C CA  . VAL A 1 103 ? 8.494   -7.444  0.707   1.00 39.58 ? 436 VAL A CA  1 
ATOM 799 C C   . VAL A 1 103 ? 6.996   -7.766  0.401   1.00 39.35 ? 436 VAL A C   1 
ATOM 800 O O   . VAL A 1 103 ? 6.292   -7.340  -0.513  1.00 38.87 ? 436 VAL A O   1 
ATOM 801 C CB  . VAL A 1 103 ? 8.334   -6.219  1.708   1.00 39.19 ? 436 VAL A CB  1 
ATOM 802 C CG1 . VAL A 1 103 ? 9.540   -5.688  2.379   1.00 39.18 ? 436 VAL A CG1 1 
ATOM 803 C CG2 . VAL A 1 103 ? 7.528   -5.131  1.005   1.00 38.57 ? 436 VAL A CG2 1 
ATOM 804 N N   . ILE A 1 104 ? 6.637   -8.619  1.401   1.00 38.97 ? 437 ILE A N   1 
ATOM 805 C CA  . ILE A 1 104 ? 5.263   -9.045  1.435   1.00 39.08 ? 437 ILE A CA  1 
ATOM 806 C C   . ILE A 1 104 ? 4.734   -9.134  2.843   1.00 38.62 ? 437 ILE A C   1 
ATOM 807 O O   . ILE A 1 104 ? 5.416   -9.676  3.671   1.00 37.48 ? 437 ILE A O   1 
ATOM 808 C CB  . ILE A 1 104 ? 5.055   -10.269 0.476   1.00 39.53 ? 437 ILE A CB  1 
ATOM 809 C CG1 . ILE A 1 104 ? 6.317   -11.107 0.261   1.00 39.27 ? 437 ILE A CG1 1 
ATOM 810 C CG2 . ILE A 1 104 ? 4.353   -9.626  -0.815  1.00 38.94 ? 437 ILE A CG2 1 
ATOM 811 C CD1 . ILE A 1 104 ? 6.278   -12.186 -0.907  1.00 38.50 ? 437 ILE A CD1 1 
ATOM 812 N N   . GLN A 1 105 ? 3.544   -8.534  2.951   1.00 39.80 ? 438 GLN A N   1 
ATOM 813 C CA  . GLN A 1 105 ? 2.786   -8.562  4.260   1.00 40.05 ? 438 GLN A CA  1 
ATOM 814 C C   . GLN A 1 105 ? 1.299   -8.657  3.890   1.00 40.09 ? 438 GLN A C   1 
ATOM 815 O O   . GLN A 1 105 ? 0.956   -8.046  2.818   1.00 42.16 ? 438 GLN A O   1 
ATOM 816 C CB  . GLN A 1 105 ? 3.145   -7.610  5.343   1.00 39.99 ? 438 GLN A CB  1 
ATOM 817 C CG  . GLN A 1 105 ? 1.896   -7.351  6.218   1.00 39.82 ? 438 GLN A CG  1 
ATOM 818 C CD  . GLN A 1 105 ? 1.221   -6.156  5.515   1.00 39.84 ? 438 GLN A CD  1 
ATOM 819 O OE1 . GLN A 1 105 ? 0.124   -6.210  4.984   1.00 39.56 ? 438 GLN A OE1 1 
ATOM 820 N NE2 . GLN A 1 105 ? 2.086   -5.144  5.590   1.00 39.93 ? 438 GLN A NE2 1 
ATOM 821 N N   . LYS A 1 106 ? 0.521   -9.425  4.634   1.00 39.01 ? 439 LYS A N   1 
ATOM 822 C CA  . LYS A 1 106 ? -0.886  -9.631  4.237   1.00 39.06 ? 439 LYS A CA  1 
ATOM 823 C C   . LYS A 1 106 ? -1.992  -9.810  5.247   1.00 39.13 ? 439 LYS A C   1 
ATOM 824 O O   . LYS A 1 106 ? -1.721  -9.983  6.463   1.00 38.87 ? 439 LYS A O   1 
ATOM 825 C CB  . LYS A 1 106 ? -0.961  -10.741 3.163   1.00 38.73 ? 439 LYS A CB  1 
ATOM 826 C CG  . LYS A 1 106 ? -0.565  -12.140 3.668   1.00 38.79 ? 439 LYS A CG  1 
ATOM 827 C CD  . LYS A 1 106 ? 0.694   -12.628 3.035   1.00 38.85 ? 439 LYS A CD  1 
ATOM 828 C CE  . LYS A 1 106 ? 0.598   -13.492 1.807   1.00 38.34 ? 439 LYS A CE  1 
ATOM 829 N NZ  . LYS A 1 106 ? 2.028   -13.884 1.476   1.00 37.82 ? 439 LYS A NZ  1 
ATOM 830 N N   . SER A 1 107 ? -3.280  -9.631  4.779   1.00 39.14 ? 440 SER A N   1 
ATOM 831 C CA  . SER A 1 107 ? -4.439  -9.881  5.640   1.00 37.02 ? 440 SER A CA  1 
ATOM 832 C C   . SER A 1 107 ? -5.467  -8.796  5.800   1.00 35.99 ? 440 SER A C   1 
ATOM 833 O O   . SER A 1 107 ? -5.613  -7.800  5.110   1.00 35.67 ? 440 SER A O   1 
ATOM 834 C CB  . SER A 1 107 ? -3.943  -10.460 6.969   1.00 37.61 ? 440 SER A CB  1 
ATOM 835 O OG  . SER A 1 107 ? -4.699  -11.471 7.610   1.00 37.47 ? 440 SER A OG  1 
ATOM 836 N N   . ILE A 1 108 ? -6.301  -9.043  6.823   1.00 34.89 ? 441 ILE A N   1 
ATOM 837 C CA  . ILE A 1 108 ? -7.466  -8.246  7.298   1.00 32.60 ? 441 ILE A CA  1 
ATOM 838 C C   . ILE A 1 108 ? -8.052  -9.009  8.461   1.00 31.91 ? 441 ILE A C   1 
ATOM 839 O O   . ILE A 1 108 ? -7.653  -10.200 8.633   1.00 31.13 ? 441 ILE A O   1 
ATOM 840 C CB  . ILE A 1 108 ? -8.244  -7.913  5.953   1.00 31.51 ? 441 ILE A CB  1 
ATOM 841 C CG1 . ILE A 1 108 ? -9.542  -7.182  6.129   1.00 31.46 ? 441 ILE A CG1 1 
ATOM 842 C CG2 . ILE A 1 108 ? -8.405  -9.181  5.083   1.00 30.85 ? 441 ILE A CG2 1 
ATOM 843 C CD1 . ILE A 1 108 ? -10.376 -6.629  4.957   1.00 31.16 ? 441 ILE A CD1 1 
ATOM 844 N N   . SER A 1 109 ? -8.892  -8.448  9.309   1.00 31.96 ? 442 SER A N   1 
ATOM 845 C CA  . SER A 1 109 ? -9.548  -9.104  10.461  1.00 32.25 ? 442 SER A CA  1 
ATOM 846 C C   . SER A 1 109 ? -11.080 -8.843  10.439  1.00 32.88 ? 442 SER A C   1 
ATOM 847 O O   . SER A 1 109 ? -11.847 -9.675  9.955   1.00 31.99 ? 442 SER A O   1 
ATOM 848 C CB  . SER A 1 109 ? -9.095  -8.698  11.858  1.00 31.31 ? 442 SER A CB  1 
ATOM 849 O OG  . SER A 1 109 ? -7.812  -8.077  11.759  1.00 30.31 ? 442 SER A OG  1 
ATOM 850 N N   . ARG A 1 110 ? -11.385 -7.644  10.980  1.00 33.81 ? 443 ARG A N   1 
ATOM 851 C CA  . ARG A 1 110 ? -12.783 -7.115  11.061  1.00 33.97 ? 443 ARG A CA  1 
ATOM 852 C C   . ARG A 1 110 ? -13.523 -6.867  9.759   1.00 34.15 ? 443 ARG A C   1 
ATOM 853 O O   . ARG A 1 110 ? -13.658 -7.800  8.981   1.00 33.46 ? 443 ARG A O   1 
ATOM 854 C CB  . ARG A 1 110 ? -12.798 -5.826  11.889  1.00 33.21 ? 443 ARG A CB  1 
ATOM 855 C CG  . ARG A 1 110 ? -11.942 -4.673  11.579  1.00 32.29 ? 443 ARG A CG  1 
ATOM 856 C CD  . ARG A 1 110 ? -11.696 -3.812  12.863  1.00 31.31 ? 443 ARG A CD  1 
ATOM 857 N NE  . ARG A 1 110 ? -10.244 -3.545  12.831  1.00 30.05 ? 443 ARG A NE  1 
ATOM 858 C CZ  . ARG A 1 110 ? -9.605  -2.766  13.674  1.00 28.59 ? 443 ARG A CZ  1 
ATOM 859 N NH1 . ARG A 1 110 ? -10.445 -2.172  14.460  1.00 27.79 ? 443 ARG A NH1 1 
ATOM 860 N NH2 . ARG A 1 110 ? -8.286  -2.716  13.582  1.00 27.61 ? 443 ARG A NH2 1 
ATOM 861 N N   . SER A 1 111 ? -14.019 -5.644  9.547   1.00 35.15 ? 444 SER A N   1 
ATOM 862 C CA  . SER A 1 111 ? -14.724 -5.268  8.290   1.00 36.31 ? 444 SER A CA  1 
ATOM 863 C C   . SER A 1 111 ? -16.063 -4.557  8.364   1.00 36.92 ? 444 SER A C   1 
ATOM 864 O O   . SER A 1 111 ? -16.444 -3.952  9.385   1.00 36.31 ? 444 SER A O   1 
ATOM 865 C CB  . SER A 1 111 ? -14.739 -6.455  7.332   1.00 36.31 ? 444 SER A CB  1 
ATOM 866 O OG  . SER A 1 111 ? -14.642 -7.754  7.678   1.00 35.92 ? 444 SER A OG  1 
ATOM 867 N N   . PRO A 1 112 ? -16.804 -4.573  7.226   1.00 38.00 ? 445 PRO A N   1 
ATOM 868 C CA  . PRO A 1 112 ? -18.141 -3.992  7.068   1.00 38.68 ? 445 PRO A CA  1 
ATOM 869 C C   . PRO A 1 112 ? -19.049 -4.320  8.254   1.00 39.89 ? 445 PRO A C   1 
ATOM 870 O O   . PRO A 1 112 ? -20.209 -3.823  8.435   1.00 40.39 ? 445 PRO A O   1 
ATOM 871 C CB  . PRO A 1 112 ? -18.696 -4.569  5.773   1.00 38.04 ? 445 PRO A CB  1 
ATOM 872 C CG  . PRO A 1 112 ? -17.414 -4.674  4.959   1.00 38.25 ? 445 PRO A CG  1 
ATOM 873 C CD  . PRO A 1 112 ? -16.400 -5.244  5.955   1.00 38.02 ? 445 PRO A CD  1 
ATOM 874 N N   . GLY A 1 113 ? -18.453 -5.197  9.054   1.00 40.48 ? 446 GLY A N   1 
ATOM 875 C CA  . GLY A 1 113 ? -19.047 -5.694  10.376  1.00 39.80 ? 446 GLY A CA  1 
ATOM 876 C C   . GLY A 1 113 ? -17.663 -5.764  11.105  1.00 39.12 ? 446 GLY A C   1 
ATOM 877 O O   . GLY A 1 113 ? -16.902 -6.125  10.108  1.00 39.28 ? 446 GLY A O   1 
ATOM 878 O OXT . GLY A 1 113 ? -17.359 -5.524  12.238  1.00 38.44 ? 446 GLY A OXT 1 
# 
